data_5FRP
#
_entry.id   5FRP
#
_cell.length_a   147.234
_cell.length_b   62.562
_cell.length_c   155.941
_cell.angle_alpha   90.00
_cell.angle_beta   103.91
_cell.angle_gamma   90.00
#
_symmetry.space_group_name_H-M   'P 1 21 1'
#
loop_
_entity.id
_entity.type
_entity.pdbx_description
1 polymer 'SISTER CHROMATID COHESION PROTEIN PDS5'
2 polymer 'MCD1-LIKE PROTEIN'
#
loop_
_entity_poly.entity_id
_entity_poly.type
_entity_poly.pdbx_seq_one_letter_code
_entity_poly.pdbx_strand_id
1 'polypeptide(L)'
;GAMAKGAVTKLKFNSPIISTSDQLISTNELLDRLKALHEELASLDQDNTDLTGLDKYRDALVSRKLLKHKDVGIRAFTAC
CLSDILRLYAPDAPYTDAQLTDIFKLVLSQFEQLGDQENGYHIQQTYLITKLLEYRSIVLLADLPSSNNLLIELFHIFYD
PNKSFPARLFNVIGGILGEVISEFDSVPLEVLRLIFNKFLTYNPNEIPEGLNVTSDCGYEVSLILCDTYSNRMSRHLTKY
YSEIIHEATNDDNNSRLLTVVVKLHKLVLRLWETVPELINAVIGFIYHELSSENELFRKEATKLIGQILTSYSDLNFVST
HSDTFKAWISKIADISPDVRVEWTESIPQIIATREDISKELNQALAKTFIDSDPRVRRTSVMIFNKVPVTEIWKNITNKA
IYTSLLHLAREKHKEVRELCINTMAKFYSNSLNEIERTYQNKEIWEIIDTIPSTLYNLYYINDLNINEQVDSVIFEYLLP
FEPDNDKRVHRLLTVLSHFDKKAFTSFFAFNARQIKISFAISKYIDFSKFLNNQESMSSSQGPIVMNKYNQTLQWLASGL
SDSTKAIDALETIKQFNDERIFYLLNACVTNDIPFLTFKNCYNELVSKLQTPGLFKKYNISTGASIMPRDIAKVIQILLF
RASPIIYNVSNISVLLNLSNNSDAKQLDLKRRILDDISKVNPTLFKDQIRTLKTIIKDLDDPD
;
A,B
2 'polypeptide(L)' RLNTVTRVHQLMLEDAVTEREVLVTPGLEFLDDTTIPVGLMAQE C,D
#
# COMPACT_ATOMS: atom_id res chain seq x y z
N LYS A 5 -44.20 -56.47 8.60
CA LYS A 5 -43.49 -57.73 8.44
C LYS A 5 -43.67 -58.27 7.03
N GLY A 6 -44.90 -58.24 6.53
CA GLY A 6 -45.23 -58.72 5.20
C GLY A 6 -45.12 -57.65 4.13
N ALA A 7 -44.34 -57.91 3.08
CA ALA A 7 -44.15 -56.93 2.02
C ALA A 7 -44.08 -57.60 0.64
N VAL A 8 -44.13 -56.78 -0.41
CA VAL A 8 -44.16 -57.28 -1.77
C VAL A 8 -42.75 -57.52 -2.29
N THR A 9 -41.81 -56.67 -1.88
CA THR A 9 -40.41 -56.84 -2.26
C THR A 9 -39.69 -57.60 -1.16
N LYS A 10 -38.61 -58.31 -1.51
CA LYS A 10 -37.92 -59.15 -0.54
C LYS A 10 -36.45 -59.32 -0.89
N LEU A 11 -35.61 -59.41 0.13
CA LEU A 11 -34.18 -59.60 -0.05
C LEU A 11 -33.89 -60.97 -0.66
N LYS A 12 -33.30 -60.98 -1.85
CA LYS A 12 -33.03 -62.22 -2.58
C LYS A 12 -31.59 -62.69 -2.39
N PHE A 13 -30.82 -61.95 -1.59
CA PHE A 13 -29.44 -62.32 -1.30
C PHE A 13 -29.35 -63.14 -0.02
N ASN A 14 -28.71 -64.30 -0.09
CA ASN A 14 -28.52 -65.13 1.09
C ASN A 14 -27.21 -65.90 1.00
N SER A 15 -26.10 -65.17 0.91
CA SER A 15 -24.77 -65.78 0.94
C SER A 15 -24.02 -65.29 2.18
N PRO A 16 -23.19 -66.17 2.78
CA PRO A 16 -22.52 -65.76 4.02
C PRO A 16 -21.52 -64.62 3.79
N ILE A 17 -21.22 -63.88 4.85
CA ILE A 17 -20.37 -62.70 4.74
C ILE A 17 -19.26 -62.74 5.80
N ILE A 18 -19.34 -63.71 6.72
CA ILE A 18 -18.34 -63.82 7.77
C ILE A 18 -17.52 -65.09 7.56
N SER A 19 -16.20 -64.94 7.55
CA SER A 19 -15.28 -66.06 7.35
C SER A 19 -14.83 -66.64 8.70
N THR A 20 -15.24 -67.87 8.96
CA THR A 20 -14.84 -68.57 10.17
C THR A 20 -13.84 -69.66 9.85
N SER A 21 -13.24 -70.25 10.89
CA SER A 21 -12.28 -71.33 10.69
C SER A 21 -12.94 -72.52 10.01
N ASP A 22 -14.17 -72.80 10.41
CA ASP A 22 -14.91 -73.94 9.87
C ASP A 22 -15.23 -73.67 8.40
N GLN A 23 -15.85 -72.52 8.13
CA GLN A 23 -16.16 -72.11 6.76
C GLN A 23 -15.47 -70.78 6.44
N LEU A 24 -14.62 -70.79 5.43
CA LEU A 24 -13.83 -69.60 5.08
C LEU A 24 -14.30 -68.99 3.76
N ILE A 25 -14.26 -67.67 3.67
CA ILE A 25 -14.60 -66.96 2.45
C ILE A 25 -13.35 -66.22 1.96
N SER A 26 -12.95 -66.48 0.72
CA SER A 26 -11.84 -65.76 0.10
C SER A 26 -12.14 -64.26 0.01
N THR A 27 -11.10 -63.45 -0.03
CA THR A 27 -11.25 -62.01 -0.11
C THR A 27 -12.05 -61.61 -1.35
N ASN A 28 -11.73 -62.22 -2.49
CA ASN A 28 -12.43 -61.90 -3.73
C ASN A 28 -13.90 -62.30 -3.69
N GLU A 29 -14.17 -63.51 -3.22
CA GLU A 29 -15.54 -63.98 -3.07
C GLU A 29 -16.33 -63.04 -2.17
N LEU A 30 -15.72 -62.67 -1.05
CA LEU A 30 -16.36 -61.76 -0.10
C LEU A 30 -16.60 -60.40 -0.74
N LEU A 31 -15.61 -59.92 -1.48
CA LEU A 31 -15.74 -58.66 -2.21
C LEU A 31 -16.97 -58.73 -3.12
N ASP A 32 -17.00 -59.73 -4.00
CA ASP A 32 -18.11 -59.90 -4.94
C ASP A 32 -19.44 -60.00 -4.21
N ARG A 33 -19.48 -60.79 -3.15
CA ARG A 33 -20.70 -60.98 -2.39
C ARG A 33 -21.18 -59.66 -1.81
N LEU A 34 -20.27 -58.94 -1.16
CA LEU A 34 -20.60 -57.63 -0.60
C LEU A 34 -21.02 -56.65 -1.68
N LYS A 35 -20.42 -56.76 -2.86
CA LYS A 35 -20.87 -55.96 -4.00
C LYS A 35 -22.33 -56.25 -4.28
N ALA A 36 -22.64 -57.53 -4.47
CA ALA A 36 -24.01 -57.95 -4.72
C ALA A 36 -24.96 -57.42 -3.64
N LEU A 37 -24.62 -57.71 -2.39
CA LEU A 37 -25.44 -57.30 -1.26
C LEU A 37 -25.64 -55.78 -1.26
N HIS A 38 -24.57 -55.06 -1.55
CA HIS A 38 -24.62 -53.59 -1.63
C HIS A 38 -25.60 -53.16 -2.69
N GLU A 39 -25.38 -53.64 -3.92
CA GLU A 39 -26.24 -53.30 -5.05
C GLU A 39 -27.71 -53.62 -4.73
N GLU A 40 -27.94 -54.77 -4.11
CA GLU A 40 -29.31 -55.18 -3.79
C GLU A 40 -29.93 -54.29 -2.73
N LEU A 41 -29.23 -54.07 -1.64
CA LEU A 41 -29.76 -53.24 -0.58
C LEU A 41 -30.09 -51.87 -1.08
N ALA A 42 -29.30 -51.39 -2.00
CA ALA A 42 -29.50 -50.04 -2.51
C ALA A 42 -30.83 -49.90 -3.15
N SER A 43 -31.21 -50.93 -3.89
CA SER A 43 -32.46 -50.94 -4.62
C SER A 43 -33.68 -51.01 -3.76
N LEU A 44 -33.54 -51.55 -2.56
CA LEU A 44 -34.68 -51.74 -1.71
C LEU A 44 -35.48 -50.50 -1.42
N ASP A 45 -36.79 -50.70 -1.38
CA ASP A 45 -37.73 -49.64 -1.09
C ASP A 45 -37.99 -49.71 0.38
N GLN A 46 -37.90 -48.56 1.02
CA GLN A 46 -38.01 -48.45 2.46
C GLN A 46 -39.31 -48.92 3.06
N ASP A 47 -40.42 -48.49 2.49
CA ASP A 47 -41.72 -48.86 3.04
C ASP A 47 -42.18 -50.25 2.60
N ASN A 48 -42.06 -50.53 1.30
CA ASN A 48 -42.49 -51.83 0.79
C ASN A 48 -41.31 -52.81 0.75
N THR A 49 -41.01 -53.42 1.89
CA THR A 49 -39.93 -54.39 2.00
C THR A 49 -40.07 -55.21 3.27
N ASP A 50 -39.80 -56.50 3.17
CA ASP A 50 -39.97 -57.42 4.29
C ASP A 50 -39.26 -56.93 5.54
N LEU A 51 -37.94 -56.82 5.44
CA LEU A 51 -37.10 -56.25 6.50
C LEU A 51 -36.85 -57.27 7.62
N THR A 52 -37.63 -58.34 7.66
CA THR A 52 -37.44 -59.36 8.69
C THR A 52 -36.28 -60.28 8.32
N GLY A 53 -36.25 -60.72 7.07
CA GLY A 53 -35.16 -61.54 6.56
C GLY A 53 -33.98 -60.69 6.19
N LEU A 54 -33.54 -59.84 7.12
CA LEU A 54 -32.46 -58.91 6.87
C LEU A 54 -31.65 -58.67 8.16
N ASP A 55 -32.22 -59.01 9.30
CA ASP A 55 -31.50 -58.93 10.57
C ASP A 55 -30.20 -59.73 10.49
N LYS A 56 -30.24 -60.83 9.76
CA LYS A 56 -29.06 -61.68 9.57
C LYS A 56 -27.86 -60.85 9.16
N TYR A 57 -28.06 -59.89 8.26
CA TYR A 57 -26.98 -59.07 7.75
C TYR A 57 -26.80 -57.81 8.58
N ARG A 58 -27.88 -57.34 9.18
CA ARG A 58 -27.80 -56.26 10.16
C ARG A 58 -26.76 -56.63 11.22
N ASP A 59 -26.87 -57.85 11.73
CA ASP A 59 -25.96 -58.34 12.76
C ASP A 59 -24.55 -58.58 12.21
N ALA A 60 -24.47 -58.97 10.94
CA ALA A 60 -23.20 -59.38 10.35
C ALA A 60 -22.31 -58.21 9.94
N LEU A 61 -22.92 -57.12 9.48
CA LEU A 61 -22.15 -56.02 8.89
C LEU A 61 -21.49 -55.12 9.93
N VAL A 62 -21.51 -55.52 11.20
CA VAL A 62 -20.85 -54.74 12.25
C VAL A 62 -19.66 -55.48 12.83
N SER A 63 -19.41 -56.71 12.37
CA SER A 63 -18.28 -57.47 12.86
C SER A 63 -16.99 -56.72 12.60
N ARG A 64 -16.20 -56.53 13.66
CA ARG A 64 -14.96 -55.77 13.57
C ARG A 64 -14.05 -56.34 12.49
N LYS A 65 -14.21 -57.63 12.22
CA LYS A 65 -13.41 -58.32 11.20
C LYS A 65 -13.65 -57.70 9.81
N LEU A 66 -14.81 -57.07 9.64
CA LEU A 66 -15.15 -56.40 8.38
C LEU A 66 -14.93 -54.90 8.48
N LEU A 67 -15.27 -54.31 9.62
CA LEU A 67 -15.11 -52.88 9.82
C LEU A 67 -13.65 -52.50 9.59
N LYS A 68 -12.74 -53.23 10.22
CA LYS A 68 -11.30 -52.99 10.03
C LYS A 68 -10.67 -54.09 9.19
N HIS A 69 -11.33 -54.45 8.10
CA HIS A 69 -10.76 -55.42 7.16
C HIS A 69 -9.69 -54.72 6.33
N LYS A 70 -8.67 -55.47 5.91
CA LYS A 70 -7.54 -54.88 5.21
C LYS A 70 -7.97 -54.30 3.87
N ASP A 71 -8.56 -55.13 3.01
CA ASP A 71 -8.95 -54.69 1.68
C ASP A 71 -9.94 -53.54 1.77
N VAL A 72 -9.58 -52.41 1.16
CA VAL A 72 -10.43 -51.22 1.18
C VAL A 72 -11.81 -51.51 0.59
N GLY A 73 -11.86 -52.30 -0.46
CA GLY A 73 -13.12 -52.65 -1.09
C GLY A 73 -14.15 -53.18 -0.11
N ILE A 74 -13.76 -54.20 0.65
CA ILE A 74 -14.64 -54.80 1.66
C ILE A 74 -15.17 -53.69 2.55
N ARG A 75 -14.29 -52.81 3.01
CA ARG A 75 -14.68 -51.74 3.92
C ARG A 75 -15.67 -50.78 3.26
N ALA A 76 -15.39 -50.38 2.02
CA ALA A 76 -16.26 -49.46 1.30
C ALA A 76 -17.65 -50.07 1.09
N PHE A 77 -17.69 -51.30 0.59
CA PHE A 77 -18.96 -51.97 0.36
C PHE A 77 -19.69 -52.15 1.68
N THR A 78 -18.98 -52.55 2.72
CA THR A 78 -19.56 -52.66 4.05
C THR A 78 -20.17 -51.32 4.45
N ALA A 79 -19.44 -50.24 4.19
CA ALA A 79 -19.90 -48.89 4.50
C ALA A 79 -21.23 -48.62 3.81
N CYS A 80 -21.25 -48.81 2.49
CA CYS A 80 -22.47 -48.61 1.72
C CYS A 80 -23.63 -49.44 2.27
N CYS A 81 -23.38 -50.74 2.44
CA CYS A 81 -24.39 -51.63 3.00
C CYS A 81 -24.96 -51.07 4.30
N LEU A 82 -24.08 -50.71 5.19
CA LEU A 82 -24.50 -50.16 6.44
C LEU A 82 -25.21 -48.86 6.25
N SER A 83 -24.84 -48.13 5.22
CA SER A 83 -25.49 -46.87 4.96
C SER A 83 -26.92 -47.18 4.66
N ASP A 84 -27.13 -48.20 3.87
CA ASP A 84 -28.46 -48.61 3.52
C ASP A 84 -29.22 -49.22 4.67
N ILE A 85 -28.55 -49.98 5.51
CA ILE A 85 -29.22 -50.60 6.62
C ILE A 85 -29.78 -49.52 7.48
N LEU A 86 -29.02 -48.49 7.71
CA LEU A 86 -29.46 -47.41 8.57
C LEU A 86 -30.68 -46.78 8.00
N ARG A 87 -30.68 -46.62 6.69
CA ARG A 87 -31.79 -46.00 5.97
C ARG A 87 -33.08 -46.82 6.04
N LEU A 88 -32.95 -48.14 5.90
CA LEU A 88 -34.12 -48.99 5.93
C LEU A 88 -34.74 -49.17 7.28
N TYR A 89 -33.92 -49.44 8.27
CA TYR A 89 -34.44 -49.64 9.61
C TYR A 89 -35.01 -48.41 10.22
N ALA A 90 -34.36 -47.27 10.01
CA ALA A 90 -34.81 -45.99 10.57
C ALA A 90 -36.26 -45.89 10.30
N PRO A 91 -37.10 -45.21 11.18
CA PRO A 91 -36.47 -44.48 12.28
C PRO A 91 -36.24 -45.32 13.53
N ASP A 92 -36.13 -46.64 13.36
CA ASP A 92 -35.96 -47.54 14.49
C ASP A 92 -34.55 -47.47 15.08
N ALA A 93 -33.56 -47.13 14.24
CA ALA A 93 -32.19 -47.02 14.71
C ALA A 93 -31.77 -48.36 15.31
N PRO A 94 -31.52 -49.34 14.43
CA PRO A 94 -31.29 -50.73 14.85
C PRO A 94 -30.03 -50.96 15.68
N TYR A 95 -28.94 -50.27 15.33
CA TYR A 95 -27.67 -50.47 16.00
C TYR A 95 -27.63 -49.77 17.36
N THR A 96 -26.69 -50.17 18.21
CA THR A 96 -26.49 -49.51 19.50
C THR A 96 -25.49 -48.38 19.32
N ASP A 97 -25.51 -47.41 20.23
CA ASP A 97 -24.61 -46.26 20.16
C ASP A 97 -23.15 -46.66 19.93
N ALA A 98 -22.69 -47.71 20.61
CA ALA A 98 -21.32 -48.18 20.43
C ALA A 98 -21.10 -48.61 18.98
N GLN A 99 -21.88 -49.60 18.55
CA GLN A 99 -21.86 -50.06 17.18
C GLN A 99 -21.95 -48.88 16.22
N LEU A 100 -22.79 -47.91 16.56
CA LEU A 100 -23.04 -46.77 15.69
C LEU A 100 -21.80 -45.89 15.58
N THR A 101 -21.11 -45.68 16.70
CA THR A 101 -19.81 -45.00 16.67
C THR A 101 -18.85 -45.78 15.78
N ASP A 102 -18.75 -47.08 16.04
CA ASP A 102 -17.86 -47.95 15.26
C ASP A 102 -18.14 -47.83 13.76
N ILE A 103 -19.42 -47.76 13.38
CA ILE A 103 -19.81 -47.57 12.00
C ILE A 103 -19.39 -46.17 11.54
N PHE A 104 -19.68 -45.18 12.36
CA PHE A 104 -19.48 -43.80 11.95
C PHE A 104 -18.01 -43.40 11.92
N LYS A 105 -17.14 -44.14 12.60
CA LYS A 105 -15.72 -43.93 12.40
C LYS A 105 -15.29 -44.51 11.05
N LEU A 106 -15.92 -45.61 10.67
CA LEU A 106 -15.66 -46.23 9.38
C LEU A 106 -16.09 -45.28 8.27
N VAL A 107 -17.28 -44.71 8.39
CA VAL A 107 -17.74 -43.78 7.37
C VAL A 107 -16.75 -42.62 7.25
N LEU A 108 -16.29 -42.10 8.39
CA LEU A 108 -15.29 -41.04 8.37
C LEU A 108 -14.03 -41.48 7.63
N SER A 109 -13.55 -42.69 7.93
CA SER A 109 -12.44 -43.24 7.16
C SER A 109 -12.73 -43.17 5.66
N GLN A 110 -13.89 -43.67 5.25
CA GLN A 110 -14.27 -43.65 3.84
C GLN A 110 -14.23 -42.22 3.28
N PHE A 111 -14.81 -41.27 4.01
CA PHE A 111 -14.72 -39.86 3.62
C PHE A 111 -13.27 -39.45 3.48
N GLU A 112 -12.43 -39.92 4.40
CA GLU A 112 -11.01 -39.59 4.39
C GLU A 112 -10.36 -40.07 3.10
N GLN A 113 -10.60 -41.33 2.75
CA GLN A 113 -10.01 -41.90 1.53
C GLN A 113 -10.57 -41.23 0.27
N LEU A 114 -11.76 -40.64 0.39
CA LEU A 114 -12.42 -40.01 -0.75
C LEU A 114 -11.60 -38.84 -1.29
N GLY A 115 -10.86 -38.18 -0.40
CA GLY A 115 -10.02 -37.06 -0.80
C GLY A 115 -8.63 -37.51 -1.23
N ASP A 116 -8.31 -38.75 -0.93
CA ASP A 116 -7.05 -39.35 -1.33
C ASP A 116 -7.10 -39.78 -2.79
N GLN A 117 -5.98 -40.25 -3.31
CA GLN A 117 -5.93 -40.78 -4.67
C GLN A 117 -6.88 -41.98 -4.76
N GLU A 118 -7.42 -42.22 -5.95
CA GLU A 118 -8.43 -43.26 -6.13
C GLU A 118 -7.96 -44.63 -5.64
N ASN A 119 -8.79 -45.26 -4.81
CA ASN A 119 -8.56 -46.63 -4.36
C ASN A 119 -9.37 -47.61 -5.19
N GLY A 120 -9.82 -47.15 -6.35
CA GLY A 120 -10.69 -47.92 -7.21
C GLY A 120 -12.12 -48.01 -6.71
N TYR A 121 -12.35 -47.54 -5.49
CA TYR A 121 -13.68 -47.56 -4.89
C TYR A 121 -14.19 -46.15 -4.57
N HIS A 122 -13.82 -45.19 -5.39
CA HIS A 122 -14.28 -43.83 -5.19
C HIS A 122 -15.78 -43.75 -5.39
N ILE A 123 -16.27 -44.51 -6.35
CA ILE A 123 -17.68 -44.51 -6.70
C ILE A 123 -18.50 -44.93 -5.48
N GLN A 124 -18.08 -46.03 -4.84
CA GLN A 124 -18.78 -46.55 -3.67
C GLN A 124 -18.85 -45.50 -2.57
N GLN A 125 -17.78 -44.74 -2.41
CA GLN A 125 -17.68 -43.73 -1.38
C GLN A 125 -18.52 -42.51 -1.75
N THR A 126 -18.58 -42.21 -3.04
CA THR A 126 -19.48 -41.16 -3.53
C THR A 126 -20.92 -41.56 -3.19
N TYR A 127 -21.25 -42.82 -3.44
CA TYR A 127 -22.56 -43.33 -3.10
C TYR A 127 -22.75 -43.17 -1.63
N LEU A 128 -21.79 -43.62 -0.89
CA LEU A 128 -21.84 -43.52 0.56
C LEU A 128 -22.22 -42.11 1.01
N ILE A 129 -21.40 -41.12 0.66
CA ILE A 129 -21.63 -39.76 1.13
C ILE A 129 -22.96 -39.21 0.62
N THR A 130 -23.26 -39.44 -0.66
CA THR A 130 -24.48 -38.89 -1.24
C THR A 130 -25.72 -39.47 -0.56
N LYS A 131 -25.78 -40.79 -0.47
CA LYS A 131 -26.94 -41.46 0.09
C LYS A 131 -27.04 -41.23 1.60
N LEU A 132 -25.90 -41.09 2.27
CA LEU A 132 -25.91 -40.74 3.69
C LEU A 132 -26.55 -39.37 3.93
N LEU A 133 -26.54 -38.53 2.90
CA LEU A 133 -27.12 -37.20 3.00
C LEU A 133 -28.57 -37.21 2.54
N GLU A 134 -28.81 -37.80 1.38
CA GLU A 134 -30.15 -37.87 0.81
C GLU A 134 -31.13 -38.42 1.84
N TYR A 135 -30.78 -39.55 2.42
CA TYR A 135 -31.61 -40.18 3.41
C TYR A 135 -31.36 -39.67 4.80
N ARG A 136 -30.53 -38.68 4.92
CA ARG A 136 -30.28 -38.02 6.21
C ARG A 136 -29.93 -38.99 7.32
N SER A 137 -29.27 -40.08 7.00
CA SER A 137 -28.88 -41.00 8.04
C SER A 137 -27.68 -40.45 8.76
N ILE A 138 -26.94 -39.58 8.11
CA ILE A 138 -25.71 -39.02 8.66
C ILE A 138 -25.92 -38.44 10.06
N VAL A 139 -27.06 -37.78 10.27
CA VAL A 139 -27.25 -37.01 11.50
C VAL A 139 -27.30 -37.91 12.74
N LEU A 140 -27.48 -39.21 12.53
CA LEU A 140 -27.40 -40.17 13.63
C LEU A 140 -26.08 -39.98 14.37
N LEU A 141 -25.06 -39.57 13.63
CA LEU A 141 -23.73 -39.31 14.17
C LEU A 141 -23.80 -38.33 15.34
N ALA A 142 -24.79 -37.45 15.32
CA ALA A 142 -24.86 -36.35 16.28
C ALA A 142 -25.40 -36.76 17.64
N ASP A 143 -26.12 -37.88 17.70
CA ASP A 143 -26.78 -38.30 18.93
C ASP A 143 -25.95 -39.36 19.65
N LEU A 144 -24.62 -39.24 19.56
CA LEU A 144 -23.72 -40.18 20.20
C LEU A 144 -22.93 -39.53 21.32
N PRO A 145 -22.46 -40.32 22.30
CA PRO A 145 -21.71 -39.74 23.41
C PRO A 145 -20.36 -39.18 22.98
N SER A 146 -19.92 -39.55 21.77
CA SER A 146 -18.66 -39.07 21.22
C SER A 146 -18.89 -38.09 20.07
N SER A 147 -20.09 -37.53 20.01
CA SER A 147 -20.51 -36.72 18.86
C SER A 147 -19.58 -35.53 18.59
N ASN A 148 -19.15 -34.85 19.66
CA ASN A 148 -18.27 -33.68 19.50
C ASN A 148 -17.00 -34.07 18.75
N ASN A 149 -16.32 -35.10 19.26
CA ASN A 149 -15.10 -35.58 18.64
C ASN A 149 -15.35 -35.99 17.19
N LEU A 150 -16.41 -36.75 16.96
CA LEU A 150 -16.76 -37.20 15.62
C LEU A 150 -17.05 -35.99 14.71
N LEU A 151 -17.60 -34.93 15.30
CA LEU A 151 -17.86 -33.70 14.57
C LEU A 151 -16.54 -33.07 14.16
N ILE A 152 -15.66 -32.86 15.13
CA ILE A 152 -14.35 -32.28 14.87
C ILE A 152 -13.65 -33.08 13.76
N GLU A 153 -13.61 -34.40 13.93
CA GLU A 153 -12.95 -35.26 12.95
C GLU A 153 -13.60 -35.09 11.58
N LEU A 154 -14.92 -35.20 11.54
CA LEU A 154 -15.68 -35.04 10.31
C LEU A 154 -15.29 -33.74 9.60
N PHE A 155 -15.21 -32.65 10.37
CA PHE A 155 -14.86 -31.36 9.80
C PHE A 155 -13.40 -31.29 9.34
N HIS A 156 -12.49 -31.82 10.15
CA HIS A 156 -11.07 -31.82 9.80
C HIS A 156 -10.84 -32.58 8.50
N ILE A 157 -11.59 -33.67 8.32
CA ILE A 157 -11.48 -34.46 7.11
C ILE A 157 -11.56 -33.57 5.87
N PHE A 158 -12.65 -32.82 5.73
CA PHE A 158 -12.90 -32.08 4.49
C PHE A 158 -12.12 -30.77 4.41
N TYR A 159 -11.88 -30.13 5.54
CA TYR A 159 -11.08 -28.92 5.58
C TYR A 159 -9.58 -29.23 5.49
N ASP A 160 -9.22 -30.51 5.49
CA ASP A 160 -7.82 -30.87 5.41
C ASP A 160 -7.29 -30.35 4.08
N PRO A 161 -6.14 -29.70 4.12
CA PRO A 161 -5.47 -29.19 2.92
C PRO A 161 -4.89 -30.29 2.03
N ASN A 162 -4.46 -31.38 2.66
CA ASN A 162 -3.76 -32.47 1.98
C ASN A 162 -4.71 -33.34 1.14
N LYS A 163 -6.00 -33.06 1.24
CA LYS A 163 -7.01 -33.83 0.52
C LYS A 163 -7.48 -33.06 -0.71
N SER A 164 -7.80 -33.78 -1.77
CA SER A 164 -8.27 -33.16 -3.01
C SER A 164 -9.64 -33.72 -3.40
N PHE A 165 -10.70 -33.12 -2.86
CA PHE A 165 -12.05 -33.53 -3.20
C PHE A 165 -12.50 -32.89 -4.51
N PRO A 166 -13.17 -33.66 -5.38
CA PRO A 166 -13.70 -33.06 -6.60
C PRO A 166 -14.78 -32.02 -6.31
N ALA A 167 -14.93 -31.05 -7.20
CA ALA A 167 -15.86 -29.95 -6.99
C ALA A 167 -17.30 -30.42 -6.92
N ARG A 168 -17.62 -31.49 -7.64
CA ARG A 168 -18.99 -31.98 -7.74
C ARG A 168 -19.61 -32.25 -6.37
N LEU A 169 -18.77 -32.61 -5.40
CA LEU A 169 -19.24 -33.04 -4.09
C LEU A 169 -19.42 -31.89 -3.11
N PHE A 170 -18.92 -30.71 -3.46
CA PHE A 170 -18.90 -29.58 -2.53
C PHE A 170 -20.29 -29.30 -1.98
N ASN A 171 -21.30 -29.31 -2.87
CA ASN A 171 -22.67 -29.12 -2.44
C ASN A 171 -23.10 -30.21 -1.47
N VAL A 172 -22.55 -31.41 -1.64
CA VAL A 172 -22.88 -32.53 -0.77
C VAL A 172 -22.17 -32.39 0.55
N ILE A 173 -20.88 -32.04 0.51
CA ILE A 173 -20.08 -31.88 1.72
C ILE A 173 -20.68 -30.78 2.59
N GLY A 174 -21.10 -29.70 1.94
CA GLY A 174 -21.80 -28.62 2.63
C GLY A 174 -23.11 -29.10 3.18
N GLY A 175 -23.69 -30.13 2.57
CA GLY A 175 -24.90 -30.75 3.07
C GLY A 175 -24.61 -31.56 4.33
N ILE A 176 -23.67 -32.49 4.22
CA ILE A 176 -23.25 -33.33 5.33
C ILE A 176 -22.96 -32.45 6.53
N LEU A 177 -21.99 -31.56 6.38
CA LEU A 177 -21.58 -30.71 7.48
C LEU A 177 -22.72 -29.80 7.93
N GLY A 178 -23.61 -29.47 6.99
CA GLY A 178 -24.77 -28.67 7.31
C GLY A 178 -25.71 -29.37 8.27
N GLU A 179 -26.17 -30.55 7.88
CA GLU A 179 -27.11 -31.31 8.69
C GLU A 179 -26.48 -31.73 10.01
N VAL A 180 -25.28 -32.29 9.96
CA VAL A 180 -24.66 -32.82 11.17
C VAL A 180 -24.50 -31.72 12.22
N ILE A 181 -24.25 -30.50 11.79
CA ILE A 181 -24.03 -29.41 12.73
C ILE A 181 -25.35 -28.76 13.14
N SER A 182 -26.37 -28.91 12.31
CA SER A 182 -27.68 -28.35 12.62
C SER A 182 -28.32 -29.07 13.81
N GLU A 183 -27.73 -30.18 14.22
CA GLU A 183 -28.22 -30.95 15.35
C GLU A 183 -27.50 -30.55 16.64
N PHE A 184 -26.48 -29.71 16.51
CA PHE A 184 -25.65 -29.32 17.65
C PHE A 184 -26.09 -27.99 18.24
N ASP A 185 -26.05 -27.89 19.56
CA ASP A 185 -26.35 -26.63 20.26
C ASP A 185 -25.06 -25.88 20.58
N SER A 186 -24.11 -26.59 21.19
CA SER A 186 -22.79 -26.02 21.47
C SER A 186 -21.72 -26.72 20.62
N VAL A 187 -21.31 -26.07 19.54
CA VAL A 187 -20.30 -26.63 18.65
C VAL A 187 -18.91 -26.30 19.20
N PRO A 188 -18.02 -27.30 19.27
CA PRO A 188 -16.64 -27.06 19.73
C PRO A 188 -15.94 -25.93 18.98
N LEU A 189 -15.29 -25.05 19.74
CA LEU A 189 -14.57 -23.91 19.19
C LEU A 189 -13.70 -24.33 18.01
N GLU A 190 -13.06 -25.48 18.15
CA GLU A 190 -12.17 -26.03 17.12
C GLU A 190 -12.81 -25.99 15.73
N VAL A 191 -14.01 -26.56 15.64
CA VAL A 191 -14.73 -26.65 14.37
C VAL A 191 -14.95 -25.26 13.81
N LEU A 192 -15.26 -24.32 14.69
CA LEU A 192 -15.61 -22.97 14.28
C LEU A 192 -14.36 -22.22 13.80
N ARG A 193 -13.24 -22.44 14.48
CA ARG A 193 -11.97 -21.93 13.99
C ARG A 193 -11.75 -22.45 12.58
N LEU A 194 -11.96 -23.76 12.42
CA LEU A 194 -11.83 -24.40 11.13
C LEU A 194 -12.72 -23.74 10.06
N ILE A 195 -14.01 -23.62 10.35
CA ILE A 195 -14.96 -23.08 9.39
C ILE A 195 -14.61 -21.64 9.04
N PHE A 196 -14.34 -20.84 10.05
CA PHE A 196 -14.22 -19.39 9.86
C PHE A 196 -12.85 -18.92 9.34
N ASN A 197 -11.77 -19.56 9.77
CA ASN A 197 -10.44 -19.16 9.32
C ASN A 197 -10.30 -19.20 7.80
N LYS A 198 -11.09 -20.03 7.14
CA LYS A 198 -11.01 -20.16 5.68
C LYS A 198 -11.32 -18.84 4.98
N PHE A 199 -12.12 -17.99 5.62
CA PHE A 199 -12.37 -16.65 5.10
C PHE A 199 -11.08 -15.83 5.14
N LEU A 200 -10.28 -16.05 6.17
CA LEU A 200 -9.01 -15.36 6.32
C LEU A 200 -7.94 -15.93 5.41
N THR A 201 -7.87 -17.25 5.32
CA THR A 201 -6.73 -17.92 4.69
C THR A 201 -6.91 -18.15 3.20
N TYR A 202 -8.11 -17.87 2.70
CA TYR A 202 -8.38 -17.99 1.27
C TYR A 202 -9.11 -16.76 0.78
N ASN A 203 -8.37 -15.85 0.15
CA ASN A 203 -8.97 -14.67 -0.45
C ASN A 203 -8.88 -14.78 -1.97
N PRO A 204 -10.03 -14.84 -2.65
CA PRO A 204 -9.92 -14.88 -4.12
C PRO A 204 -9.32 -13.58 -4.65
N ASN A 205 -9.26 -13.42 -5.97
CA ASN A 205 -8.82 -12.18 -6.60
C ASN A 205 -7.44 -11.71 -6.13
N GLU A 206 -6.70 -12.54 -5.43
CA GLU A 206 -5.40 -12.12 -4.90
C GLU A 206 -4.31 -12.26 -5.97
N ILE A 207 -4.42 -13.28 -6.80
CA ILE A 207 -3.43 -13.50 -7.86
C ILE A 207 -4.08 -13.21 -9.21
N PRO A 208 -3.61 -12.16 -9.91
CA PRO A 208 -4.13 -12.00 -11.28
C PRO A 208 -3.56 -13.08 -12.19
N GLU A 209 -4.43 -13.86 -12.82
CA GLU A 209 -4.02 -15.01 -13.65
C GLU A 209 -5.05 -15.39 -14.71
N GLY A 210 -4.69 -16.35 -15.57
CA GLY A 210 -5.55 -16.77 -16.66
C GLY A 210 -6.94 -17.35 -16.39
N LEU A 211 -7.14 -18.31 -15.49
CA LEU A 211 -8.52 -18.75 -15.30
C LEU A 211 -8.98 -18.75 -13.85
N ASN A 212 -8.03 -18.85 -12.90
CA ASN A 212 -8.39 -18.88 -11.49
C ASN A 212 -9.38 -20.01 -11.19
N VAL A 213 -9.29 -21.09 -11.97
CA VAL A 213 -10.17 -22.24 -11.87
C VAL A 213 -9.82 -23.08 -10.64
N THR A 214 -8.73 -22.71 -9.97
CA THR A 214 -8.15 -23.53 -8.91
C THR A 214 -9.16 -23.95 -7.85
N SER A 215 -9.87 -23.00 -7.26
CA SER A 215 -10.97 -23.31 -6.35
C SER A 215 -10.51 -23.98 -5.05
N ASP A 216 -11.35 -23.95 -4.03
CA ASP A 216 -11.01 -24.51 -2.72
C ASP A 216 -12.25 -25.10 -2.05
N CYS A 217 -12.14 -26.34 -1.59
CA CYS A 217 -13.26 -27.04 -0.95
C CYS A 217 -13.71 -26.30 0.31
N GLY A 218 -12.80 -26.19 1.28
CA GLY A 218 -13.12 -25.63 2.58
C GLY A 218 -13.84 -24.30 2.53
N TYR A 219 -13.43 -23.46 1.58
CA TYR A 219 -14.02 -22.11 1.46
C TYR A 219 -15.45 -22.21 0.99
N GLU A 220 -15.66 -22.84 -0.17
CA GLU A 220 -17.01 -23.04 -0.69
C GLU A 220 -17.89 -23.72 0.35
N VAL A 221 -17.31 -24.64 1.11
CA VAL A 221 -18.03 -25.30 2.19
C VAL A 221 -18.45 -24.25 3.21
N SER A 222 -17.49 -23.44 3.65
CA SER A 222 -17.76 -22.36 4.60
C SER A 222 -18.88 -21.46 4.08
N LEU A 223 -18.85 -21.14 2.80
CA LEU A 223 -19.88 -20.32 2.19
C LEU A 223 -21.23 -21.01 2.25
N ILE A 224 -21.27 -22.28 1.85
CA ILE A 224 -22.50 -23.06 1.89
C ILE A 224 -23.06 -23.03 3.30
N LEU A 225 -22.20 -23.28 4.28
CA LEU A 225 -22.64 -23.27 5.67
C LEU A 225 -23.13 -21.89 6.09
N CYS A 226 -22.41 -20.85 5.70
CA CYS A 226 -22.75 -19.50 6.11
C CYS A 226 -23.90 -18.90 5.29
N ASP A 227 -24.22 -19.51 4.16
CA ASP A 227 -25.31 -19.03 3.32
C ASP A 227 -26.55 -19.88 3.55
N THR A 228 -26.44 -21.17 3.25
CA THR A 228 -27.59 -22.08 3.31
C THR A 228 -27.98 -22.37 4.76
N TYR A 229 -27.01 -22.36 5.67
CA TYR A 229 -27.28 -22.65 7.08
C TYR A 229 -26.99 -21.44 7.95
N SER A 230 -27.28 -20.25 7.42
CA SER A 230 -27.04 -19.00 8.12
C SER A 230 -27.76 -18.95 9.47
N ASN A 231 -29.04 -19.28 9.46
CA ASN A 231 -29.89 -19.17 10.65
C ASN A 231 -29.32 -19.90 11.86
N ARG A 232 -28.66 -21.03 11.62
CA ARG A 232 -28.08 -21.83 12.69
C ARG A 232 -26.62 -21.49 12.95
N MET A 233 -25.95 -20.91 11.97
CA MET A 233 -24.53 -20.61 12.09
C MET A 233 -24.32 -19.29 12.82
N SER A 234 -25.15 -18.29 12.53
CA SER A 234 -25.06 -16.99 13.21
C SER A 234 -24.91 -17.15 14.73
N ARG A 235 -25.81 -17.94 15.31
CA ARG A 235 -25.78 -18.25 16.74
C ARG A 235 -24.38 -18.66 17.18
N HIS A 236 -23.71 -19.44 16.34
CA HIS A 236 -22.37 -19.92 16.65
C HIS A 236 -21.33 -18.83 16.39
N LEU A 237 -21.49 -18.10 15.30
CA LEU A 237 -20.58 -16.99 14.98
C LEU A 237 -20.46 -16.06 16.18
N THR A 238 -21.60 -15.72 16.77
CA THR A 238 -21.61 -14.92 17.99
C THR A 238 -20.68 -15.55 19.03
N LYS A 239 -20.89 -16.84 19.28
CA LYS A 239 -20.10 -17.59 20.26
C LYS A 239 -18.63 -17.59 19.87
N TYR A 240 -18.35 -17.66 18.57
CA TYR A 240 -16.98 -17.68 18.10
C TYR A 240 -16.31 -16.36 18.46
N TYR A 241 -16.95 -15.26 18.10
CA TYR A 241 -16.42 -13.93 18.44
C TYR A 241 -16.17 -13.83 19.94
N SER A 242 -17.23 -14.01 20.72
CA SER A 242 -17.14 -13.85 22.17
C SER A 242 -16.08 -14.77 22.77
N GLU A 243 -16.06 -16.03 22.34
CA GLU A 243 -15.13 -17.02 22.89
C GLU A 243 -13.68 -16.72 22.52
N ILE A 244 -13.46 -16.32 21.27
CA ILE A 244 -12.12 -15.98 20.81
C ILE A 244 -11.61 -14.78 21.61
N ILE A 245 -12.45 -13.74 21.72
CA ILE A 245 -12.08 -12.57 22.49
C ILE A 245 -11.82 -13.00 23.93
N HIS A 246 -12.69 -13.86 24.45
CA HIS A 246 -12.57 -14.33 25.82
C HIS A 246 -11.25 -15.07 26.02
N GLU A 247 -10.89 -15.88 25.03
CA GLU A 247 -9.66 -16.66 25.07
C GLU A 247 -8.44 -15.75 25.08
N ALA A 248 -8.40 -14.83 24.13
CA ALA A 248 -7.27 -13.90 24.06
C ALA A 248 -7.16 -13.04 25.31
N THR A 249 -8.31 -12.56 25.79
CA THR A 249 -8.35 -11.68 26.95
C THR A 249 -7.66 -12.33 28.14
N ASN A 250 -8.13 -13.50 28.55
CA ASN A 250 -7.61 -14.17 29.73
C ASN A 250 -6.24 -14.80 29.49
N ASP A 251 -5.66 -14.55 28.32
CA ASP A 251 -4.37 -15.12 27.97
C ASP A 251 -3.29 -14.52 28.86
N ASP A 252 -2.30 -15.33 29.20
CA ASP A 252 -1.16 -14.85 29.99
C ASP A 252 -0.46 -13.76 29.18
N ASN A 253 -0.19 -14.06 27.90
CA ASN A 253 0.31 -13.07 26.97
C ASN A 253 -0.68 -11.92 26.86
N ASN A 254 -0.21 -10.72 27.19
CA ASN A 254 -1.07 -9.55 27.28
C ASN A 254 -1.23 -8.78 25.97
N SER A 255 -0.39 -9.08 24.99
CA SER A 255 -0.42 -8.34 23.72
C SER A 255 -1.14 -9.07 22.60
N ARG A 256 -1.86 -10.14 22.94
CA ARG A 256 -2.59 -10.95 21.96
C ARG A 256 -3.96 -10.36 21.61
N LEU A 257 -4.70 -9.92 22.63
CA LEU A 257 -6.08 -9.45 22.46
C LEU A 257 -6.23 -8.54 21.26
N LEU A 258 -5.42 -7.50 21.19
CA LEU A 258 -5.48 -6.57 20.07
C LEU A 258 -5.29 -7.33 18.77
N THR A 259 -4.27 -8.17 18.72
CA THR A 259 -3.93 -8.91 17.53
C THR A 259 -5.08 -9.80 17.07
N VAL A 260 -5.78 -10.41 18.02
CA VAL A 260 -6.92 -11.27 17.64
C VAL A 260 -8.14 -10.46 17.22
N VAL A 261 -8.42 -9.36 17.92
CA VAL A 261 -9.60 -8.57 17.57
C VAL A 261 -9.38 -7.97 16.18
N VAL A 262 -8.16 -7.55 15.89
CA VAL A 262 -7.85 -7.01 14.56
C VAL A 262 -8.10 -8.09 13.51
N LYS A 263 -8.05 -9.35 13.92
CA LYS A 263 -8.28 -10.47 13.01
C LYS A 263 -9.78 -10.75 12.87
N LEU A 264 -10.46 -10.79 14.00
CA LEU A 264 -11.91 -10.91 14.02
C LEU A 264 -12.52 -9.86 13.10
N HIS A 265 -12.04 -8.62 13.21
CA HIS A 265 -12.52 -7.54 12.36
C HIS A 265 -12.36 -7.86 10.87
N LYS A 266 -11.28 -8.54 10.51
CA LYS A 266 -11.07 -8.95 9.13
C LYS A 266 -12.06 -10.03 8.75
N LEU A 267 -12.22 -11.02 9.63
CA LEU A 267 -13.23 -12.05 9.43
C LEU A 267 -14.58 -11.39 9.14
N VAL A 268 -14.97 -10.46 10.01
CA VAL A 268 -16.19 -9.68 9.85
C VAL A 268 -16.21 -9.03 8.48
N LEU A 269 -15.15 -8.28 8.16
CA LEU A 269 -15.11 -7.55 6.90
C LEU A 269 -15.30 -8.48 5.71
N ARG A 270 -14.74 -9.68 5.78
CA ARG A 270 -14.91 -10.65 4.70
C ARG A 270 -16.35 -11.16 4.67
N LEU A 271 -16.87 -11.53 5.83
CA LEU A 271 -18.23 -12.03 5.92
C LEU A 271 -19.22 -11.00 5.36
N TRP A 272 -18.99 -9.73 5.66
CA TRP A 272 -19.87 -8.68 5.16
C TRP A 272 -19.85 -8.68 3.63
N GLU A 273 -18.66 -8.90 3.06
CA GLU A 273 -18.51 -8.92 1.62
C GLU A 273 -19.12 -10.17 1.00
N THR A 274 -19.00 -11.30 1.70
CA THR A 274 -19.49 -12.57 1.16
C THR A 274 -20.91 -12.91 1.64
N VAL A 275 -21.16 -12.76 2.94
CA VAL A 275 -22.44 -13.15 3.52
C VAL A 275 -22.93 -12.10 4.52
N PRO A 276 -23.27 -10.90 4.03
CA PRO A 276 -23.56 -9.75 4.89
C PRO A 276 -24.66 -9.99 5.93
N GLU A 277 -25.49 -11.00 5.70
CA GLU A 277 -26.59 -11.30 6.60
C GLU A 277 -26.10 -11.77 7.97
N LEU A 278 -24.89 -12.33 8.01
CA LEU A 278 -24.35 -12.90 9.23
C LEU A 278 -23.82 -11.84 10.19
N ILE A 279 -23.36 -10.73 9.63
CA ILE A 279 -22.73 -9.67 10.42
C ILE A 279 -23.63 -9.25 11.58
N ASN A 280 -24.94 -9.47 11.43
CA ASN A 280 -25.89 -9.18 12.48
C ASN A 280 -25.50 -9.88 13.79
N ALA A 281 -24.81 -11.02 13.66
CA ALA A 281 -24.51 -11.87 14.81
C ALA A 281 -23.48 -11.27 15.76
N VAL A 282 -22.69 -10.32 15.28
CA VAL A 282 -21.61 -9.76 16.08
C VAL A 282 -21.58 -8.24 16.04
N ILE A 283 -22.51 -7.65 15.31
CA ILE A 283 -22.55 -6.21 15.14
C ILE A 283 -22.66 -5.49 16.48
N GLY A 284 -23.31 -6.14 17.46
CA GLY A 284 -23.46 -5.57 18.78
C GLY A 284 -22.13 -5.38 19.48
N PHE A 285 -21.28 -6.39 19.37
CA PHE A 285 -19.94 -6.33 19.95
C PHE A 285 -19.23 -5.09 19.44
N ILE A 286 -19.28 -4.90 18.13
CA ILE A 286 -18.67 -3.75 17.48
C ILE A 286 -19.30 -2.47 18.03
N TYR A 287 -20.62 -2.40 18.00
CA TYR A 287 -21.34 -1.26 18.53
C TYR A 287 -20.81 -0.90 19.91
N HIS A 288 -20.63 -1.90 20.75
CA HIS A 288 -20.10 -1.68 22.09
C HIS A 288 -18.60 -1.41 22.07
N GLU A 289 -17.91 -1.93 21.07
CA GLU A 289 -16.48 -1.67 20.95
C GLU A 289 -16.24 -0.20 20.68
N LEU A 290 -17.09 0.40 19.85
CA LEU A 290 -17.00 1.82 19.55
C LEU A 290 -17.02 2.64 20.83
N SER A 291 -17.79 2.17 21.82
CA SER A 291 -17.92 2.88 23.08
C SER A 291 -17.12 2.21 24.19
N SER A 292 -16.07 1.49 23.81
CA SER A 292 -15.25 0.77 24.78
C SER A 292 -14.34 1.73 25.54
N GLU A 293 -13.94 1.35 26.75
CA GLU A 293 -13.09 2.19 27.56
C GLU A 293 -11.71 2.38 26.92
N ASN A 294 -11.19 1.32 26.32
CA ASN A 294 -9.85 1.35 25.73
C ASN A 294 -9.93 1.99 24.35
N GLU A 295 -9.19 3.07 24.16
CA GLU A 295 -9.24 3.84 22.91
C GLU A 295 -8.87 2.99 21.71
N LEU A 296 -7.87 2.12 21.87
CA LEU A 296 -7.35 1.33 20.75
C LEU A 296 -8.45 0.49 20.09
N PHE A 297 -9.30 -0.14 20.91
CA PHE A 297 -10.37 -0.96 20.36
C PHE A 297 -11.41 -0.10 19.66
N ARG A 298 -11.65 1.10 20.17
CA ARG A 298 -12.50 2.06 19.46
C ARG A 298 -11.88 2.39 18.12
N LYS A 299 -10.57 2.65 18.14
CA LYS A 299 -9.83 2.98 16.92
C LYS A 299 -10.04 1.87 15.90
N GLU A 300 -9.78 0.63 16.31
CA GLU A 300 -9.94 -0.51 15.43
C GLU A 300 -11.39 -0.68 14.93
N ALA A 301 -12.37 -0.60 15.84
CA ALA A 301 -13.77 -0.73 15.43
C ALA A 301 -14.11 0.33 14.38
N THR A 302 -13.65 1.55 14.63
CA THR A 302 -13.86 2.65 13.71
C THR A 302 -13.26 2.28 12.37
N LYS A 303 -12.00 1.85 12.39
CA LYS A 303 -11.32 1.48 11.16
C LYS A 303 -12.14 0.42 10.43
N LEU A 304 -12.60 -0.58 11.17
CA LEU A 304 -13.40 -1.67 10.61
C LEU A 304 -14.63 -1.15 9.86
N ILE A 305 -15.51 -0.46 10.58
CA ILE A 305 -16.72 0.06 9.95
C ILE A 305 -16.32 0.97 8.80
N GLY A 306 -15.22 1.69 8.97
CA GLY A 306 -14.63 2.43 7.87
C GLY A 306 -14.41 1.55 6.66
N GLN A 307 -13.81 0.38 6.88
CA GLN A 307 -13.54 -0.54 5.77
C GLN A 307 -14.84 -1.09 5.18
N ILE A 308 -15.79 -1.43 6.03
CA ILE A 308 -17.07 -1.98 5.60
C ILE A 308 -17.74 -1.04 4.60
N LEU A 309 -17.83 0.24 4.95
CA LEU A 309 -18.60 1.21 4.17
C LEU A 309 -18.07 1.39 2.74
N THR A 310 -16.90 0.83 2.45
CA THR A 310 -16.27 0.99 1.14
C THR A 310 -16.30 -0.30 0.32
N SER A 311 -16.90 -1.35 0.88
CA SER A 311 -16.89 -2.67 0.26
C SER A 311 -18.15 -2.96 -0.55
N TYR A 312 -17.98 -3.63 -1.69
CA TYR A 312 -19.12 -4.11 -2.47
C TYR A 312 -19.95 -5.08 -1.66
N SER A 313 -21.25 -4.82 -1.55
CA SER A 313 -22.14 -5.73 -0.83
C SER A 313 -23.55 -5.70 -1.42
N ASP A 314 -24.14 -6.88 -1.55
CA ASP A 314 -25.52 -7.00 -2.00
C ASP A 314 -26.45 -6.28 -1.04
N LEU A 315 -26.03 -6.20 0.22
CA LEU A 315 -26.79 -5.54 1.27
C LEU A 315 -26.25 -4.12 1.48
N ASN A 316 -26.95 -3.34 2.31
CA ASN A 316 -26.57 -1.95 2.55
C ASN A 316 -26.42 -1.72 4.05
N PHE A 317 -25.25 -1.22 4.46
CA PHE A 317 -24.89 -1.19 5.88
C PHE A 317 -25.69 -0.15 6.66
N VAL A 318 -25.79 1.06 6.11
CA VAL A 318 -26.43 2.16 6.84
C VAL A 318 -27.93 1.89 6.98
N SER A 319 -28.51 1.22 6.00
CA SER A 319 -29.90 0.82 6.08
C SER A 319 -30.06 -0.30 7.11
N THR A 320 -29.25 -1.34 6.95
CA THR A 320 -29.33 -2.53 7.79
C THR A 320 -28.94 -2.20 9.23
N HIS A 321 -27.77 -1.60 9.42
CA HIS A 321 -27.23 -1.36 10.74
C HIS A 321 -27.08 0.13 11.07
N SER A 322 -28.14 0.91 10.85
CA SER A 322 -28.11 2.34 11.12
C SER A 322 -27.65 2.63 12.55
N ASP A 323 -28.14 1.81 13.49
CA ASP A 323 -27.80 1.95 14.90
C ASP A 323 -26.32 2.23 15.14
N THR A 324 -25.46 1.46 14.47
CA THR A 324 -24.03 1.54 14.70
C THR A 324 -23.37 2.55 13.78
N PHE A 325 -23.91 2.71 12.58
CA PHE A 325 -23.42 3.71 11.65
C PHE A 325 -23.52 5.10 12.28
N LYS A 326 -24.64 5.36 12.94
CA LYS A 326 -24.76 6.60 13.71
C LYS A 326 -23.68 6.63 14.78
N ALA A 327 -23.41 5.48 15.39
CA ALA A 327 -22.36 5.39 16.40
C ALA A 327 -20.99 5.56 15.75
N TRP A 328 -20.91 5.26 14.45
CA TRP A 328 -19.67 5.43 13.71
C TRP A 328 -19.41 6.92 13.48
N ILE A 329 -20.40 7.61 12.93
CA ILE A 329 -20.26 9.05 12.72
C ILE A 329 -20.17 9.79 14.06
N SER A 330 -20.52 9.10 15.14
CA SER A 330 -20.42 9.67 16.49
C SER A 330 -18.99 9.77 16.97
N LYS A 331 -18.05 9.28 16.17
CA LYS A 331 -16.65 9.21 16.59
C LYS A 331 -15.85 10.42 16.14
N ILE A 332 -16.54 11.40 15.56
CA ILE A 332 -15.92 12.69 15.27
C ILE A 332 -15.86 13.51 16.55
N ALA A 333 -16.36 12.94 17.64
CA ALA A 333 -16.35 13.58 18.95
C ALA A 333 -15.76 12.64 20.00
N ASP A 334 -14.94 11.71 19.54
CA ASP A 334 -14.26 10.79 20.44
C ASP A 334 -13.14 11.53 21.17
N ILE A 335 -12.98 11.24 22.46
CA ILE A 335 -11.99 11.91 23.28
C ILE A 335 -10.60 11.73 22.66
N SER A 336 -10.33 10.54 22.13
CA SER A 336 -9.01 10.22 21.60
C SER A 336 -8.83 10.76 20.17
N PRO A 337 -7.87 11.67 19.98
CA PRO A 337 -7.65 12.22 18.63
C PRO A 337 -7.32 11.15 17.58
N ASP A 338 -6.60 10.11 18.00
CA ASP A 338 -6.27 9.02 17.10
C ASP A 338 -7.52 8.45 16.44
N VAL A 339 -8.59 8.34 17.23
CA VAL A 339 -9.85 7.82 16.73
C VAL A 339 -10.41 8.77 15.67
N ARG A 340 -10.39 10.06 15.98
CA ARG A 340 -10.87 11.07 15.04
C ARG A 340 -10.10 11.00 13.73
N VAL A 341 -8.77 10.94 13.81
CA VAL A 341 -7.93 10.82 12.63
C VAL A 341 -8.30 9.54 11.88
N GLU A 342 -8.45 8.45 12.62
CA GLU A 342 -8.79 7.17 12.02
C GLU A 342 -10.08 7.27 11.23
N TRP A 343 -11.08 7.93 11.82
CA TRP A 343 -12.34 8.17 11.13
C TRP A 343 -12.09 9.00 9.88
N THR A 344 -11.46 10.15 10.06
CA THR A 344 -11.28 11.14 9.00
C THR A 344 -10.47 10.58 7.83
N GLU A 345 -9.58 9.63 8.11
CA GLU A 345 -8.74 9.04 7.08
C GLU A 345 -9.54 8.22 6.08
N SER A 346 -10.73 7.77 6.48
CA SER A 346 -11.51 6.82 5.68
C SER A 346 -12.42 7.46 4.63
N ILE A 347 -12.69 8.75 4.78
CA ILE A 347 -13.74 9.41 3.99
C ILE A 347 -13.45 9.34 2.49
N PRO A 348 -12.24 9.73 2.07
CA PRO A 348 -11.95 9.77 0.62
C PRO A 348 -12.42 8.54 -0.17
N GLN A 349 -12.17 7.35 0.37
CA GLN A 349 -12.57 6.12 -0.30
C GLN A 349 -14.08 5.96 -0.27
N ILE A 350 -14.67 6.26 0.87
CA ILE A 350 -16.12 6.19 1.03
C ILE A 350 -16.74 7.06 -0.05
N ILE A 351 -16.42 8.35 -0.01
CA ILE A 351 -16.92 9.30 -1.00
C ILE A 351 -16.63 8.75 -2.40
N ALA A 352 -15.43 8.22 -2.59
CA ALA A 352 -15.05 7.68 -3.89
C ALA A 352 -15.83 6.42 -4.25
N THR A 353 -16.40 5.73 -3.25
CA THR A 353 -17.14 4.51 -3.52
C THR A 353 -18.66 4.58 -3.34
N ARG A 354 -19.14 5.54 -2.56
CA ARG A 354 -20.58 5.64 -2.32
C ARG A 354 -21.10 7.08 -2.25
N GLU A 355 -22.24 7.31 -2.89
CA GLU A 355 -22.96 8.57 -2.78
C GLU A 355 -24.13 8.44 -1.81
N ASP A 356 -24.22 7.28 -1.15
CA ASP A 356 -25.33 6.97 -0.25
C ASP A 356 -25.50 8.11 0.76
N ILE A 357 -24.41 8.74 1.16
CA ILE A 357 -24.46 9.82 2.14
C ILE A 357 -23.75 11.06 1.64
N SER A 358 -24.44 12.19 1.85
CA SER A 358 -23.85 13.51 1.69
C SER A 358 -24.43 14.42 2.77
N LYS A 359 -25.12 13.81 3.72
CA LYS A 359 -25.84 14.51 4.78
C LYS A 359 -25.03 14.45 6.07
N GLU A 360 -24.83 13.24 6.58
CA GLU A 360 -24.04 13.03 7.79
C GLU A 360 -22.58 13.41 7.57
N LEU A 361 -22.05 13.10 6.39
CA LEU A 361 -20.69 13.47 6.05
C LEU A 361 -20.52 14.97 6.14
N ASN A 362 -21.35 15.70 5.39
CA ASN A 362 -21.32 17.15 5.43
C ASN A 362 -21.53 17.68 6.85
N GLN A 363 -22.41 17.03 7.61
CA GLN A 363 -22.56 17.38 9.02
C GLN A 363 -21.27 17.20 9.80
N ALA A 364 -20.57 16.09 9.56
CA ALA A 364 -19.40 15.71 10.35
C ALA A 364 -18.13 16.48 9.99
N LEU A 365 -17.78 16.46 8.70
CA LEU A 365 -16.58 17.14 8.23
C LEU A 365 -16.55 18.58 8.69
N ALA A 366 -17.72 19.21 8.77
CA ALA A 366 -17.81 20.58 9.27
C ALA A 366 -17.18 20.69 10.66
N LYS A 367 -17.45 19.74 11.53
CA LYS A 367 -16.83 19.74 12.85
C LYS A 367 -15.39 19.27 12.75
N THR A 368 -15.12 18.33 11.86
CA THR A 368 -13.76 17.80 11.71
C THR A 368 -12.80 18.89 11.21
N PHE A 369 -13.32 19.88 10.50
CA PHE A 369 -12.49 20.93 9.92
C PHE A 369 -12.14 22.04 10.92
N ILE A 370 -12.76 22.02 12.09
CA ILE A 370 -12.54 23.03 13.12
C ILE A 370 -12.23 22.37 14.45
N ASP A 371 -11.75 21.14 14.40
CA ASP A 371 -11.37 20.38 15.59
C ASP A 371 -10.13 21.01 16.20
N SER A 372 -9.95 20.84 17.51
CA SER A 372 -8.83 21.43 18.22
C SER A 372 -7.49 20.81 17.81
N ASP A 373 -7.52 19.54 17.41
CA ASP A 373 -6.29 18.84 17.04
C ASP A 373 -5.94 19.13 15.58
N PRO A 374 -4.68 19.55 15.31
CA PRO A 374 -4.33 19.89 13.93
C PRO A 374 -4.23 18.68 13.01
N ARG A 375 -4.02 17.50 13.59
CA ARG A 375 -3.89 16.28 12.80
C ARG A 375 -5.16 16.06 12.01
N VAL A 376 -6.30 16.11 12.69
CA VAL A 376 -7.58 15.89 12.03
C VAL A 376 -7.86 16.97 11.00
N ARG A 377 -7.51 18.24 11.30
CA ARG A 377 -7.75 19.32 10.35
C ARG A 377 -6.96 19.04 9.07
N ARG A 378 -5.69 18.66 9.23
CA ARG A 378 -4.86 18.25 8.11
C ARG A 378 -5.52 17.08 7.37
N THR A 379 -5.89 16.05 8.11
CA THR A 379 -6.52 14.87 7.52
C THR A 379 -7.83 15.26 6.85
N SER A 380 -8.42 16.35 7.31
CA SER A 380 -9.64 16.86 6.69
C SER A 380 -9.34 17.49 5.33
N VAL A 381 -8.41 18.44 5.32
CA VAL A 381 -8.09 19.13 4.07
C VAL A 381 -7.54 18.13 3.06
N MET A 382 -6.85 17.10 3.54
CA MET A 382 -6.31 16.06 2.66
C MET A 382 -7.37 15.47 1.74
N ILE A 383 -8.63 15.56 2.14
CA ILE A 383 -9.73 15.08 1.32
C ILE A 383 -9.65 15.76 -0.04
N PHE A 384 -9.69 17.10 -0.05
CA PHE A 384 -9.62 17.87 -1.28
C PHE A 384 -8.42 17.47 -2.14
N ASN A 385 -7.43 16.83 -1.52
CA ASN A 385 -6.21 16.43 -2.22
C ASN A 385 -6.29 14.99 -2.75
N LYS A 386 -6.87 14.09 -1.96
CA LYS A 386 -6.85 12.67 -2.31
C LYS A 386 -8.01 12.24 -3.21
N VAL A 387 -9.21 12.75 -2.97
CA VAL A 387 -10.36 12.37 -3.78
C VAL A 387 -10.49 13.39 -4.93
N PRO A 388 -10.80 12.92 -6.15
CA PRO A 388 -10.87 13.85 -7.29
C PRO A 388 -11.88 14.99 -7.11
N VAL A 389 -11.54 16.15 -7.67
CA VAL A 389 -12.32 17.37 -7.53
C VAL A 389 -13.80 17.13 -7.79
N THR A 390 -14.10 16.39 -8.84
CA THR A 390 -15.49 16.15 -9.24
C THR A 390 -16.27 15.60 -8.05
N GLU A 391 -15.80 14.48 -7.51
CA GLU A 391 -16.49 13.81 -6.41
C GLU A 391 -16.63 14.72 -5.20
N ILE A 392 -15.69 15.63 -4.99
CA ILE A 392 -15.84 16.64 -3.97
C ILE A 392 -17.06 17.47 -4.32
N TRP A 393 -17.03 18.08 -5.51
CA TRP A 393 -18.14 18.92 -5.94
C TRP A 393 -19.48 18.20 -5.85
N LYS A 394 -19.49 16.91 -6.15
CA LYS A 394 -20.73 16.15 -6.11
C LYS A 394 -21.18 15.84 -4.68
N ASN A 395 -20.28 15.25 -3.90
CA ASN A 395 -20.64 14.70 -2.58
C ASN A 395 -20.73 15.72 -1.45
N ILE A 396 -19.72 16.55 -1.28
CA ILE A 396 -19.73 17.54 -0.19
C ILE A 396 -20.28 18.86 -0.69
N THR A 397 -21.23 19.42 0.05
CA THR A 397 -21.97 20.59 -0.39
C THR A 397 -22.13 21.64 0.70
N ASN A 398 -21.80 21.28 1.94
CA ASN A 398 -21.99 22.20 3.05
C ASN A 398 -21.12 23.44 2.89
N LYS A 399 -21.74 24.60 3.03
CA LYS A 399 -21.07 25.89 3.01
C LYS A 399 -19.81 25.89 3.89
N ALA A 400 -19.98 25.47 5.15
CA ALA A 400 -18.94 25.61 6.16
C ALA A 400 -17.59 24.98 5.77
N ILE A 401 -17.63 23.87 5.06
CA ILE A 401 -16.40 23.15 4.72
C ILE A 401 -15.44 24.07 3.97
N TYR A 402 -15.90 24.64 2.87
CA TYR A 402 -15.07 25.50 2.04
C TYR A 402 -14.55 26.71 2.83
N THR A 403 -15.44 27.34 3.58
CA THR A 403 -15.08 28.51 4.36
C THR A 403 -13.98 28.16 5.36
N SER A 404 -14.14 27.05 6.07
CA SER A 404 -13.13 26.58 7.00
C SER A 404 -11.82 26.28 6.28
N LEU A 405 -11.93 25.58 5.15
CA LEU A 405 -10.76 25.25 4.33
C LEU A 405 -9.99 26.53 4.05
N LEU A 406 -10.63 27.50 3.42
CA LEU A 406 -9.97 28.76 3.10
C LEU A 406 -9.55 29.49 4.37
N HIS A 407 -10.32 29.33 5.43
CA HIS A 407 -10.06 30.02 6.70
C HIS A 407 -8.72 29.57 7.29
N LEU A 408 -8.47 28.27 7.23
CA LEU A 408 -7.23 27.71 7.78
C LEU A 408 -5.98 28.24 7.09
N ALA A 409 -6.15 28.88 5.93
CA ALA A 409 -5.03 29.43 5.18
C ALA A 409 -4.33 30.56 5.93
N ARG A 410 -5.01 31.12 6.92
CA ARG A 410 -4.45 32.19 7.73
C ARG A 410 -4.11 31.69 9.14
N GLU A 411 -4.01 30.37 9.28
CA GLU A 411 -3.81 29.77 10.60
C GLU A 411 -2.35 29.87 11.04
N LYS A 412 -2.16 29.95 12.35
CA LYS A 412 -0.82 29.96 12.93
C LYS A 412 -0.08 28.68 12.59
N HIS A 413 -0.73 27.55 12.83
CA HIS A 413 -0.14 26.24 12.56
C HIS A 413 0.38 26.21 11.13
N LYS A 414 1.64 25.83 10.96
CA LYS A 414 2.32 25.94 9.68
C LYS A 414 1.95 24.80 8.74
N GLU A 415 2.11 23.57 9.24
CA GLU A 415 1.93 22.38 8.41
C GLU A 415 0.52 22.34 7.83
N VAL A 416 -0.47 22.80 8.58
CA VAL A 416 -1.83 22.90 8.07
C VAL A 416 -1.89 23.98 7.02
N ARG A 417 -1.47 25.19 7.39
CA ARG A 417 -1.55 26.36 6.52
C ARG A 417 -0.96 26.07 5.13
N GLU A 418 0.26 25.55 5.08
CA GLU A 418 0.91 25.33 3.80
C GLU A 418 0.08 24.41 2.91
N LEU A 419 -0.21 23.22 3.45
CA LEU A 419 -1.02 22.22 2.75
C LEU A 419 -2.33 22.86 2.29
N CYS A 420 -2.92 23.67 3.16
CA CYS A 420 -4.14 24.39 2.87
C CYS A 420 -3.95 25.25 1.61
N ILE A 421 -2.94 26.12 1.65
CA ILE A 421 -2.66 27.03 0.55
C ILE A 421 -2.53 26.23 -0.74
N ASN A 422 -1.66 25.24 -0.74
CA ASN A 422 -1.42 24.45 -1.95
C ASN A 422 -2.73 23.80 -2.43
N THR A 423 -3.43 23.18 -1.49
CA THR A 423 -4.62 22.40 -1.79
C THR A 423 -5.70 23.25 -2.43
N MET A 424 -6.09 24.35 -1.77
CA MET A 424 -7.22 25.14 -2.26
C MET A 424 -6.89 25.81 -3.59
N ALA A 425 -5.60 26.01 -3.87
CA ALA A 425 -5.17 26.57 -5.15
C ALA A 425 -5.28 25.52 -6.26
N LYS A 426 -4.64 24.38 -6.05
CA LYS A 426 -4.74 23.29 -7.02
C LYS A 426 -6.22 22.95 -7.24
N PHE A 427 -6.99 23.01 -6.16
CA PHE A 427 -8.42 22.78 -6.20
C PHE A 427 -9.11 23.84 -7.05
N TYR A 428 -8.80 25.10 -6.78
CA TYR A 428 -9.33 26.20 -7.59
C TYR A 428 -9.09 25.91 -9.06
N SER A 429 -7.84 25.64 -9.41
CA SER A 429 -7.49 25.32 -10.79
C SER A 429 -8.38 24.20 -11.32
N ASN A 430 -8.35 23.05 -10.65
CA ASN A 430 -9.15 21.91 -11.07
C ASN A 430 -10.65 22.21 -11.01
N SER A 431 -11.04 23.10 -10.12
CA SER A 431 -12.45 23.39 -9.91
C SER A 431 -13.01 24.32 -10.98
N LEU A 432 -12.19 24.67 -11.96
CA LEU A 432 -12.63 25.44 -13.11
C LEU A 432 -12.45 24.64 -14.39
N ASN A 433 -11.41 23.81 -14.41
CA ASN A 433 -11.07 23.02 -15.59
C ASN A 433 -11.96 21.79 -15.79
N GLU A 434 -12.92 21.57 -14.89
CA GLU A 434 -13.71 20.34 -14.94
C GLU A 434 -15.19 20.58 -14.67
N ILE A 435 -15.51 21.52 -13.79
CA ILE A 435 -16.91 21.73 -13.40
C ILE A 435 -17.44 23.03 -13.99
N GLU A 436 -18.57 22.95 -14.66
CA GLU A 436 -19.23 24.11 -15.23
C GLU A 436 -20.24 24.70 -14.24
N ARG A 437 -20.93 25.75 -14.65
CA ARG A 437 -21.88 26.42 -13.77
C ARG A 437 -23.31 26.18 -14.22
N THR A 438 -24.21 26.04 -13.25
CA THR A 438 -25.63 25.95 -13.52
C THR A 438 -26.37 26.90 -12.58
N TYR A 439 -27.66 26.67 -12.40
CA TYR A 439 -28.51 27.57 -11.63
C TYR A 439 -28.39 27.26 -10.14
N GLN A 440 -27.83 26.10 -9.80
CA GLN A 440 -27.88 25.59 -8.43
C GLN A 440 -26.51 25.43 -7.75
N ASN A 441 -25.45 25.19 -8.52
CA ASN A 441 -24.11 25.03 -7.93
C ASN A 441 -23.37 26.35 -7.75
N LYS A 442 -23.86 27.40 -8.41
CA LYS A 442 -23.30 28.74 -8.26
C LYS A 442 -23.35 29.19 -6.80
N GLU A 443 -24.28 28.64 -6.05
CA GLU A 443 -24.51 29.04 -4.66
C GLU A 443 -23.25 28.92 -3.79
N ILE A 444 -22.38 27.97 -4.10
CA ILE A 444 -21.14 27.80 -3.35
C ILE A 444 -19.94 28.43 -4.07
N TRP A 445 -20.07 28.62 -5.37
CA TRP A 445 -18.99 29.14 -6.20
C TRP A 445 -18.41 30.47 -5.71
N GLU A 446 -19.22 31.29 -5.06
CA GLU A 446 -18.73 32.59 -4.58
C GLU A 446 -17.61 32.41 -3.56
N ILE A 447 -17.40 31.18 -3.11
CA ILE A 447 -16.28 30.86 -2.22
C ILE A 447 -15.10 30.40 -3.05
N ILE A 448 -15.35 29.55 -4.04
CA ILE A 448 -14.29 29.03 -4.88
C ILE A 448 -13.72 30.19 -5.71
N ASP A 449 -14.53 31.21 -5.93
CA ASP A 449 -14.09 32.34 -6.75
C ASP A 449 -13.32 33.40 -5.97
N THR A 450 -13.45 33.37 -4.64
CA THR A 450 -12.72 34.32 -3.80
C THR A 450 -11.40 33.72 -3.35
N ILE A 451 -11.03 32.59 -3.95
CA ILE A 451 -9.77 31.92 -3.62
C ILE A 451 -8.58 32.79 -4.03
N PRO A 452 -8.56 33.27 -5.29
CA PRO A 452 -7.36 34.03 -5.67
C PRO A 452 -7.18 35.29 -4.83
N SER A 453 -8.25 36.02 -4.56
CA SER A 453 -8.18 37.20 -3.71
C SER A 453 -7.60 36.83 -2.35
N THR A 454 -8.20 35.83 -1.72
CA THR A 454 -7.72 35.35 -0.43
C THR A 454 -6.23 35.07 -0.52
N LEU A 455 -5.84 34.34 -1.56
CA LEU A 455 -4.44 34.00 -1.79
C LEU A 455 -3.60 35.27 -1.80
N TYR A 456 -4.02 36.23 -2.62
CA TYR A 456 -3.27 37.46 -2.79
C TYR A 456 -3.23 38.29 -1.50
N ASN A 457 -4.24 38.12 -0.65
CA ASN A 457 -4.26 38.80 0.63
C ASN A 457 -3.22 38.28 1.63
N LEU A 458 -2.70 37.07 1.41
CA LEU A 458 -1.70 36.51 2.32
C LEU A 458 -0.42 37.34 2.28
N TYR A 459 -0.12 37.93 1.13
CA TYR A 459 1.05 38.78 0.99
C TYR A 459 1.09 39.85 2.07
N TYR A 460 -0.07 40.30 2.51
CA TYR A 460 -0.15 41.39 3.48
C TYR A 460 0.35 41.00 4.87
N ILE A 461 0.40 39.71 5.13
CA ILE A 461 0.89 39.24 6.40
C ILE A 461 2.40 39.41 6.43
N ASN A 462 2.99 39.62 5.27
CA ASN A 462 4.41 39.83 5.20
C ASN A 462 5.37 38.74 5.67
N ASP A 463 5.09 37.47 5.38
CA ASP A 463 5.99 36.40 5.75
C ASP A 463 6.80 35.96 4.56
N LEU A 464 8.09 35.76 4.73
CA LEU A 464 8.94 35.35 3.61
C LEU A 464 8.52 33.98 3.06
N ASN A 465 8.35 33.01 3.95
CA ASN A 465 7.96 31.67 3.54
C ASN A 465 6.62 31.67 2.82
N ILE A 466 5.62 32.31 3.42
CA ILE A 466 4.30 32.37 2.85
C ILE A 466 4.35 33.07 1.49
N ASN A 467 4.95 34.25 1.43
CA ASN A 467 5.07 34.95 0.16
C ASN A 467 5.71 34.05 -0.89
N GLU A 468 6.78 33.35 -0.51
CA GLU A 468 7.39 32.36 -1.39
C GLU A 468 6.39 31.31 -1.82
N GLN A 469 5.64 30.79 -0.87
CA GLN A 469 4.68 29.71 -1.15
C GLN A 469 3.58 30.19 -2.10
N VAL A 470 2.96 31.31 -1.79
CA VAL A 470 1.89 31.86 -2.62
C VAL A 470 2.46 32.15 -4.01
N ASP A 471 3.66 32.72 -4.05
CA ASP A 471 4.36 32.90 -5.32
C ASP A 471 4.40 31.60 -6.11
N SER A 472 4.97 30.56 -5.49
CA SER A 472 5.08 29.25 -6.11
C SER A 472 3.71 28.71 -6.55
N VAL A 473 2.72 28.84 -5.68
CA VAL A 473 1.42 28.21 -5.86
C VAL A 473 0.64 28.87 -7.00
N ILE A 474 0.62 30.20 -7.01
CA ILE A 474 -0.16 30.94 -8.00
C ILE A 474 0.24 30.51 -9.40
N PHE A 475 1.52 30.58 -9.72
CA PHE A 475 1.98 30.23 -11.05
C PHE A 475 1.99 28.75 -11.34
N GLU A 476 1.60 27.96 -10.38
CA GLU A 476 1.53 26.52 -10.56
C GLU A 476 0.13 26.06 -10.93
N TYR A 477 -0.87 26.66 -10.31
CA TYR A 477 -2.26 26.21 -10.48
C TYR A 477 -3.16 27.31 -11.01
N LEU A 478 -2.96 28.52 -10.51
CA LEU A 478 -3.80 29.65 -10.85
C LEU A 478 -3.48 30.22 -12.20
N LEU A 479 -2.39 30.95 -12.27
CA LEU A 479 -1.99 31.50 -13.52
C LEU A 479 -0.94 30.59 -14.00
N PRO A 480 -1.35 29.60 -14.87
CA PRO A 480 -0.29 28.68 -15.31
C PRO A 480 0.56 29.34 -16.36
N PHE A 481 1.53 28.59 -16.88
CA PHE A 481 2.40 29.05 -17.93
C PHE A 481 2.01 28.45 -19.27
N GLU A 482 0.87 27.75 -19.27
CA GLU A 482 0.40 27.04 -20.46
C GLU A 482 -1.12 27.13 -20.63
N PRO A 483 -1.63 26.70 -21.80
CA PRO A 483 -0.76 26.21 -22.87
C PRO A 483 -0.76 27.12 -24.12
N ASP A 484 -1.46 28.24 -24.10
CA ASP A 484 -1.56 29.10 -25.26
C ASP A 484 -1.65 30.58 -24.92
N ASN A 485 -1.66 31.42 -25.94
CA ASN A 485 -1.75 32.83 -25.75
C ASN A 485 -3.10 33.39 -25.24
N ASP A 486 -4.20 32.95 -25.87
CA ASP A 486 -5.54 33.44 -25.54
C ASP A 486 -6.20 33.03 -24.22
N LYS A 487 -6.06 31.76 -23.85
CA LYS A 487 -6.79 31.26 -22.69
C LYS A 487 -6.15 31.75 -21.41
N ARG A 488 -4.84 31.97 -21.39
CA ARG A 488 -4.19 32.46 -20.19
C ARG A 488 -4.90 33.71 -19.78
N VAL A 489 -5.13 34.55 -20.76
CA VAL A 489 -5.81 35.81 -20.52
C VAL A 489 -7.27 35.54 -20.15
N HIS A 490 -7.94 34.73 -20.95
CA HIS A 490 -9.35 34.42 -20.70
C HIS A 490 -9.57 34.03 -19.24
N ARG A 491 -8.66 33.24 -18.72
CA ARG A 491 -8.75 32.77 -17.35
C ARG A 491 -8.26 33.85 -16.41
N LEU A 492 -7.17 34.48 -16.81
CA LEU A 492 -6.61 35.58 -16.02
C LEU A 492 -7.71 36.52 -15.58
N LEU A 493 -8.59 36.88 -16.51
CA LEU A 493 -9.73 37.73 -16.19
C LEU A 493 -10.64 37.07 -15.17
N THR A 494 -10.88 35.76 -15.32
CA THR A 494 -11.74 35.03 -14.41
C THR A 494 -11.12 34.95 -13.02
N VAL A 495 -9.79 34.93 -12.98
CA VAL A 495 -9.08 34.96 -11.71
C VAL A 495 -9.22 36.35 -11.10
N LEU A 496 -9.06 37.37 -11.95
CA LEU A 496 -9.22 38.75 -11.52
C LEU A 496 -10.69 39.12 -11.32
N SER A 497 -11.60 38.31 -11.85
CA SER A 497 -13.04 38.60 -11.79
C SER A 497 -13.51 38.95 -10.38
N HIS A 498 -13.14 38.13 -9.40
CA HIS A 498 -13.61 38.33 -8.02
C HIS A 498 -12.47 38.78 -7.11
N PHE A 499 -12.14 40.05 -7.17
CA PHE A 499 -11.10 40.63 -6.31
C PHE A 499 -11.67 41.74 -5.44
N ASP A 500 -11.13 41.88 -4.23
CA ASP A 500 -11.37 43.06 -3.42
C ASP A 500 -10.26 44.06 -3.71
N LYS A 501 -10.38 45.28 -3.21
CA LYS A 501 -9.43 46.32 -3.55
C LYS A 501 -8.02 45.89 -3.14
N LYS A 502 -7.89 45.29 -1.97
CA LYS A 502 -6.60 44.79 -1.51
C LYS A 502 -5.99 43.86 -2.54
N ALA A 503 -6.77 42.91 -3.03
CA ALA A 503 -6.31 41.94 -4.01
C ALA A 503 -5.77 42.63 -5.26
N PHE A 504 -6.44 43.69 -5.70
CA PHE A 504 -5.98 44.45 -6.85
C PHE A 504 -4.69 45.20 -6.55
N THR A 505 -4.69 45.96 -5.45
CA THR A 505 -3.51 46.73 -5.06
C THR A 505 -2.29 45.82 -4.95
N SER A 506 -2.47 44.65 -4.35
CA SER A 506 -1.38 43.69 -4.21
C SER A 506 -1.03 43.09 -5.57
N PHE A 507 -2.05 42.74 -6.34
CA PHE A 507 -1.84 42.20 -7.68
C PHE A 507 -0.99 43.16 -8.50
N PHE A 508 -1.27 44.45 -8.39
CA PHE A 508 -0.53 45.46 -9.14
C PHE A 508 0.86 45.69 -8.54
N ALA A 509 0.93 45.77 -7.21
CA ALA A 509 2.21 45.95 -6.53
C ALA A 509 3.20 44.86 -6.95
N PHE A 510 2.72 43.61 -6.92
CA PHE A 510 3.52 42.47 -7.33
C PHE A 510 4.06 42.69 -8.73
N ASN A 511 3.32 43.45 -9.52
CA ASN A 511 3.67 43.71 -10.91
C ASN A 511 4.59 44.92 -11.01
N ALA A 512 4.40 45.89 -10.11
CA ALA A 512 5.25 47.07 -10.03
C ALA A 512 6.66 46.68 -9.60
N ARG A 513 6.75 45.68 -8.73
CA ARG A 513 8.04 45.18 -8.28
C ARG A 513 8.78 44.46 -9.41
N GLN A 514 8.04 43.84 -10.32
CA GLN A 514 8.65 43.04 -11.37
C GLN A 514 9.65 43.81 -12.22
N ILE A 515 9.34 45.06 -12.50
CA ILE A 515 10.23 45.87 -13.33
C ILE A 515 11.48 46.25 -12.57
N LYS A 516 11.33 46.51 -11.28
CA LYS A 516 12.46 46.90 -10.44
C LYS A 516 13.35 45.68 -10.21
N ILE A 517 12.74 44.50 -10.18
CA ILE A 517 13.49 43.26 -10.07
C ILE A 517 14.25 42.99 -11.39
N SER A 518 13.55 43.13 -12.51
CA SER A 518 14.19 42.98 -13.82
C SER A 518 15.39 43.91 -13.93
N PHE A 519 15.19 45.18 -13.56
CA PHE A 519 16.25 46.17 -13.57
C PHE A 519 17.40 45.77 -12.65
N ALA A 520 17.16 44.77 -11.81
CA ALA A 520 18.16 44.30 -10.86
C ALA A 520 18.89 43.07 -11.39
N ILE A 521 18.16 42.09 -11.90
CA ILE A 521 18.82 40.89 -12.41
C ILE A 521 19.62 41.27 -13.65
N SER A 522 19.09 42.17 -14.47
CA SER A 522 19.83 42.61 -15.66
C SER A 522 21.18 43.21 -15.27
N LYS A 523 21.17 44.11 -14.30
CA LYS A 523 22.42 44.68 -13.80
C LYS A 523 23.23 43.64 -13.02
N TYR A 524 22.54 42.67 -12.44
CA TYR A 524 23.21 41.59 -11.74
C TYR A 524 24.13 40.88 -12.73
N ILE A 525 23.57 40.50 -13.88
CA ILE A 525 24.37 39.86 -14.91
C ILE A 525 25.39 40.85 -15.47
N ASP A 526 24.97 42.09 -15.71
CA ASP A 526 25.92 43.10 -16.18
C ASP A 526 27.07 43.31 -15.20
N PHE A 527 26.84 43.03 -13.93
CA PHE A 527 27.89 43.09 -12.92
C PHE A 527 28.59 41.75 -12.73
N SER A 528 27.88 40.66 -12.99
CA SER A 528 28.45 39.33 -12.81
C SER A 528 29.38 38.99 -13.96
N LYS A 529 29.10 39.55 -15.13
CA LYS A 529 29.94 39.35 -16.30
C LYS A 529 31.33 39.95 -16.08
N PHE A 530 31.45 40.76 -15.04
CA PHE A 530 32.71 41.45 -14.73
C PHE A 530 33.86 40.45 -14.49
N LEU A 531 33.52 39.19 -14.28
CA LEU A 531 34.54 38.16 -14.10
C LEU A 531 34.71 37.31 -15.35
N ASN A 532 34.15 37.77 -16.48
CA ASN A 532 34.41 37.12 -17.76
C ASN A 532 35.89 37.23 -18.12
N ASN A 533 36.44 38.42 -17.95
CA ASN A 533 37.86 38.66 -18.17
C ASN A 533 38.34 39.78 -17.25
N GLN A 534 39.65 39.94 -17.13
CA GLN A 534 40.22 40.91 -16.21
C GLN A 534 39.89 42.33 -16.65
N GLU A 535 38.88 42.92 -16.03
CA GLU A 535 38.53 44.32 -16.27
C GLU A 535 39.17 45.21 -15.21
N SER A 536 39.08 44.80 -13.95
CA SER A 536 39.63 45.58 -12.86
C SER A 536 39.82 44.74 -11.60
N MET A 537 41.01 44.16 -11.45
CA MET A 537 41.37 43.46 -10.21
C MET A 537 41.47 44.50 -9.09
N SER A 538 41.89 45.71 -9.45
CA SER A 538 41.93 46.83 -8.54
C SER A 538 42.13 48.12 -9.33
N SER A 539 41.58 48.15 -10.54
CA SER A 539 41.82 49.24 -11.48
C SER A 539 40.66 50.25 -11.51
N SER A 540 39.83 50.16 -12.56
CA SER A 540 38.76 51.14 -12.77
C SER A 540 37.83 51.22 -11.57
N GLN A 541 37.18 50.11 -11.25
CA GLN A 541 36.19 50.09 -10.18
C GLN A 541 36.40 48.91 -9.22
N GLY A 542 37.49 48.18 -9.42
CA GLY A 542 37.84 47.06 -8.57
C GLY A 542 37.50 47.24 -7.10
N PRO A 543 37.95 48.36 -6.51
CA PRO A 543 37.66 48.60 -5.08
C PRO A 543 36.21 49.02 -4.79
N ILE A 544 35.43 49.32 -5.83
CA ILE A 544 34.10 49.88 -5.62
C ILE A 544 32.97 49.07 -6.26
N VAL A 545 33.23 48.43 -7.41
CA VAL A 545 32.16 47.71 -8.09
C VAL A 545 31.95 46.35 -7.46
N MET A 546 32.99 45.79 -6.84
CA MET A 546 32.84 44.51 -6.16
C MET A 546 31.85 44.68 -5.03
N ASN A 547 31.94 45.81 -4.33
CA ASN A 547 31.07 46.11 -3.21
C ASN A 547 29.78 46.80 -3.65
N LYS A 548 29.52 46.83 -4.96
CA LYS A 548 28.23 47.25 -5.45
C LYS A 548 27.42 46.02 -5.84
N TYR A 549 28.06 45.10 -6.55
CA TYR A 549 27.49 43.79 -6.85
C TYR A 549 27.26 42.98 -5.57
N ASN A 550 28.31 42.89 -4.75
CA ASN A 550 28.27 42.13 -3.50
C ASN A 550 27.15 42.61 -2.60
N GLN A 551 26.96 43.93 -2.56
CA GLN A 551 25.90 44.52 -1.75
C GLN A 551 24.57 44.53 -2.51
N THR A 552 24.64 44.56 -3.84
CA THR A 552 23.43 44.52 -4.66
C THR A 552 22.73 43.18 -4.56
N LEU A 553 23.50 42.09 -4.50
CA LEU A 553 22.92 40.75 -4.45
C LEU A 553 22.10 40.55 -3.17
N GLN A 554 22.42 41.29 -2.12
CA GLN A 554 21.68 41.20 -0.86
C GLN A 554 20.27 41.78 -1.03
N TRP A 555 20.13 42.79 -1.89
CA TRP A 555 18.82 43.40 -2.13
C TRP A 555 17.82 42.35 -2.61
N LEU A 556 18.23 41.54 -3.58
CA LEU A 556 17.35 40.53 -4.14
C LEU A 556 17.16 39.40 -3.15
N ALA A 557 18.12 39.21 -2.26
CA ALA A 557 18.09 38.12 -1.30
C ALA A 557 17.41 38.53 0.01
N SER A 558 16.95 39.77 0.08
CA SER A 558 16.30 40.27 1.27
C SER A 558 14.83 39.81 1.35
N GLY A 559 14.29 39.41 0.20
CA GLY A 559 12.91 38.98 0.11
C GLY A 559 12.69 37.49 0.27
N LEU A 560 13.79 36.75 0.35
CA LEU A 560 13.72 35.29 0.43
C LEU A 560 13.88 34.81 1.87
N SER A 561 13.19 33.71 2.20
CA SER A 561 13.21 33.15 3.55
C SER A 561 14.62 32.82 4.01
N ASP A 562 15.42 32.25 3.12
CA ASP A 562 16.78 31.87 3.45
C ASP A 562 17.74 32.67 2.58
N SER A 563 18.00 33.91 2.99
CA SER A 563 18.91 34.79 2.27
C SER A 563 20.30 34.16 2.15
N THR A 564 20.73 33.47 3.20
CA THR A 564 22.04 32.83 3.21
C THR A 564 22.11 31.70 2.17
N LYS A 565 20.96 31.31 1.64
CA LYS A 565 20.90 30.35 0.55
C LYS A 565 20.94 31.08 -0.79
N ALA A 566 20.52 32.34 -0.80
CA ALA A 566 20.49 33.14 -2.01
C ALA A 566 21.85 33.74 -2.34
N ILE A 567 22.43 34.45 -1.37
CA ILE A 567 23.71 35.10 -1.57
C ILE A 567 24.78 34.08 -1.96
N ASP A 568 24.63 32.86 -1.46
CA ASP A 568 25.55 31.78 -1.79
C ASP A 568 25.32 31.25 -3.20
N ALA A 569 24.06 31.19 -3.61
CA ALA A 569 23.70 30.59 -4.90
C ALA A 569 24.29 31.32 -6.11
N LEU A 570 24.02 32.62 -6.20
CA LEU A 570 24.40 33.40 -7.39
C LEU A 570 25.89 33.69 -7.43
N GLU A 571 26.55 33.71 -6.27
CA GLU A 571 27.99 33.92 -6.24
C GLU A 571 28.67 32.71 -6.89
N THR A 572 28.14 31.53 -6.61
CA THR A 572 28.58 30.31 -7.28
C THR A 572 28.26 30.39 -8.77
N ILE A 573 27.18 31.10 -9.10
CA ILE A 573 26.85 31.31 -10.51
C ILE A 573 27.91 32.23 -11.10
N LYS A 574 28.40 33.18 -10.32
CA LYS A 574 29.50 34.00 -10.80
C LYS A 574 30.74 33.11 -10.91
N GLN A 575 30.84 32.14 -10.00
CA GLN A 575 31.90 31.13 -10.07
C GLN A 575 31.82 30.39 -11.39
N PHE A 576 30.59 30.05 -11.80
CA PHE A 576 30.36 29.38 -13.09
C PHE A 576 30.85 30.25 -14.25
N ASN A 577 30.28 31.44 -14.37
CA ASN A 577 30.66 32.37 -15.43
C ASN A 577 30.42 31.75 -16.81
N ASP A 578 29.37 30.95 -16.92
CA ASP A 578 28.96 30.40 -18.21
C ASP A 578 28.00 31.40 -18.86
N GLU A 579 28.15 31.60 -20.17
CA GLU A 579 27.41 32.64 -20.88
C GLU A 579 25.99 32.20 -21.20
N ARG A 580 25.82 30.94 -21.57
CA ARG A 580 24.51 30.40 -21.94
C ARG A 580 23.47 30.71 -20.86
N ILE A 581 23.75 30.26 -19.64
CA ILE A 581 22.83 30.45 -18.53
C ILE A 581 22.56 31.95 -18.37
N PHE A 582 23.61 32.76 -18.50
CA PHE A 582 23.44 34.21 -18.41
C PHE A 582 22.50 34.72 -19.49
N TYR A 583 22.63 34.20 -20.70
CA TYR A 583 21.77 34.63 -21.79
C TYR A 583 20.32 34.25 -21.52
N LEU A 584 20.09 33.02 -21.07
CA LEU A 584 18.72 32.60 -20.74
C LEU A 584 18.15 33.44 -19.61
N LEU A 585 18.90 33.53 -18.51
CA LEU A 585 18.47 34.31 -17.36
C LEU A 585 18.15 35.73 -17.80
N ASN A 586 19.14 36.40 -18.38
CA ASN A 586 18.98 37.76 -18.88
C ASN A 586 17.77 37.84 -19.80
N ALA A 587 17.63 36.84 -20.66
CA ALA A 587 16.52 36.80 -21.61
C ALA A 587 15.18 36.79 -20.89
N CYS A 588 15.11 36.06 -19.79
CA CYS A 588 13.87 35.97 -19.02
C CYS A 588 13.46 37.28 -18.34
N VAL A 589 14.42 38.18 -18.07
CA VAL A 589 14.15 39.36 -17.24
C VAL A 589 14.09 40.66 -18.04
N THR A 590 14.57 40.64 -19.28
CA THR A 590 14.72 41.87 -20.06
C THR A 590 13.41 42.61 -20.35
N ASN A 591 12.28 42.04 -19.95
CA ASN A 591 10.97 42.56 -20.28
C ASN A 591 10.67 42.45 -21.76
N ASP A 592 9.39 42.54 -22.12
CA ASP A 592 8.96 42.46 -23.51
C ASP A 592 9.50 41.23 -24.23
N ILE A 593 8.98 40.07 -23.88
CA ILE A 593 9.37 38.82 -24.51
C ILE A 593 8.11 38.12 -24.97
N PRO A 594 8.12 37.52 -26.16
CA PRO A 594 6.94 36.78 -26.56
C PRO A 594 6.75 35.75 -25.46
N PHE A 595 5.51 35.50 -25.06
CA PHE A 595 5.24 34.58 -23.97
C PHE A 595 5.75 33.17 -24.26
N LEU A 596 5.61 32.74 -25.51
CA LEU A 596 6.04 31.40 -25.89
C LEU A 596 7.53 31.08 -25.72
N THR A 597 8.42 32.01 -26.06
CA THR A 597 9.84 31.69 -25.95
C THR A 597 10.31 31.73 -24.50
N PHE A 598 9.71 32.62 -23.72
CA PHE A 598 10.02 32.72 -22.29
C PHE A 598 9.98 31.33 -21.66
N LYS A 599 8.93 30.61 -21.98
CA LYS A 599 8.76 29.27 -21.46
C LYS A 599 9.93 28.41 -21.88
N ASN A 600 10.32 28.53 -23.16
CA ASN A 600 11.42 27.75 -23.71
C ASN A 600 12.75 28.02 -23.03
N CYS A 601 13.05 29.29 -22.78
CA CYS A 601 14.29 29.64 -22.08
C CYS A 601 14.24 29.25 -20.61
N TYR A 602 13.08 29.46 -19.99
CA TYR A 602 12.89 29.18 -18.57
C TYR A 602 13.01 27.69 -18.28
N ASN A 603 12.30 26.88 -19.05
CA ASN A 603 12.25 25.44 -18.80
C ASN A 603 13.65 24.85 -18.97
N GLU A 604 14.31 25.23 -20.07
CA GLU A 604 15.67 24.75 -20.32
C GLU A 604 16.59 25.25 -19.21
N LEU A 605 16.41 26.51 -18.82
CA LEU A 605 17.19 27.08 -17.74
C LEU A 605 17.10 26.24 -16.47
N VAL A 606 15.88 25.94 -16.03
CA VAL A 606 15.70 25.18 -14.80
C VAL A 606 16.20 23.74 -14.97
N SER A 607 15.87 23.13 -16.11
CA SER A 607 16.31 21.76 -16.40
C SER A 607 17.83 21.67 -16.40
N LYS A 608 18.47 22.72 -16.93
CA LYS A 608 19.91 22.76 -17.09
C LYS A 608 20.62 22.80 -15.73
N LEU A 609 20.01 23.47 -14.76
CA LEU A 609 20.61 23.63 -13.44
C LEU A 609 20.62 22.31 -12.66
N GLN A 610 19.72 21.41 -13.02
CA GLN A 610 19.60 20.13 -12.33
C GLN A 610 20.72 19.13 -12.67
N THR A 611 21.05 18.28 -11.70
CA THR A 611 22.05 17.22 -11.87
C THR A 611 23.32 17.65 -12.59
N PRO A 612 24.11 18.54 -11.97
CA PRO A 612 25.43 18.89 -12.53
C PRO A 612 26.54 18.00 -12.00
N SER A 625 28.99 24.88 -2.26
CA SER A 625 29.07 24.46 -0.86
C SER A 625 27.99 23.43 -0.55
N ILE A 626 26.92 23.42 -1.35
CA ILE A 626 25.83 22.48 -1.14
C ILE A 626 25.06 22.29 -2.44
N MET A 627 24.02 21.46 -2.41
CA MET A 627 23.30 21.04 -3.62
C MET A 627 22.72 22.21 -4.41
N PRO A 628 22.82 22.17 -5.75
CA PRO A 628 22.19 23.17 -6.62
C PRO A 628 20.65 23.14 -6.59
N ARG A 629 20.07 21.99 -6.25
CA ARG A 629 18.63 21.87 -6.03
C ARG A 629 18.11 23.13 -5.35
N ASP A 630 18.74 23.49 -4.25
CA ASP A 630 18.52 24.77 -3.62
C ASP A 630 18.51 25.90 -4.65
N ILE A 631 19.61 26.05 -5.38
CA ILE A 631 19.74 27.16 -6.30
C ILE A 631 18.56 27.16 -7.26
N ALA A 632 18.10 25.97 -7.64
CA ALA A 632 16.93 25.86 -8.52
C ALA A 632 15.69 26.41 -7.83
N LYS A 633 15.41 25.89 -6.63
CA LYS A 633 14.22 26.31 -5.91
C LYS A 633 14.31 27.76 -5.47
N VAL A 634 15.52 28.32 -5.50
CA VAL A 634 15.71 29.73 -5.17
C VAL A 634 15.46 30.59 -6.42
N ILE A 635 16.13 30.25 -7.52
CA ILE A 635 16.06 31.09 -8.70
C ILE A 635 14.67 30.99 -9.33
N GLN A 636 14.01 29.85 -9.16
CA GLN A 636 12.67 29.68 -9.71
C GLN A 636 11.68 30.64 -9.06
N ILE A 637 11.55 30.53 -7.74
CA ILE A 637 10.71 31.44 -6.98
C ILE A 637 11.17 32.86 -7.20
N LEU A 638 12.47 33.05 -7.32
CA LEU A 638 13.01 34.38 -7.57
C LEU A 638 12.54 34.91 -8.92
N LEU A 639 12.51 34.02 -9.92
CA LEU A 639 12.05 34.39 -11.26
C LEU A 639 10.56 34.68 -11.31
N PHE A 640 9.77 33.90 -10.58
CA PHE A 640 8.32 34.14 -10.54
C PHE A 640 8.00 35.60 -10.22
N ARG A 641 8.87 36.27 -9.48
CA ARG A 641 8.69 37.68 -9.16
C ARG A 641 9.37 38.58 -10.19
N ALA A 642 10.38 38.04 -10.87
CA ALA A 642 11.26 38.85 -11.72
C ALA A 642 10.77 39.01 -13.16
N SER A 643 10.40 37.91 -13.79
CA SER A 643 10.09 37.93 -15.23
C SER A 643 8.66 38.40 -15.51
N PRO A 644 8.40 38.82 -16.76
CA PRO A 644 7.05 39.24 -17.17
C PRO A 644 6.21 38.08 -17.69
N ILE A 645 5.09 37.84 -17.05
CA ILE A 645 4.23 36.77 -17.45
C ILE A 645 2.84 37.27 -17.73
N ILE A 646 2.38 38.17 -16.89
CA ILE A 646 1.05 38.74 -16.99
C ILE A 646 1.04 40.00 -17.85
N TYR A 647 2.08 40.83 -17.72
CA TYR A 647 2.23 41.99 -18.60
C TYR A 647 3.14 41.65 -19.77
N ASN A 648 2.54 41.25 -20.89
CA ASN A 648 3.32 40.80 -22.03
C ASN A 648 2.46 40.86 -23.30
N VAL A 649 2.71 39.93 -24.23
CA VAL A 649 1.93 39.85 -25.45
C VAL A 649 0.47 39.48 -25.17
N SER A 650 0.17 39.16 -23.91
CA SER A 650 -1.22 39.04 -23.48
C SER A 650 -1.94 40.34 -23.84
N ASN A 651 -1.23 41.44 -23.69
CA ASN A 651 -1.73 42.75 -24.05
C ASN A 651 -2.42 42.70 -25.41
N ILE A 652 -1.78 42.04 -26.36
CA ILE A 652 -2.30 41.91 -27.71
C ILE A 652 -3.63 41.18 -27.71
N SER A 653 -3.83 40.27 -26.76
CA SER A 653 -5.07 39.51 -26.70
C SER A 653 -6.15 40.31 -25.97
N VAL A 654 -5.73 41.08 -24.97
CA VAL A 654 -6.67 41.94 -24.27
C VAL A 654 -7.01 43.13 -25.17
N LEU A 655 -6.08 43.45 -26.07
CA LEU A 655 -6.23 44.56 -27.01
C LEU A 655 -7.40 44.28 -27.94
N LEU A 656 -7.42 43.08 -28.51
CA LEU A 656 -8.53 42.68 -29.36
C LEU A 656 -9.81 42.68 -28.53
N ASN A 657 -10.77 43.51 -28.93
CA ASN A 657 -12.02 43.60 -28.20
C ASN A 657 -12.90 42.38 -28.47
N LEU A 658 -12.88 41.45 -27.52
CA LEU A 658 -13.51 40.15 -27.67
C LEU A 658 -15.01 40.26 -27.92
N SER A 659 -15.63 41.32 -27.40
CA SER A 659 -17.07 41.48 -27.51
C SER A 659 -17.45 42.90 -27.92
N ASN A 660 -18.32 43.01 -28.92
CA ASN A 660 -18.82 44.31 -29.36
C ASN A 660 -19.50 45.01 -28.19
N ASN A 661 -20.50 44.36 -27.62
CA ASN A 661 -21.18 44.87 -26.43
C ASN A 661 -21.29 43.76 -25.38
N SER A 662 -22.06 44.03 -24.31
CA SER A 662 -22.27 43.05 -23.25
C SER A 662 -20.97 42.66 -22.57
N ASP A 663 -21.09 41.87 -21.51
CA ASP A 663 -19.93 41.40 -20.75
C ASP A 663 -19.18 42.60 -20.16
N ALA A 664 -19.92 43.46 -19.48
CA ALA A 664 -19.33 44.62 -18.82
C ALA A 664 -18.32 44.21 -17.77
N LYS A 665 -18.54 43.04 -17.17
CA LYS A 665 -17.67 42.54 -16.11
C LYS A 665 -16.33 42.08 -16.68
N GLN A 666 -16.21 42.06 -18.01
CA GLN A 666 -14.95 41.70 -18.65
C GLN A 666 -14.22 42.97 -19.09
N LEU A 667 -14.97 43.93 -19.61
CA LEU A 667 -14.38 45.16 -20.13
C LEU A 667 -13.80 46.00 -19.01
N ASP A 668 -14.46 45.99 -17.85
CA ASP A 668 -13.96 46.74 -16.70
C ASP A 668 -12.65 46.15 -16.22
N LEU A 669 -12.46 44.85 -16.48
CA LEU A 669 -11.19 44.19 -16.17
C LEU A 669 -10.17 44.56 -17.23
N LYS A 670 -10.57 44.48 -18.50
CA LYS A 670 -9.71 44.96 -19.58
C LYS A 670 -9.13 46.32 -19.21
N ARG A 671 -10.02 47.21 -18.79
CA ARG A 671 -9.64 48.54 -18.32
C ARG A 671 -8.72 48.47 -17.11
N ARG A 672 -9.22 47.89 -16.02
CA ARG A 672 -8.44 47.76 -14.79
C ARG A 672 -7.01 47.31 -15.06
N ILE A 673 -6.85 46.38 -16.00
CA ILE A 673 -5.54 45.84 -16.34
C ILE A 673 -4.75 46.82 -17.21
N LEU A 674 -5.26 47.11 -18.40
CA LEU A 674 -4.54 47.95 -19.35
C LEU A 674 -4.25 49.32 -18.75
N ASP A 675 -5.27 49.93 -18.18
CA ASP A 675 -5.13 51.20 -17.46
C ASP A 675 -3.85 51.22 -16.63
N ASP A 676 -3.58 50.12 -15.92
CA ASP A 676 -2.40 50.03 -15.08
C ASP A 676 -1.15 49.69 -15.89
N ILE A 677 -1.28 48.78 -16.85
CA ILE A 677 -0.14 48.41 -17.69
C ILE A 677 0.42 49.64 -18.38
N SER A 678 -0.44 50.59 -18.70
CA SER A 678 0.00 51.83 -19.32
C SER A 678 0.72 52.73 -18.31
N LYS A 679 0.42 52.54 -17.03
CA LYS A 679 0.96 53.38 -15.98
C LYS A 679 2.26 52.86 -15.36
N VAL A 680 2.38 51.55 -15.16
CA VAL A 680 3.57 51.02 -14.50
C VAL A 680 4.83 51.20 -15.36
N ASN A 681 4.72 50.87 -16.65
CA ASN A 681 5.81 51.09 -17.60
C ASN A 681 5.26 51.14 -19.03
N PRO A 682 5.21 52.34 -19.64
CA PRO A 682 4.65 52.41 -20.98
C PRO A 682 5.66 52.19 -22.11
N THR A 683 6.88 51.77 -21.78
CA THR A 683 7.88 51.53 -22.81
C THR A 683 7.39 50.47 -23.78
N LEU A 684 6.52 49.58 -23.29
CA LEU A 684 6.01 48.48 -24.10
C LEU A 684 4.63 48.81 -24.65
N PHE A 685 3.86 49.58 -23.88
CA PHE A 685 2.42 49.68 -24.06
C PHE A 685 2.01 50.53 -25.27
N LYS A 686 2.68 51.66 -25.49
CA LYS A 686 2.28 52.57 -26.57
C LYS A 686 2.71 52.07 -27.96
N ASP A 687 3.56 51.05 -27.99
CA ASP A 687 4.12 50.55 -29.25
C ASP A 687 3.16 49.63 -30.03
N GLN A 688 2.42 48.78 -29.32
CA GLN A 688 1.54 47.84 -30.01
C GLN A 688 0.47 48.59 -30.78
N ILE A 689 -0.12 49.62 -30.17
CA ILE A 689 -1.15 50.40 -30.85
C ILE A 689 -0.54 51.03 -32.10
N ARG A 690 0.75 51.38 -32.01
CA ARG A 690 1.45 51.90 -33.18
C ARG A 690 1.52 50.84 -34.27
N THR A 691 1.90 49.62 -33.88
CA THR A 691 1.89 48.52 -34.84
C THR A 691 0.48 48.30 -35.40
N LEU A 692 -0.53 48.47 -34.56
CA LEU A 692 -1.93 48.33 -34.98
C LEU A 692 -2.33 49.38 -36.01
N LYS A 693 -1.87 50.61 -35.81
CA LYS A 693 -2.21 51.69 -36.74
C LYS A 693 -1.59 51.44 -38.10
N LYS B 5 41.04 45.30 36.86
CA LYS B 5 40.44 46.63 36.90
C LYS B 5 40.97 47.53 35.78
N GLY B 6 42.28 47.49 35.54
CA GLY B 6 42.87 48.36 34.54
C GLY B 6 42.84 47.76 33.15
N ALA B 7 42.24 48.50 32.22
CA ALA B 7 42.10 48.05 30.84
C ALA B 7 42.22 49.25 29.89
N VAL B 8 42.33 48.98 28.60
CA VAL B 8 42.54 50.05 27.62
C VAL B 8 41.19 50.61 27.18
N THR B 9 40.18 49.73 27.13
CA THR B 9 38.82 50.10 26.72
C THR B 9 37.95 50.36 27.94
N LYS B 10 36.94 51.23 27.82
CA LYS B 10 36.10 51.62 28.94
C LYS B 10 34.69 51.95 28.46
N LEU B 11 33.71 51.67 29.29
CA LEU B 11 32.33 51.93 28.94
C LEU B 11 32.07 53.41 28.89
N LYS B 12 31.66 53.90 27.74
CA LYS B 12 31.44 55.33 27.55
C LYS B 12 29.97 55.71 27.67
N PHE B 13 29.11 54.73 27.95
CA PHE B 13 27.70 54.99 28.17
C PHE B 13 27.46 55.17 29.66
N ASN B 14 26.83 56.28 30.03
CA ASN B 14 26.52 56.53 31.44
C ASN B 14 25.23 57.32 31.58
N SER B 15 24.13 56.74 31.08
CA SER B 15 22.81 57.30 31.26
C SER B 15 21.94 56.36 32.08
N PRO B 16 21.07 56.91 32.94
CA PRO B 16 20.25 56.04 33.79
C PRO B 16 19.27 55.21 32.96
N ILE B 17 18.83 54.08 33.52
CA ILE B 17 17.97 53.15 32.81
C ILE B 17 16.75 52.82 33.68
N ILE B 18 16.78 53.26 34.94
CA ILE B 18 15.70 52.99 35.87
C ILE B 18 14.94 54.28 36.15
N SER B 19 13.62 54.23 35.99
CA SER B 19 12.77 55.40 36.21
C SER B 19 12.25 55.46 37.64
N THR B 20 12.68 56.49 38.36
CA THR B 20 12.23 56.71 39.73
C THR B 20 11.25 57.89 39.75
N SER B 21 10.60 58.09 40.89
CA SER B 21 9.62 59.16 41.04
C SER B 21 10.22 60.55 40.82
N ASP B 22 11.42 60.76 41.34
CA ASP B 22 12.09 62.05 41.24
C ASP B 22 12.46 62.35 39.78
N GLN B 23 13.12 61.40 39.14
CA GLN B 23 13.51 61.53 37.74
C GLN B 23 12.85 60.46 36.89
N LEU B 24 12.11 60.91 35.87
CA LEU B 24 11.34 59.99 35.03
C LEU B 24 12.00 59.87 33.67
N ILE B 25 11.94 58.69 33.09
CA ILE B 25 12.49 58.45 31.76
C ILE B 25 11.34 58.05 30.84
N SER B 26 11.18 58.77 29.74
CA SER B 26 10.19 58.43 28.74
C SER B 26 10.46 57.05 28.19
N THR B 27 9.41 56.36 27.74
CA THR B 27 9.55 55.02 27.20
C THR B 27 10.48 55.06 25.98
N ASN B 28 10.27 56.03 25.12
CA ASN B 28 11.05 56.17 23.90
C ASN B 28 12.51 56.46 24.26
N GLU B 29 12.72 57.38 25.20
CA GLU B 29 14.06 57.69 25.67
C GLU B 29 14.75 56.43 26.17
N LEU B 30 14.01 55.63 26.94
CA LEU B 30 14.54 54.38 27.48
C LEU B 30 14.89 53.44 26.32
N LEU B 31 14.02 53.37 25.31
CA LEU B 31 14.33 52.59 24.12
C LEU B 31 15.66 53.02 23.52
N ASP B 32 15.78 54.31 23.20
CA ASP B 32 17.00 54.84 22.60
C ASP B 32 18.23 54.56 23.46
N ARG B 33 18.12 54.81 24.77
CA ARG B 33 19.23 54.60 25.68
C ARG B 33 19.66 53.14 25.73
N LEU B 34 18.69 52.24 25.91
CA LEU B 34 19.00 50.82 25.92
C LEU B 34 19.56 50.36 24.57
N LYS B 35 19.07 50.97 23.49
CA LYS B 35 19.64 50.70 22.17
C LYS B 35 21.12 51.06 22.15
N ALA B 36 21.42 52.29 22.56
CA ALA B 36 22.81 52.74 22.63
C ALA B 36 23.65 51.78 23.48
N LEU B 37 23.17 51.51 24.68
CA LEU B 37 23.89 50.62 25.61
C LEU B 37 24.12 49.26 24.96
N HIS B 38 23.11 48.76 24.27
CA HIS B 38 23.21 47.50 23.54
C HIS B 38 24.33 47.57 22.52
N GLU B 39 24.26 48.57 21.64
CA GLU B 39 25.25 48.78 20.60
C GLU B 39 26.66 48.87 21.18
N GLU B 40 26.82 49.63 22.25
CA GLU B 40 28.13 49.82 22.82
C GLU B 40 28.62 48.53 23.35
N LEU B 41 27.81 47.86 24.13
CA LEU B 41 28.22 46.61 24.74
C LEU B 41 28.58 45.59 23.70
N ALA B 42 27.89 45.65 22.60
CA ALA B 42 28.11 44.69 21.55
C ALA B 42 29.53 44.71 21.06
N SER B 43 30.11 45.90 21.00
CA SER B 43 31.45 46.06 20.51
C SER B 43 32.54 45.81 21.53
N LEU B 44 32.18 45.68 22.78
CA LEU B 44 33.19 45.49 23.81
C LEU B 44 34.00 44.24 23.63
N ASP B 45 35.24 44.27 24.14
CA ASP B 45 36.17 43.14 24.11
C ASP B 45 35.98 42.34 25.40
N GLN B 46 35.87 41.01 25.27
CA GLN B 46 35.65 40.13 26.42
C GLN B 46 36.73 40.06 27.50
N ASP B 47 38.00 39.98 27.12
CA ASP B 47 39.09 39.90 28.09
C ASP B 47 39.72 41.26 28.35
N ASN B 48 39.86 42.03 27.29
CA ASN B 48 40.47 43.35 27.36
C ASN B 48 39.39 44.42 27.54
N THR B 49 38.98 44.61 28.79
CA THR B 49 37.97 45.61 29.13
C THR B 49 37.92 45.84 30.62
N ASP B 50 37.69 47.09 31.00
CA ASP B 50 37.71 47.50 32.40
C ASP B 50 36.81 46.58 33.23
N LEU B 51 35.52 46.59 32.91
CA LEU B 51 34.54 45.69 33.53
C LEU B 51 34.11 46.21 34.90
N THR B 52 34.86 47.17 35.45
CA THR B 52 34.51 47.74 36.75
C THR B 52 33.41 48.78 36.58
N GLY B 53 33.55 49.62 35.56
CA GLY B 53 32.54 50.61 35.25
C GLY B 53 31.42 50.02 34.44
N LEU B 54 30.93 48.88 34.86
CA LEU B 54 29.83 48.15 34.23
C LEU B 54 28.83 47.63 35.25
N ASP B 55 29.28 47.36 36.45
CA ASP B 55 28.42 46.83 37.51
C ASP B 55 27.16 47.67 37.63
N LYS B 56 27.32 48.97 37.41
CA LYS B 56 26.24 49.94 37.46
C LYS B 56 25.03 49.43 36.68
N TYR B 57 25.28 48.88 35.50
CA TYR B 57 24.21 48.42 34.64
C TYR B 57 23.90 46.93 34.84
N ARG B 58 24.90 46.17 35.26
CA ARG B 58 24.66 44.79 35.66
C ARG B 58 23.54 44.74 36.70
N ASP B 59 23.66 45.60 37.71
CA ASP B 59 22.67 45.64 38.79
C ASP B 59 21.31 46.14 38.30
N ALA B 60 21.32 47.02 37.31
CA ALA B 60 20.08 47.66 36.84
C ALA B 60 19.29 46.75 35.91
N LEU B 61 20.01 45.96 35.12
CA LEU B 61 19.40 45.19 34.04
C LEU B 61 18.68 43.93 34.52
N VAL B 62 18.51 43.78 35.84
CA VAL B 62 17.77 42.64 36.38
C VAL B 62 16.47 43.12 37.04
N SER B 63 16.28 44.43 37.11
CA SER B 63 15.08 45.02 37.69
C SER B 63 13.83 44.57 36.95
N ARG B 64 12.84 44.08 37.69
CA ARG B 64 11.59 43.61 37.09
C ARG B 64 10.97 44.69 36.20
N LYS B 65 11.26 45.95 36.52
CA LYS B 65 10.74 47.06 35.72
C LYS B 65 11.24 46.98 34.28
N LEU B 66 12.39 46.33 34.09
CA LEU B 66 12.97 46.18 32.76
C LEU B 66 12.74 44.78 32.20
N LEU B 67 12.95 43.77 33.04
CA LEU B 67 12.82 42.38 32.61
C LEU B 67 11.42 42.08 32.10
N LYS B 68 10.42 42.43 32.91
CA LYS B 68 9.04 42.20 32.56
C LYS B 68 8.36 43.53 32.24
N HIS B 69 9.06 44.34 31.46
CA HIS B 69 8.55 45.63 31.02
C HIS B 69 7.52 45.44 29.90
N LYS B 70 6.59 46.39 29.80
CA LYS B 70 5.48 46.28 28.86
C LYS B 70 5.98 46.28 27.41
N ASP B 71 6.70 47.33 27.03
CA ASP B 71 7.20 47.46 25.67
C ASP B 71 8.15 46.31 25.32
N VAL B 72 7.85 45.61 24.24
CA VAL B 72 8.67 44.49 23.79
C VAL B 72 10.11 44.96 23.52
N GLY B 73 10.24 46.15 22.94
CA GLY B 73 11.54 46.72 22.65
C GLY B 73 12.47 46.73 23.86
N ILE B 74 11.96 47.30 24.96
CA ILE B 74 12.72 47.36 26.20
C ILE B 74 13.24 45.97 26.54
N ARG B 75 12.35 44.99 26.45
CA ARG B 75 12.70 43.62 26.79
C ARG B 75 13.77 43.06 25.85
N ALA B 76 13.61 43.29 24.56
CA ALA B 76 14.56 42.78 23.58
C ALA B 76 15.95 43.39 23.80
N PHE B 77 16.02 44.70 23.91
CA PHE B 77 17.29 45.37 24.14
C PHE B 77 17.89 44.94 25.48
N THR B 78 17.06 44.87 26.50
CA THR B 78 17.49 44.38 27.80
C THR B 78 18.08 42.98 27.64
N ALA B 79 17.42 42.14 26.87
CA ALA B 79 17.88 40.78 26.61
C ALA B 79 19.26 40.80 25.99
N CYS B 80 19.41 41.54 24.89
CA CYS B 80 20.71 41.66 24.24
C CYS B 80 21.80 42.14 25.21
N CYS B 81 21.51 43.24 25.90
CA CYS B 81 22.44 43.77 26.88
C CYS B 81 22.88 42.68 27.84
N LEU B 82 21.90 42.02 28.47
CA LEU B 82 22.18 40.95 29.41
C LEU B 82 23.01 39.84 28.75
N SER B 83 22.70 39.52 27.51
CA SER B 83 23.45 38.50 26.77
C SER B 83 24.91 38.91 26.68
N ASP B 84 25.15 40.20 26.43
CA ASP B 84 26.51 40.71 26.41
C ASP B 84 27.16 40.74 27.81
N ILE B 85 26.40 41.12 28.83
CA ILE B 85 26.91 41.12 30.20
C ILE B 85 27.41 39.71 30.54
N LEU B 86 26.55 38.72 30.36
CA LEU B 86 26.93 37.33 30.65
C LEU B 86 28.26 36.98 30.01
N ARG B 87 28.40 37.38 28.76
CA ARG B 87 29.61 37.15 27.98
C ARG B 87 30.83 37.89 28.50
N LEU B 88 30.63 39.10 29.01
CA LEU B 88 31.74 39.90 29.42
C LEU B 88 32.23 39.41 30.74
N TYR B 89 31.32 39.28 31.67
CA TYR B 89 31.68 38.84 33.01
C TYR B 89 32.17 37.39 33.03
N ALA B 90 31.88 36.66 31.96
CA ALA B 90 32.26 35.25 31.90
C ALA B 90 33.75 35.08 32.11
N PRO B 91 34.18 33.97 32.75
CA PRO B 91 33.34 32.89 33.30
C PRO B 91 33.01 33.06 34.78
N ASP B 92 33.09 34.28 35.30
CA ASP B 92 32.89 34.49 36.74
C ASP B 92 31.42 34.37 37.16
N ALA B 93 30.51 34.80 36.29
CA ALA B 93 29.08 34.68 36.55
C ALA B 93 28.68 35.29 37.89
N PRO B 94 28.66 36.63 37.99
CA PRO B 94 28.38 37.32 39.24
C PRO B 94 26.94 37.12 39.73
N TYR B 95 26.01 36.94 38.79
CA TYR B 95 24.60 36.83 39.14
C TYR B 95 24.29 35.57 39.92
N THR B 96 23.15 35.58 40.59
CA THR B 96 22.67 34.42 41.32
C THR B 96 21.81 33.56 40.41
N ASP B 97 21.69 32.28 40.72
CA ASP B 97 20.88 31.36 39.95
C ASP B 97 19.48 31.93 39.72
N ALA B 98 18.92 32.56 40.76
CA ALA B 98 17.59 33.17 40.66
C ALA B 98 17.54 34.23 39.57
N GLN B 99 18.35 35.27 39.71
CA GLN B 99 18.45 36.30 38.69
C GLN B 99 18.63 35.69 37.31
N LEU B 100 19.46 34.65 37.24
CA LEU B 100 19.79 34.03 35.97
C LEU B 100 18.57 33.33 35.38
N THR B 101 17.79 32.66 36.22
CA THR B 101 16.52 32.11 35.77
C THR B 101 15.63 33.23 35.25
N ASP B 102 15.49 34.28 36.05
CA ASP B 102 14.68 35.43 35.66
C ASP B 102 15.10 35.98 34.30
N ILE B 103 16.41 36.01 34.07
CA ILE B 103 16.94 36.42 32.78
C ILE B 103 16.55 35.39 31.72
N PHE B 104 16.72 34.11 32.04
CA PHE B 104 16.54 33.08 31.03
C PHE B 104 15.08 32.85 30.66
N LYS B 105 14.15 33.21 31.53
CA LYS B 105 12.75 33.18 31.14
C LYS B 105 12.48 34.30 30.15
N LEU B 106 13.17 35.42 30.33
CA LEU B 106 13.08 36.53 29.41
C LEU B 106 13.65 36.10 28.05
N VAL B 107 14.85 35.51 28.06
CA VAL B 107 15.42 35.07 26.78
C VAL B 107 14.48 34.08 26.11
N LEU B 108 13.92 33.14 26.89
CA LEU B 108 12.96 32.21 26.32
C LEU B 108 11.79 32.97 25.69
N SER B 109 11.27 33.96 26.39
CA SER B 109 10.25 34.83 25.82
C SER B 109 10.71 35.36 24.46
N GLN B 110 11.90 35.95 24.42
CA GLN B 110 12.43 36.50 23.18
C GLN B 110 12.47 35.45 22.06
N PHE B 111 13.01 34.27 22.37
CA PHE B 111 12.98 33.18 21.40
C PHE B 111 11.55 32.91 20.96
N GLU B 112 10.62 32.97 21.91
CA GLU B 112 9.22 32.74 21.61
C GLU B 112 8.76 33.76 20.57
N GLN B 113 9.04 35.04 20.83
CA GLN B 113 8.65 36.09 19.88
C GLN B 113 9.42 36.01 18.58
N LEU B 114 10.60 35.40 18.62
CA LEU B 114 11.43 35.29 17.43
C LEU B 114 10.73 34.49 16.35
N GLY B 115 9.88 33.57 16.74
CA GLY B 115 9.14 32.75 15.78
C GLY B 115 7.78 33.30 15.45
N ASP B 116 7.45 34.44 16.01
CA ASP B 116 6.14 35.02 15.78
C ASP B 116 6.27 35.97 14.62
N GLN B 117 5.20 36.64 14.26
CA GLN B 117 5.27 37.58 13.16
C GLN B 117 6.15 38.66 13.65
N GLU B 118 6.75 39.41 12.75
CA GLU B 118 7.70 40.40 13.19
C GLU B 118 7.11 41.31 14.20
N ASN B 119 7.90 41.54 15.23
CA ASN B 119 7.51 42.34 16.35
C ASN B 119 8.26 43.66 16.38
N GLY B 120 9.07 43.89 15.37
CA GLY B 120 9.82 45.11 15.24
C GLY B 120 11.19 45.08 15.86
N TYR B 121 11.49 43.99 16.55
CA TYR B 121 12.79 43.87 17.15
C TYR B 121 13.35 42.51 16.83
N HIS B 122 12.96 42.01 15.67
CA HIS B 122 13.38 40.70 15.24
C HIS B 122 14.88 40.68 15.13
N ILE B 123 15.44 41.80 14.70
CA ILE B 123 16.87 41.91 14.57
C ILE B 123 17.59 41.70 15.88
N GLN B 124 17.15 42.41 16.91
CA GLN B 124 17.75 42.31 18.23
C GLN B 124 17.69 40.88 18.75
N GLN B 125 16.59 40.19 18.47
CA GLN B 125 16.38 38.82 18.94
C GLN B 125 17.23 37.83 18.14
N THR B 126 17.39 38.10 16.86
CA THR B 126 18.31 37.33 16.04
C THR B 126 19.73 37.48 16.58
N TYR B 127 20.13 38.72 16.84
CA TYR B 127 21.39 39.01 17.50
C TYR B 127 21.50 38.22 18.79
N LEU B 128 20.45 38.31 19.59
CA LEU B 128 20.38 37.61 20.87
C LEU B 128 20.71 36.12 20.69
N ILE B 129 19.92 35.43 19.87
CA ILE B 129 20.11 33.99 19.71
C ILE B 129 21.49 33.69 19.14
N THR B 130 21.93 34.47 18.16
CA THR B 130 23.22 34.22 17.51
C THR B 130 24.37 34.34 18.51
N LYS B 131 24.42 35.46 19.22
CA LYS B 131 25.52 35.72 20.14
C LYS B 131 25.44 34.84 21.38
N LEU B 132 24.23 34.47 21.79
CA LEU B 132 24.07 33.53 22.90
C LEU B 132 24.72 32.19 22.57
N LEU B 133 24.87 31.90 21.29
CA LEU B 133 25.49 30.66 20.85
C LEU B 133 26.97 30.89 20.63
N GLU B 134 27.29 31.94 19.87
CA GLU B 134 28.68 32.27 19.58
C GLU B 134 29.50 32.36 20.86
N TYR B 135 29.05 33.18 21.81
CA TYR B 135 29.74 33.33 23.08
C TYR B 135 29.30 32.23 24.05
N ARG B 136 28.50 31.31 23.55
CA ARG B 136 28.14 30.08 24.27
C ARG B 136 27.61 30.38 25.67
N SER B 137 26.94 31.51 25.82
CA SER B 137 26.35 31.90 27.11
C SER B 137 25.13 31.06 27.46
N ILE B 138 24.48 30.50 26.44
CA ILE B 138 23.23 29.78 26.61
C ILE B 138 23.34 28.66 27.66
N VAL B 139 24.47 27.98 27.69
CA VAL B 139 24.60 26.76 28.50
C VAL B 139 24.48 27.06 29.99
N LEU B 140 24.60 28.33 30.37
CA LEU B 140 24.37 28.74 31.76
C LEU B 140 23.00 28.26 32.23
N LEU B 141 22.05 28.22 31.30
CA LEU B 141 20.68 27.79 31.58
C LEU B 141 20.67 26.42 32.24
N ALA B 142 21.67 25.60 31.96
CA ALA B 142 21.67 24.20 32.38
C ALA B 142 22.08 24.02 33.84
N ASP B 143 22.78 24.98 34.40
CA ASP B 143 23.31 24.86 35.76
C ASP B 143 22.40 25.58 36.75
N LEU B 144 21.10 25.55 36.48
CA LEU B 144 20.12 26.18 37.35
C LEU B 144 19.20 25.14 37.99
N PRO B 145 18.63 25.46 39.16
CA PRO B 145 17.78 24.47 39.83
C PRO B 145 16.49 24.14 39.09
N SER B 146 16.10 25.00 38.14
CA SER B 146 14.90 24.77 37.34
C SER B 146 15.27 24.40 35.91
N SER B 147 16.51 23.98 35.69
CA SER B 147 17.04 23.78 34.35
C SER B 147 16.19 22.83 33.51
N ASN B 148 15.69 21.77 34.14
CA ASN B 148 14.86 20.80 33.43
C ASN B 148 13.67 21.48 32.78
N ASN B 149 12.91 22.23 33.57
CA ASN B 149 11.75 22.95 33.08
C ASN B 149 12.12 23.91 31.96
N LEU B 150 13.15 24.71 32.17
CA LEU B 150 13.59 25.67 31.16
C LEU B 150 14.05 24.94 29.90
N LEU B 151 14.58 23.73 30.06
CA LEU B 151 14.97 22.92 28.91
C LEU B 151 13.72 22.51 28.13
N ILE B 152 12.77 21.92 28.84
CA ILE B 152 11.51 21.49 28.23
C ILE B 152 10.90 22.68 27.49
N GLU B 153 10.79 23.81 28.17
CA GLU B 153 10.23 25.01 27.57
C GLU B 153 11.03 25.41 26.32
N LEU B 154 12.34 25.50 26.47
CA LEU B 154 13.22 25.86 25.37
C LEU B 154 12.93 24.99 24.15
N PHE B 155 12.82 23.69 24.36
CA PHE B 155 12.56 22.78 23.25
C PHE B 155 11.14 22.94 22.70
N HIS B 156 10.16 23.09 23.58
CA HIS B 156 8.79 23.28 23.15
C HIS B 156 8.67 24.53 22.27
N ILE B 157 9.42 25.57 22.62
CA ILE B 157 9.43 26.80 21.84
C ILE B 157 9.66 26.52 20.36
N PHE B 158 10.77 25.87 20.04
CA PHE B 158 11.18 25.73 18.65
C PHE B 158 10.43 24.62 17.91
N TYR B 159 10.08 23.56 18.62
CA TYR B 159 9.30 22.49 18.03
C TYR B 159 7.81 22.86 17.94
N ASP B 160 7.46 24.04 18.45
CA ASP B 160 6.10 24.53 18.38
C ASP B 160 5.68 24.63 16.91
N PRO B 161 4.53 24.02 16.56
CA PRO B 161 4.14 24.12 15.15
C PRO B 161 3.49 25.46 14.81
N ASN B 162 3.03 26.17 15.84
CA ASN B 162 2.38 27.45 15.64
C ASN B 162 3.39 28.57 15.36
N LYS B 163 4.68 28.24 15.47
CA LYS B 163 5.74 29.21 15.24
C LYS B 163 6.41 28.97 13.89
N SER B 164 6.79 30.05 13.23
CA SER B 164 7.47 29.96 11.94
C SER B 164 8.81 30.67 11.99
N PHE B 165 9.86 29.95 12.37
CA PHE B 165 11.19 30.52 12.42
C PHE B 165 11.80 30.55 11.02
N PRO B 166 12.46 31.67 10.66
CA PRO B 166 13.09 31.70 9.34
C PRO B 166 14.17 30.64 9.18
N ALA B 167 14.39 30.19 7.95
CA ALA B 167 15.29 29.07 7.68
C ALA B 167 16.74 29.37 8.05
N ARG B 168 17.16 30.61 7.87
CA ARG B 168 18.57 30.99 8.09
C ARG B 168 19.03 30.65 9.51
N LEU B 169 18.11 30.65 10.47
CA LEU B 169 18.46 30.44 11.86
C LEU B 169 18.51 28.96 12.25
N PHE B 170 18.00 28.10 11.39
CA PHE B 170 17.85 26.68 11.73
C PHE B 170 19.17 26.06 12.22
N ASN B 171 20.26 26.35 11.53
CA ASN B 171 21.57 25.85 11.94
C ASN B 171 21.94 26.36 13.34
N VAL B 172 21.49 27.57 13.67
CA VAL B 172 21.76 28.17 14.97
C VAL B 172 20.86 27.53 16.01
N ILE B 173 19.58 27.37 15.67
CA ILE B 173 18.60 26.79 16.57
C ILE B 173 19.04 25.37 16.90
N GLY B 174 19.57 24.66 15.91
CA GLY B 174 20.13 23.35 16.15
C GLY B 174 21.37 23.41 17.03
N GLY B 175 22.05 24.55 17.00
CA GLY B 175 23.21 24.76 17.85
C GLY B 175 22.84 24.98 19.31
N ILE B 176 21.97 25.96 19.54
CA ILE B 176 21.49 26.26 20.89
C ILE B 176 21.06 24.99 21.60
N LEU B 177 20.09 24.31 21.02
CA LEU B 177 19.54 23.09 21.61
C LEU B 177 20.60 22.02 21.71
N GLY B 178 21.58 22.07 20.81
CA GLY B 178 22.70 21.15 20.85
C GLY B 178 23.51 21.32 22.11
N GLU B 179 24.00 22.54 22.31
CA GLU B 179 24.84 22.86 23.47
C GLU B 179 24.08 22.68 24.77
N VAL B 180 22.88 23.26 24.86
CA VAL B 180 22.15 23.27 26.12
C VAL B 180 21.85 21.84 26.60
N ILE B 181 21.63 20.92 25.67
CA ILE B 181 21.28 19.55 26.05
C ILE B 181 22.56 18.75 26.26
N SER B 182 23.65 19.19 25.65
CA SER B 182 24.93 18.53 25.82
C SER B 182 25.44 18.67 27.25
N GLU B 183 24.80 19.53 28.02
CA GLU B 183 25.18 19.76 29.41
C GLU B 183 24.33 18.92 30.36
N PHE B 184 23.32 18.25 29.82
CA PHE B 184 22.39 17.46 30.63
C PHE B 184 22.76 15.98 30.68
N ASP B 185 22.57 15.39 31.85
CA ASP B 185 22.78 13.95 32.03
C ASP B 185 21.47 13.19 31.90
N SER B 186 20.47 13.63 32.66
CA SER B 186 19.13 13.05 32.57
C SER B 186 18.17 14.06 31.95
N VAL B 187 17.90 13.89 30.66
CA VAL B 187 17.00 14.79 29.95
C VAL B 187 15.57 14.33 30.16
N PRO B 188 14.67 15.25 30.54
CA PRO B 188 13.27 14.83 30.67
C PRO B 188 12.75 14.16 29.40
N LEU B 189 12.10 13.01 29.57
CA LEU B 189 11.58 12.23 28.45
C LEU B 189 10.85 13.13 27.47
N GLU B 190 10.11 14.11 28.00
CA GLU B 190 9.32 15.03 27.19
C GLU B 190 10.13 15.56 26.02
N VAL B 191 11.32 16.08 26.32
CA VAL B 191 12.18 16.65 25.29
C VAL B 191 12.52 15.59 24.24
N LEU B 192 12.77 14.36 24.69
CA LEU B 192 13.22 13.31 23.79
C LEU B 192 12.08 12.79 22.90
N ARG B 193 10.90 12.61 23.47
CA ARG B 193 9.73 12.32 22.64
C ARG B 193 9.53 13.47 21.65
N LEU B 194 9.72 14.70 22.14
CA LEU B 194 9.66 15.88 21.29
C LEU B 194 10.60 15.76 20.10
N ILE B 195 11.88 15.52 20.37
CA ILE B 195 12.89 15.46 19.31
C ILE B 195 12.63 14.29 18.38
N PHE B 196 12.35 13.11 18.94
CA PHE B 196 12.31 11.89 18.15
C PHE B 196 11.01 11.67 17.39
N ASN B 197 9.87 12.02 17.98
CA ASN B 197 8.59 11.85 17.28
C ASN B 197 8.58 12.58 15.96
N LYS B 198 9.40 13.62 15.85
CA LYS B 198 9.45 14.45 14.66
C LYS B 198 9.87 13.62 13.43
N PHE B 199 10.63 12.56 13.66
CA PHE B 199 11.01 11.66 12.59
C PHE B 199 9.79 10.90 12.07
N LEU B 200 8.87 10.59 12.96
CA LEU B 200 7.65 9.87 12.61
C LEU B 200 6.65 10.80 11.91
N THR B 201 6.50 12.00 12.44
CA THR B 201 5.40 12.87 12.06
C THR B 201 5.71 13.78 10.88
N TYR B 202 6.96 13.80 10.45
CA TYR B 202 7.35 14.59 9.28
C TYR B 202 8.26 13.78 8.36
N ASN B 203 7.70 13.33 7.25
CA ASN B 203 8.48 12.58 6.26
C ASN B 203 8.69 13.48 5.04
N PRO B 204 9.96 13.81 4.73
CA PRO B 204 10.22 14.70 3.58
C PRO B 204 9.84 14.13 2.20
N ASN B 205 9.28 12.92 2.14
CA ASN B 205 8.84 12.38 0.86
C ASN B 205 7.31 12.34 0.76
N GLU B 206 6.64 12.86 1.79
CA GLU B 206 5.18 12.93 1.82
C GLU B 206 4.70 14.29 1.30
N ILE B 207 5.54 15.30 1.44
CA ILE B 207 5.16 16.69 1.20
C ILE B 207 5.60 17.24 -0.17
N PRO B 208 6.43 16.51 -0.93
CA PRO B 208 6.67 17.12 -2.24
C PRO B 208 5.44 17.16 -3.16
N GLU B 209 5.16 18.34 -3.69
CA GLU B 209 4.01 18.53 -4.58
C GLU B 209 4.06 19.89 -5.29
N GLY B 210 5.07 20.08 -6.14
CA GLY B 210 5.22 21.30 -6.90
C GLY B 210 6.64 21.84 -6.95
N LEU B 211 7.04 22.56 -5.90
CA LEU B 211 8.32 23.26 -5.87
C LEU B 211 9.21 22.79 -4.72
N ASN B 212 8.62 22.14 -3.72
CA ASN B 212 9.37 21.68 -2.56
C ASN B 212 10.02 22.83 -1.79
N VAL B 213 9.37 23.99 -1.78
CA VAL B 213 9.94 25.15 -1.09
C VAL B 213 9.76 24.97 0.42
N THR B 214 8.90 24.03 0.81
CA THR B 214 8.59 23.82 2.21
C THR B 214 9.83 23.44 3.00
N SER B 215 9.86 23.81 4.28
CA SER B 215 10.89 23.37 5.21
C SER B 215 10.32 23.46 6.62
N ASP B 216 10.96 22.78 7.57
CA ASP B 216 10.45 22.75 8.93
C ASP B 216 11.58 22.77 9.95
N CYS B 217 11.45 23.69 10.91
CA CYS B 217 12.46 23.89 11.94
C CYS B 217 12.70 22.60 12.73
N GLY B 218 11.66 22.11 13.39
CA GLY B 218 11.79 20.98 14.29
C GLY B 218 12.51 19.78 13.71
N TYR B 219 12.23 19.45 12.45
CA TYR B 219 12.83 18.28 11.82
C TYR B 219 14.32 18.50 11.58
N GLU B 220 14.64 19.56 10.83
CA GLU B 220 16.02 19.91 10.55
C GLU B 220 16.80 20.00 11.86
N VAL B 221 16.15 20.54 12.89
CA VAL B 221 16.76 20.63 14.21
C VAL B 221 17.04 19.24 14.74
N SER B 222 16.03 18.37 14.70
CA SER B 222 16.20 17.00 15.17
C SER B 222 17.37 16.32 14.46
N LEU B 223 17.47 16.52 13.15
CA LEU B 223 18.58 15.95 12.39
C LEU B 223 19.91 16.54 12.83
N ILE B 224 19.98 17.86 12.94
CA ILE B 224 21.19 18.53 13.40
C ILE B 224 21.61 17.95 14.75
N LEU B 225 20.66 17.79 15.66
CA LEU B 225 20.95 17.23 16.97
C LEU B 225 21.43 15.79 16.84
N CYS B 226 20.76 15.01 15.99
CA CYS B 226 21.09 13.60 15.84
C CYS B 226 22.30 13.37 14.95
N ASP B 227 22.73 14.41 14.23
CA ASP B 227 23.89 14.31 13.35
C ASP B 227 25.11 14.93 14.01
N THR B 228 25.03 16.23 14.28
CA THR B 228 26.17 16.98 14.82
C THR B 228 26.45 16.59 16.27
N TYR B 229 25.40 16.20 16.98
CA TYR B 229 25.54 15.80 18.39
C TYR B 229 25.17 14.33 18.57
N SER B 230 25.51 13.52 17.57
CA SER B 230 25.19 12.10 17.57
C SER B 230 25.75 11.42 18.81
N ASN B 231 27.03 11.65 19.07
CA ASN B 231 27.71 11.04 20.21
C ASN B 231 26.99 11.37 21.50
N ARG B 232 26.33 12.53 21.53
CA ARG B 232 25.68 13.01 22.73
C ARG B 232 24.22 12.55 22.77
N MET B 233 23.65 12.32 21.59
CA MET B 233 22.24 11.97 21.50
C MET B 233 21.98 10.47 21.62
N SER B 234 22.79 9.66 20.96
CA SER B 234 22.65 8.20 21.03
C SER B 234 22.45 7.76 22.48
N ARG B 235 23.32 8.28 23.34
CA ARG B 235 23.28 8.05 24.77
C ARG B 235 21.87 8.23 25.30
N HIS B 236 21.17 9.24 24.78
CA HIS B 236 19.79 9.49 25.18
C HIS B 236 18.81 8.59 24.44
N LEU B 237 19.06 8.38 23.15
CA LEU B 237 18.20 7.53 22.32
C LEU B 237 17.97 6.20 23.01
N THR B 238 19.04 5.61 23.51
CA THR B 238 18.93 4.38 24.29
C THR B 238 17.89 4.54 25.40
N LYS B 239 18.06 5.60 26.20
CA LYS B 239 17.18 5.89 27.32
C LYS B 239 15.75 6.12 26.85
N TYR B 240 15.60 6.74 25.68
CA TYR B 240 14.28 7.00 25.13
C TYR B 240 13.60 5.67 24.83
N TYR B 241 14.28 4.81 24.10
CA TYR B 241 13.74 3.49 23.77
C TYR B 241 13.33 2.77 25.06
N SER B 242 14.29 2.57 25.95
CA SER B 242 14.04 1.82 27.18
C SER B 242 12.90 2.42 28.00
N GLU B 243 12.91 3.75 28.16
CA GLU B 243 11.88 4.41 28.97
C GLU B 243 10.51 4.33 28.32
N ILE B 244 10.47 4.50 27.00
CA ILE B 244 9.21 4.40 26.28
C ILE B 244 8.65 3.01 26.48
N ILE B 245 9.47 1.98 26.29
CA ILE B 245 9.02 0.62 26.52
C ILE B 245 8.58 0.44 27.96
N HIS B 246 9.37 0.95 28.90
CA HIS B 246 9.04 0.77 30.32
C HIS B 246 7.70 1.40 30.64
N GLU B 247 7.45 2.59 30.11
CA GLU B 247 6.20 3.29 30.34
C GLU B 247 5.05 2.52 29.72
N ALA B 248 5.24 2.11 28.46
CA ALA B 248 4.21 1.36 27.75
C ALA B 248 3.86 0.05 28.46
N THR B 249 4.87 -0.65 28.94
CA THR B 249 4.65 -1.95 29.59
C THR B 249 3.70 -1.81 30.77
N ASN B 250 4.07 -0.99 31.75
CA ASN B 250 3.29 -0.81 32.97
C ASN B 250 2.08 0.10 32.79
N ASP B 251 1.78 0.46 31.54
CA ASP B 251 0.72 1.42 31.24
C ASP B 251 -0.70 0.91 31.59
N ASP B 252 -0.79 -0.25 32.22
CA ASP B 252 -2.09 -0.79 32.65
C ASP B 252 -2.89 -1.25 31.44
N ASN B 253 -3.03 -0.39 30.44
CA ASN B 253 -3.56 -0.80 29.15
C ASN B 253 -2.63 -1.88 28.63
N ASN B 254 -3.17 -3.07 28.42
CA ASN B 254 -2.33 -4.23 28.13
C ASN B 254 -2.00 -4.38 26.65
N SER B 255 -2.71 -3.65 25.81
CA SER B 255 -2.50 -3.71 24.36
C SER B 255 -1.69 -2.51 23.88
N ARG B 256 -1.10 -1.78 24.81
CA ARG B 256 -0.38 -0.55 24.51
C ARG B 256 1.03 -0.88 24.00
N LEU B 257 1.70 -1.76 24.74
CA LEU B 257 3.09 -2.11 24.48
C LEU B 257 3.37 -2.42 23.02
N LEU B 258 2.58 -3.33 22.45
CA LEU B 258 2.76 -3.71 21.05
C LEU B 258 2.69 -2.50 20.14
N THR B 259 1.65 -1.69 20.33
CA THR B 259 1.47 -0.50 19.51
C THR B 259 2.66 0.43 19.67
N VAL B 260 3.22 0.49 20.87
CA VAL B 260 4.37 1.34 21.12
C VAL B 260 5.65 0.79 20.49
N VAL B 261 5.88 -0.52 20.59
CA VAL B 261 7.09 -1.10 20.05
C VAL B 261 7.07 -1.02 18.53
N VAL B 262 5.90 -1.26 17.94
CA VAL B 262 5.78 -1.18 16.49
C VAL B 262 6.09 0.24 16.02
N LYS B 263 5.91 1.22 16.91
CA LYS B 263 6.19 2.61 16.57
C LYS B 263 7.67 2.92 16.77
N LEU B 264 8.22 2.47 17.90
CA LEU B 264 9.65 2.58 18.11
C LEU B 264 10.40 2.00 16.91
N HIS B 265 9.96 0.84 16.45
CA HIS B 265 10.58 0.21 15.28
C HIS B 265 10.55 1.14 14.06
N LYS B 266 9.47 1.91 13.92
CA LYS B 266 9.36 2.86 12.83
C LYS B 266 10.35 4.01 13.03
N LEU B 267 10.43 4.50 14.26
CA LEU B 267 11.43 5.50 14.64
C LEU B 267 12.81 5.02 14.20
N VAL B 268 13.14 3.80 14.59
CA VAL B 268 14.41 3.17 14.21
C VAL B 268 14.54 3.18 12.69
N LEU B 269 13.53 2.67 12.00
CA LEU B 269 13.59 2.54 10.55
C LEU B 269 13.86 3.89 9.90
N ARG B 270 13.31 4.96 10.46
CA ARG B 270 13.59 6.30 9.95
C ARG B 270 15.04 6.70 10.28
N LEU B 271 15.44 6.49 11.52
CA LEU B 271 16.80 6.86 11.94
C LEU B 271 17.86 6.18 11.08
N TRP B 272 17.66 4.90 10.74
CA TRP B 272 18.62 4.21 9.90
C TRP B 272 18.71 4.88 8.55
N GLU B 273 17.58 5.33 8.03
CA GLU B 273 17.54 5.97 6.73
C GLU B 273 18.20 7.34 6.76
N THR B 274 17.98 8.09 7.84
CA THR B 274 18.52 9.45 7.91
C THR B 274 19.88 9.50 8.63
N VAL B 275 20.02 8.81 9.76
CA VAL B 275 21.26 8.89 10.54
C VAL B 275 21.69 7.51 11.04
N PRO B 276 22.10 6.63 10.12
CA PRO B 276 22.35 5.21 10.43
C PRO B 276 23.34 4.96 11.56
N GLU B 277 24.17 5.96 11.86
CA GLU B 277 25.18 5.82 12.91
C GLU B 277 24.54 5.67 14.28
N LEU B 278 23.32 6.17 14.43
CA LEU B 278 22.64 6.18 15.72
C LEU B 278 22.05 4.82 16.08
N ILE B 279 21.69 4.03 15.08
CA ILE B 279 21.04 2.74 15.29
C ILE B 279 21.84 1.89 16.26
N ASN B 280 23.15 2.15 16.31
CA ASN B 280 24.04 1.45 17.25
C ASN B 280 23.49 1.56 18.67
N ALA B 281 22.78 2.65 18.95
CA ALA B 281 22.33 2.97 20.29
C ALA B 281 21.23 2.02 20.79
N VAL B 282 20.54 1.38 19.86
CA VAL B 282 19.40 0.54 20.21
C VAL B 282 19.46 -0.82 19.52
N ILE B 283 20.50 -1.04 18.73
CA ILE B 283 20.61 -2.27 17.96
C ILE B 283 20.58 -3.48 18.88
N GLY B 284 21.09 -3.31 20.10
CA GLY B 284 21.10 -4.38 21.09
C GLY B 284 19.71 -4.77 21.52
N PHE B 285 18.85 -3.79 21.76
CA PHE B 285 17.46 -4.05 22.12
C PHE B 285 16.80 -4.93 21.08
N ILE B 286 16.97 -4.56 19.81
CA ILE B 286 16.43 -5.32 18.70
C ILE B 286 17.01 -6.72 18.76
N TYR B 287 18.34 -6.81 18.83
CA TYR B 287 19.02 -8.10 18.91
C TYR B 287 18.36 -8.98 19.96
N HIS B 288 18.10 -8.42 21.14
CA HIS B 288 17.46 -9.18 22.21
C HIS B 288 15.96 -9.40 21.95
N GLU B 289 15.34 -8.48 21.23
CA GLU B 289 13.93 -8.62 20.90
C GLU B 289 13.68 -9.79 19.97
N LEU B 290 14.60 -9.98 19.02
CA LEU B 290 14.49 -11.10 18.09
C LEU B 290 14.41 -12.44 18.84
N SER B 291 15.09 -12.53 19.98
CA SER B 291 15.11 -13.76 20.76
C SER B 291 14.20 -13.67 21.98
N SER B 292 13.17 -12.84 21.88
CA SER B 292 12.24 -12.61 22.98
C SER B 292 11.31 -13.80 23.20
N GLU B 293 10.79 -13.91 24.41
CA GLU B 293 9.87 -15.00 24.75
C GLU B 293 8.58 -14.89 23.94
N ASN B 294 8.09 -13.67 23.77
CA ASN B 294 6.84 -13.43 23.05
C ASN B 294 7.08 -13.41 21.55
N GLU B 295 6.37 -14.28 20.83
CA GLU B 295 6.55 -14.41 19.39
C GLU B 295 6.29 -13.10 18.65
N LEU B 296 5.27 -12.37 19.09
CA LEU B 296 4.86 -11.16 18.39
C LEU B 296 6.00 -10.14 18.30
N PHE B 297 6.74 -9.97 19.39
CA PHE B 297 7.86 -9.02 19.40
C PHE B 297 8.99 -9.53 18.51
N ARG B 298 9.17 -10.85 18.46
CA ARG B 298 10.11 -11.45 17.51
C ARG B 298 9.69 -11.10 16.10
N LYS B 299 8.41 -11.27 15.83
CA LYS B 299 7.82 -11.00 14.52
C LYS B 299 8.09 -9.57 14.09
N GLU B 300 7.70 -8.62 14.93
CA GLU B 300 7.90 -7.21 14.63
C GLU B 300 9.38 -6.91 14.46
N ALA B 301 10.19 -7.35 15.41
CA ALA B 301 11.62 -7.13 15.36
C ALA B 301 12.22 -7.68 14.06
N THR B 302 11.77 -8.87 13.68
CA THR B 302 12.22 -9.51 12.45
C THR B 302 11.90 -8.66 11.24
N LYS B 303 10.62 -8.33 11.08
CA LYS B 303 10.22 -7.54 9.92
C LYS B 303 11.00 -6.24 9.88
N LEU B 304 11.19 -5.61 11.04
CA LEU B 304 11.94 -4.34 11.10
C LEU B 304 13.26 -4.46 10.36
N ILE B 305 14.12 -5.38 10.80
CA ILE B 305 15.41 -5.57 10.15
C ILE B 305 15.16 -5.90 8.70
N GLY B 306 14.08 -6.64 8.44
CA GLY B 306 13.64 -6.83 7.06
C GLY B 306 13.51 -5.51 6.33
N GLN B 307 12.87 -4.53 6.97
CA GLN B 307 12.66 -3.22 6.35
C GLN B 307 13.98 -2.49 6.18
N ILE B 308 14.85 -2.59 7.19
CA ILE B 308 16.15 -1.93 7.14
C ILE B 308 16.90 -2.33 5.87
N LEU B 309 16.96 -3.63 5.61
CA LEU B 309 17.79 -4.19 4.55
C LEU B 309 17.38 -3.72 3.14
N THR B 310 16.25 -3.04 3.01
CA THR B 310 15.77 -2.64 1.69
C THR B 310 15.88 -1.14 1.45
N SER B 311 16.37 -0.39 2.44
CA SER B 311 16.43 1.06 2.33
C SER B 311 17.81 1.53 1.89
N TYR B 312 17.83 2.51 1.00
CA TYR B 312 19.08 3.15 0.60
C TYR B 312 19.70 3.86 1.81
N SER B 313 20.97 3.56 2.07
CA SER B 313 21.66 4.16 3.21
C SER B 313 23.14 4.34 2.92
N ASP B 314 23.69 5.45 3.37
CA ASP B 314 25.12 5.72 3.22
C ASP B 314 25.93 4.62 3.89
N LEU B 315 25.35 3.99 4.91
CA LEU B 315 26.00 2.90 5.63
C LEU B 315 25.45 1.56 5.12
N ASN B 316 26.07 0.46 5.57
CA ASN B 316 25.68 -0.87 5.14
C ASN B 316 25.43 -1.74 6.37
N PHE B 317 24.24 -2.32 6.45
CA PHE B 317 23.79 -2.96 7.68
C PHE B 317 24.50 -4.28 7.97
N VAL B 318 24.65 -5.12 6.96
CA VAL B 318 25.22 -6.44 7.17
C VAL B 318 26.68 -6.32 7.61
N SER B 319 27.36 -5.30 7.12
CA SER B 319 28.72 -5.02 7.55
C SER B 319 28.75 -4.46 8.97
N THR B 320 27.97 -3.41 9.20
CA THR B 320 28.00 -2.69 10.47
C THR B 320 27.51 -3.55 11.63
N HIS B 321 26.29 -4.08 11.49
CA HIS B 321 25.67 -4.84 12.57
C HIS B 321 25.44 -6.29 12.18
N SER B 322 26.49 -6.93 11.66
CA SER B 322 26.42 -8.33 11.26
C SER B 322 25.83 -9.18 12.39
N ASP B 323 26.24 -8.86 13.61
CA ASP B 323 25.78 -9.57 14.80
C ASP B 323 24.29 -9.89 14.76
N THR B 324 23.48 -8.91 14.38
CA THR B 324 22.03 -9.05 14.40
C THR B 324 21.47 -9.56 13.08
N PHE B 325 22.13 -9.19 11.98
CA PHE B 325 21.75 -9.68 10.66
C PHE B 325 21.83 -11.20 10.67
N LYS B 326 22.89 -11.73 11.29
CA LYS B 326 23.01 -13.15 11.51
C LYS B 326 21.84 -13.67 12.33
N ALA B 327 21.46 -12.90 13.34
CA ALA B 327 20.34 -13.24 14.20
C ALA B 327 19.02 -13.12 13.44
N TRP B 328 19.01 -12.30 12.40
CA TRP B 328 17.84 -12.15 11.56
C TRP B 328 17.68 -13.38 10.68
N ILE B 329 18.75 -13.75 9.99
CA ILE B 329 18.73 -14.96 9.17
C ILE B 329 18.59 -16.20 10.07
N SER B 330 18.82 -16.02 11.36
CA SER B 330 18.64 -17.11 12.32
C SER B 330 17.16 -17.42 12.58
N LYS B 331 16.28 -16.67 11.93
CA LYS B 331 14.85 -16.78 12.22
C LYS B 331 14.14 -17.75 11.30
N ILE B 332 14.89 -18.46 10.46
CA ILE B 332 14.33 -19.53 9.67
C ILE B 332 14.14 -20.78 10.52
N ALA B 333 14.52 -20.69 11.79
CA ALA B 333 14.37 -21.81 12.72
C ALA B 333 13.66 -21.38 14.00
N ASP B 334 12.87 -20.32 13.91
CA ASP B 334 12.09 -19.87 15.06
C ASP B 334 10.91 -20.80 15.30
N ILE B 335 10.63 -21.08 16.57
CA ILE B 335 9.56 -22.00 16.94
C ILE B 335 8.25 -21.53 16.30
N SER B 336 8.04 -20.22 16.27
CA SER B 336 6.79 -19.64 15.78
C SER B 336 6.77 -19.53 14.25
N PRO B 337 5.84 -20.24 13.58
CA PRO B 337 5.78 -20.16 12.12
C PRO B 337 5.50 -18.75 11.60
N ASP B 338 4.69 -17.98 12.33
CA ASP B 338 4.41 -16.60 11.94
C ASP B 338 5.69 -15.82 11.71
N VAL B 339 6.68 -16.05 12.57
CA VAL B 339 7.96 -15.36 12.48
C VAL B 339 8.66 -15.79 11.19
N ARG B 340 8.67 -17.10 10.93
CA ARG B 340 9.30 -17.63 9.74
C ARG B 340 8.67 -17.01 8.49
N VAL B 341 7.34 -16.99 8.46
CA VAL B 341 6.61 -16.39 7.35
C VAL B 341 6.99 -14.92 7.23
N GLU B 342 7.00 -14.23 8.35
CA GLU B 342 7.32 -12.81 8.38
C GLU B 342 8.69 -12.58 7.75
N TRP B 343 9.65 -13.42 8.12
CA TRP B 343 10.97 -13.36 7.51
C TRP B 343 10.89 -13.60 6.01
N THR B 344 10.26 -14.72 5.62
CA THR B 344 10.26 -15.14 4.23
C THR B 344 9.55 -14.11 3.34
N GLU B 345 8.60 -13.38 3.90
CA GLU B 345 7.83 -12.40 3.12
C GLU B 345 8.66 -11.20 2.67
N SER B 346 9.77 -10.92 3.35
CA SER B 346 10.51 -9.68 3.10
C SER B 346 11.53 -9.80 1.98
N ILE B 347 11.89 -11.04 1.64
CA ILE B 347 13.02 -11.31 0.76
C ILE B 347 12.81 -10.75 -0.65
N PRO B 348 11.65 -11.01 -1.27
CA PRO B 348 11.44 -10.57 -2.65
C PRO B 348 11.89 -9.12 -2.90
N GLN B 349 11.54 -8.23 -1.98
CA GLN B 349 11.91 -6.83 -2.09
C GLN B 349 13.42 -6.66 -1.85
N ILE B 350 13.94 -7.37 -0.86
CA ILE B 350 15.37 -7.33 -0.55
C ILE B 350 16.20 -7.70 -1.77
N ILE B 351 16.03 -8.93 -2.25
CA ILE B 351 16.82 -9.44 -3.36
C ILE B 351 16.80 -8.46 -4.53
N ALA B 352 15.62 -7.93 -4.84
CA ALA B 352 15.48 -6.99 -5.95
C ALA B 352 16.18 -5.67 -5.64
N THR B 353 16.49 -5.45 -4.37
CA THR B 353 17.12 -4.20 -3.94
C THR B 353 18.58 -4.41 -3.55
N ARG B 354 18.96 -5.64 -3.26
CA ARG B 354 20.35 -5.87 -2.90
C ARG B 354 20.96 -7.16 -3.42
N GLU B 355 22.16 -7.03 -3.97
CA GLU B 355 22.97 -8.17 -4.39
C GLU B 355 24.03 -8.42 -3.32
N ASP B 356 23.98 -7.62 -2.27
CA ASP B 356 24.95 -7.67 -1.18
C ASP B 356 25.04 -9.08 -0.61
N ILE B 357 23.90 -9.79 -0.61
CA ILE B 357 23.86 -11.12 -0.01
C ILE B 357 23.33 -12.10 -1.05
N SER B 358 24.04 -13.22 -1.21
CA SER B 358 23.54 -14.35 -1.97
C SER B 358 24.05 -15.67 -1.38
N LYS B 359 24.66 -15.58 -0.21
CA LYS B 359 25.29 -16.72 0.45
C LYS B 359 24.39 -17.24 1.55
N GLU B 360 24.12 -16.39 2.53
CA GLU B 360 23.24 -16.76 3.63
C GLU B 360 21.81 -17.01 3.14
N LEU B 361 21.36 -16.18 2.20
CA LEU B 361 20.05 -16.38 1.60
C LEU B 361 19.94 -17.76 0.97
N ASN B 362 20.83 -18.06 0.03
CA ASN B 362 20.86 -19.36 -0.60
C ASN B 362 20.97 -20.46 0.45
N GLN B 363 21.75 -20.21 1.50
CA GLN B 363 21.83 -21.12 2.64
C GLN B 363 20.46 -21.32 3.29
N ALA B 364 19.73 -20.22 3.46
CA ALA B 364 18.49 -20.22 4.23
C ALA B 364 17.29 -20.77 3.46
N LEU B 365 17.05 -20.23 2.27
CA LEU B 365 15.90 -20.63 1.47
C LEU B 365 15.81 -22.15 1.30
N ALA B 366 16.96 -22.81 1.18
CA ALA B 366 17.00 -24.27 1.11
C ALA B 366 16.27 -24.85 2.30
N LYS B 367 16.51 -24.25 3.47
CA LYS B 367 15.88 -24.65 4.72
C LYS B 367 14.42 -24.20 4.75
N THR B 368 14.17 -23.01 4.22
CA THR B 368 12.83 -22.43 4.18
C THR B 368 11.93 -23.20 3.24
N PHE B 369 12.51 -23.84 2.23
CA PHE B 369 11.74 -24.54 1.21
C PHE B 369 11.28 -25.92 1.64
N ILE B 370 11.74 -26.38 2.81
CA ILE B 370 11.36 -27.71 3.27
C ILE B 370 10.79 -27.60 4.68
N ASP B 371 10.29 -26.42 5.01
CA ASP B 371 9.75 -26.20 6.34
C ASP B 371 8.50 -27.04 6.51
N SER B 372 8.21 -27.43 7.75
CA SER B 372 7.08 -28.29 8.02
C SER B 372 5.76 -27.58 7.75
N ASP B 373 5.75 -26.26 7.93
CA ASP B 373 4.55 -25.47 7.72
C ASP B 373 4.42 -25.09 6.24
N PRO B 374 3.24 -25.34 5.63
CA PRO B 374 3.09 -25.06 4.20
C PRO B 374 3.07 -23.57 3.89
N ARG B 375 2.77 -22.76 4.90
CA ARG B 375 2.72 -21.31 4.73
C ARG B 375 4.08 -20.75 4.30
N VAL B 376 5.12 -21.12 5.05
CA VAL B 376 6.46 -20.60 4.75
C VAL B 376 6.86 -21.08 3.37
N ARG B 377 6.58 -22.34 3.08
CA ARG B 377 6.85 -22.93 1.77
C ARG B 377 6.18 -22.13 0.65
N ARG B 378 4.87 -21.87 0.80
CA ARG B 378 4.17 -21.06 -0.17
C ARG B 378 4.86 -19.70 -0.33
N THR B 379 5.08 -19.03 0.78
CA THR B 379 5.71 -17.72 0.74
C THR B 379 7.13 -17.82 0.18
N SER B 380 7.73 -19.00 0.28
CA SER B 380 9.03 -19.23 -0.32
C SER B 380 8.91 -19.27 -1.84
N VAL B 381 8.04 -20.13 -2.36
CA VAL B 381 7.89 -20.23 -3.79
C VAL B 381 7.43 -18.90 -4.38
N MET B 382 6.67 -18.14 -3.59
CA MET B 382 6.21 -16.81 -4.04
C MET B 382 7.36 -15.92 -4.54
N ILE B 383 8.58 -16.21 -4.09
CA ILE B 383 9.73 -15.44 -4.55
C ILE B 383 9.76 -15.48 -6.07
N PHE B 384 9.85 -16.68 -6.63
CA PHE B 384 9.88 -16.86 -8.08
C PHE B 384 8.72 -16.15 -8.78
N ASN B 385 7.68 -15.82 -8.04
CA ASN B 385 6.52 -15.16 -8.61
C ASN B 385 6.63 -13.64 -8.53
N LYS B 386 7.14 -13.12 -7.42
CA LYS B 386 7.15 -11.68 -7.21
C LYS B 386 8.38 -10.96 -7.79
N VAL B 387 9.57 -11.57 -7.67
CA VAL B 387 10.78 -10.91 -8.15
C VAL B 387 11.05 -11.29 -9.61
N PRO B 388 11.51 -10.33 -10.44
CA PRO B 388 11.78 -10.62 -11.86
C PRO B 388 12.79 -11.74 -12.09
N VAL B 389 12.58 -12.49 -13.17
CA VAL B 389 13.37 -13.67 -13.52
C VAL B 389 14.88 -13.43 -13.42
N THR B 390 15.35 -12.33 -13.98
CA THR B 390 16.77 -12.02 -14.01
C THR B 390 17.37 -12.08 -12.60
N GLU B 391 16.78 -11.31 -11.70
CA GLU B 391 17.27 -11.21 -10.33
C GLU B 391 17.29 -12.57 -9.66
N ILE B 392 16.33 -13.42 -10.01
CA ILE B 392 16.36 -14.80 -9.53
C ILE B 392 17.60 -15.49 -10.05
N TRP B 393 17.73 -15.54 -11.37
CA TRP B 393 18.85 -16.23 -12.01
C TRP B 393 20.19 -15.78 -11.45
N LYS B 394 20.33 -14.48 -11.21
CA LYS B 394 21.58 -13.94 -10.67
C LYS B 394 21.76 -14.17 -9.17
N ASN B 395 20.76 -13.81 -8.36
CA ASN B 395 20.94 -13.80 -6.92
C ASN B 395 20.91 -15.20 -6.30
N ILE B 396 19.87 -15.97 -6.58
CA ILE B 396 19.78 -17.33 -6.04
C ILE B 396 20.28 -18.33 -7.07
N THR B 397 21.16 -19.22 -6.64
CA THR B 397 21.83 -20.15 -7.55
C THR B 397 21.85 -21.57 -6.99
N ASN B 398 21.49 -21.72 -5.72
CA ASN B 398 21.56 -23.01 -5.05
C ASN B 398 20.64 -24.04 -5.70
N LYS B 399 21.21 -25.21 -5.96
CA LYS B 399 20.52 -26.40 -6.47
C LYS B 399 19.19 -26.63 -5.73
N ALA B 400 19.27 -26.68 -4.41
CA ALA B 400 18.15 -27.08 -3.57
C ALA B 400 16.92 -26.21 -3.82
N ILE B 401 17.12 -24.92 -4.06
CA ILE B 401 16.00 -24.02 -4.26
C ILE B 401 15.18 -24.48 -5.45
N TYR B 402 15.82 -24.59 -6.61
CA TYR B 402 15.12 -25.01 -7.82
C TYR B 402 14.54 -26.41 -7.70
N THR B 403 15.34 -27.35 -7.20
CA THR B 403 14.83 -28.72 -7.07
C THR B 403 13.62 -28.77 -6.16
N SER B 404 13.71 -28.11 -5.01
CA SER B 404 12.59 -28.04 -4.08
C SER B 404 11.39 -27.39 -4.75
N LEU B 405 11.65 -26.28 -5.45
CA LEU B 405 10.60 -25.59 -6.19
C LEU B 405 9.84 -26.57 -7.07
N LEU B 406 10.53 -27.20 -8.01
CA LEU B 406 9.84 -28.14 -8.90
C LEU B 406 9.29 -29.33 -8.10
N HIS B 407 9.99 -29.70 -7.04
CA HIS B 407 9.61 -30.87 -6.23
C HIS B 407 8.25 -30.68 -5.55
N LEU B 408 8.01 -29.49 -5.01
CA LEU B 408 6.76 -29.22 -4.31
C LEU B 408 5.54 -29.34 -5.21
N ALA B 409 5.76 -29.38 -6.52
CA ALA B 409 4.65 -29.49 -7.46
C ALA B 409 3.92 -30.82 -7.34
N ARG B 410 4.58 -31.82 -6.74
CA ARG B 410 3.97 -33.13 -6.56
C ARG B 410 3.62 -33.44 -5.12
N GLU B 411 3.57 -32.41 -4.28
CA GLU B 411 3.30 -32.60 -2.86
C GLU B 411 1.80 -32.78 -2.61
N LYS B 412 1.47 -33.48 -1.54
CA LYS B 412 0.07 -33.71 -1.16
C LYS B 412 -0.66 -32.39 -0.95
N HIS B 413 -0.06 -31.49 -0.17
CA HIS B 413 -0.66 -30.19 0.11
C HIS B 413 -1.06 -29.49 -1.19
N LYS B 414 -2.30 -29.02 -1.24
CA LYS B 414 -2.90 -28.50 -2.46
C LYS B 414 -2.47 -27.06 -2.75
N GLU B 415 -2.63 -26.19 -1.75
CA GLU B 415 -2.37 -24.76 -1.92
C GLU B 415 -0.93 -24.53 -2.38
N VAL B 416 -0.02 -25.36 -1.89
CA VAL B 416 1.37 -25.32 -2.33
C VAL B 416 1.45 -25.80 -3.77
N ARG B 417 0.89 -26.98 -4.03
CA ARG B 417 0.94 -27.61 -5.34
C ARG B 417 0.56 -26.61 -6.43
N GLU B 418 -0.59 -25.98 -6.24
CA GLU B 418 -1.15 -25.09 -7.24
C GLU B 418 -0.21 -23.93 -7.58
N LEU B 419 0.13 -23.15 -6.57
CA LEU B 419 1.05 -22.02 -6.73
C LEU B 419 2.35 -22.49 -7.36
N CYS B 420 2.84 -23.64 -6.90
CA CYS B 420 4.04 -24.23 -7.45
C CYS B 420 3.92 -24.41 -8.97
N ILE B 421 2.89 -25.14 -9.37
CA ILE B 421 2.65 -25.42 -10.78
C ILE B 421 2.60 -24.13 -11.58
N ASN B 422 1.73 -23.22 -11.18
CA ASN B 422 1.57 -21.97 -11.94
C ASN B 422 2.90 -21.21 -12.00
N THR B 423 3.54 -21.08 -10.85
CA THR B 423 4.75 -20.28 -10.71
C THR B 423 5.86 -20.79 -11.61
N MET B 424 6.20 -22.07 -11.50
CA MET B 424 7.34 -22.59 -12.25
C MET B 424 7.06 -22.53 -13.75
N ALA B 425 5.78 -22.47 -14.11
CA ALA B 425 5.39 -22.31 -15.50
C ALA B 425 5.66 -20.88 -15.95
N LYS B 426 5.13 -19.91 -15.21
CA LYS B 426 5.42 -18.51 -15.52
C LYS B 426 6.92 -18.29 -15.59
N PHE B 427 7.64 -18.94 -14.68
CA PHE B 427 9.08 -18.83 -14.64
C PHE B 427 9.68 -19.43 -15.91
N TYR B 428 9.25 -20.64 -16.27
CA TYR B 428 9.72 -21.25 -17.51
C TYR B 428 9.54 -20.29 -18.67
N SER B 429 8.32 -19.80 -18.85
CA SER B 429 8.02 -18.88 -19.94
C SER B 429 8.98 -17.69 -19.91
N ASN B 430 8.99 -16.96 -18.80
CA ASN B 430 9.87 -15.79 -18.69
C ASN B 430 11.35 -16.17 -18.74
N SER B 431 11.68 -17.39 -18.30
CA SER B 431 13.07 -17.80 -18.19
C SER B 431 13.69 -18.19 -19.54
N LEU B 432 12.93 -18.09 -20.62
CA LEU B 432 13.49 -18.30 -21.95
C LEU B 432 13.33 -17.02 -22.78
N ASN B 433 12.25 -16.27 -22.51
CA ASN B 433 11.97 -15.05 -23.24
C ASN B 433 12.83 -13.86 -22.81
N GLU B 434 13.70 -14.07 -21.81
CA GLU B 434 14.44 -12.95 -21.24
C GLU B 434 15.90 -13.28 -20.90
N ILE B 435 16.16 -14.50 -20.44
CA ILE B 435 17.50 -14.85 -19.97
C ILE B 435 18.20 -15.81 -20.93
N GLU B 436 19.44 -15.49 -21.29
CA GLU B 436 20.25 -16.32 -22.17
C GLU B 436 21.03 -17.36 -21.37
N ARG B 437 21.86 -18.14 -22.05
CA ARG B 437 22.58 -19.25 -21.43
C ARG B 437 24.07 -18.98 -21.29
N THR B 438 24.66 -19.46 -20.20
CA THR B 438 26.12 -19.37 -20.00
C THR B 438 26.70 -20.74 -19.59
N TYR B 439 27.88 -20.73 -18.98
CA TYR B 439 28.60 -21.97 -18.68
C TYR B 439 28.17 -22.64 -17.38
N GLN B 440 27.61 -21.87 -16.45
CA GLN B 440 27.34 -22.39 -15.12
C GLN B 440 25.85 -22.31 -14.79
N ASN B 441 25.13 -21.44 -15.48
CA ASN B 441 23.69 -21.36 -15.29
C ASN B 441 23.01 -22.44 -16.11
N LYS B 442 23.74 -23.03 -17.05
CA LYS B 442 23.23 -24.15 -17.82
C LYS B 442 22.90 -25.29 -16.86
N GLU B 443 23.70 -25.39 -15.80
CA GLU B 443 23.50 -26.40 -14.77
C GLU B 443 22.14 -26.22 -14.13
N ILE B 444 21.63 -25.00 -14.18
CA ILE B 444 20.32 -24.70 -13.61
C ILE B 444 19.30 -24.82 -14.74
N TRP B 445 19.73 -24.53 -15.97
CA TRP B 445 18.85 -24.68 -17.12
C TRP B 445 18.43 -26.13 -17.30
N GLU B 446 19.34 -27.07 -16.99
CA GLU B 446 19.01 -28.49 -17.14
C GLU B 446 17.91 -28.90 -16.16
N ILE B 447 17.63 -28.06 -15.17
CA ILE B 447 16.50 -28.28 -14.27
C ILE B 447 15.31 -27.48 -14.78
N ILE B 448 15.56 -26.24 -15.18
CA ILE B 448 14.52 -25.37 -15.72
C ILE B 448 14.00 -25.97 -17.03
N ASP B 449 14.79 -26.83 -17.65
CA ASP B 449 14.41 -27.42 -18.93
C ASP B 449 13.49 -28.62 -18.74
N THR B 450 13.43 -29.14 -17.51
CA THR B 450 12.58 -30.27 -17.20
C THR B 450 11.19 -29.84 -16.73
N ILE B 451 10.89 -28.55 -16.86
CA ILE B 451 9.59 -28.04 -16.43
C ILE B 451 8.48 -28.62 -17.31
N PRO B 452 8.61 -28.53 -18.64
CA PRO B 452 7.50 -29.00 -19.48
C PRO B 452 7.17 -30.48 -19.28
N SER B 453 8.20 -31.32 -19.22
CA SER B 453 7.99 -32.75 -18.98
C SER B 453 7.26 -32.96 -17.67
N THR B 454 7.81 -32.40 -16.59
CA THR B 454 7.18 -32.50 -15.28
C THR B 454 5.71 -32.09 -15.35
N LEU B 455 5.43 -30.93 -15.95
CA LEU B 455 4.04 -30.49 -16.11
C LEU B 455 3.20 -31.52 -16.82
N TYR B 456 3.66 -31.99 -17.98
CA TYR B 456 2.87 -32.94 -18.76
C TYR B 456 2.72 -34.28 -18.06
N ASN B 457 3.68 -34.64 -17.22
CA ASN B 457 3.58 -35.87 -16.44
C ASN B 457 2.51 -35.81 -15.36
N LEU B 458 2.11 -34.58 -14.98
CA LEU B 458 1.13 -34.40 -13.92
C LEU B 458 -0.24 -34.95 -14.31
N TYR B 459 -0.56 -34.88 -15.60
CA TYR B 459 -1.84 -35.40 -16.10
C TYR B 459 -2.09 -36.83 -15.66
N TYR B 460 -1.02 -37.58 -15.48
CA TYR B 460 -1.11 -39.01 -15.16
C TYR B 460 -1.71 -39.25 -13.78
N ILE B 461 -1.73 -38.22 -12.94
CA ILE B 461 -2.32 -38.35 -11.61
C ILE B 461 -3.82 -38.52 -11.75
N ASN B 462 -4.37 -38.00 -12.86
CA ASN B 462 -5.77 -38.21 -13.20
C ASN B 462 -6.65 -37.47 -12.20
N ASP B 463 -6.24 -36.26 -11.85
CA ASP B 463 -7.06 -35.39 -11.02
C ASP B 463 -7.66 -34.31 -11.91
N LEU B 464 -8.98 -34.16 -11.84
CA LEU B 464 -9.69 -33.21 -12.68
C LEU B 464 -9.19 -31.78 -12.44
N ASN B 465 -9.09 -31.39 -11.18
CA ASN B 465 -8.62 -30.05 -10.82
C ASN B 465 -7.22 -29.79 -11.36
N ILE B 466 -6.31 -30.72 -11.10
CA ILE B 466 -4.93 -30.58 -11.54
C ILE B 466 -4.92 -30.47 -13.06
N ASN B 467 -5.57 -31.42 -13.73
CA ASN B 467 -5.64 -31.40 -15.18
C ASN B 467 -6.16 -30.07 -15.70
N GLU B 468 -7.21 -29.56 -15.07
CA GLU B 468 -7.74 -28.25 -15.40
C GLU B 468 -6.68 -27.17 -15.25
N GLN B 469 -5.98 -27.17 -14.11
CA GLN B 469 -4.98 -26.14 -13.86
C GLN B 469 -3.85 -26.22 -14.88
N VAL B 470 -3.29 -27.41 -15.07
CA VAL B 470 -2.19 -27.59 -16.01
C VAL B 470 -2.66 -27.18 -17.40
N ASP B 471 -3.88 -27.57 -17.76
CA ASP B 471 -4.48 -27.11 -19.00
C ASP B 471 -4.39 -25.58 -19.08
N SER B 472 -4.94 -24.92 -18.06
CA SER B 472 -4.91 -23.45 -18.00
C SER B 472 -3.50 -22.91 -18.12
N VAL B 473 -2.56 -23.54 -17.41
CA VAL B 473 -1.21 -23.02 -17.28
C VAL B 473 -0.47 -23.14 -18.61
N ILE B 474 -0.60 -24.30 -19.25
CA ILE B 474 0.11 -24.56 -20.50
C ILE B 474 -0.20 -23.49 -21.54
N PHE B 475 -1.48 -23.26 -21.79
CA PHE B 475 -1.89 -22.35 -22.85
C PHE B 475 -1.80 -20.88 -22.45
N GLU B 476 -1.35 -20.62 -21.22
CA GLU B 476 -1.16 -19.25 -20.77
C GLU B 476 0.32 -18.86 -20.84
N TYR B 477 1.19 -19.80 -20.50
CA TYR B 477 2.62 -19.49 -20.37
C TYR B 477 3.53 -20.34 -21.25
N LEU B 478 3.19 -21.62 -21.43
CA LEU B 478 4.04 -22.51 -22.22
C LEU B 478 3.71 -22.39 -23.70
N LEU B 479 2.46 -22.66 -24.06
CA LEU B 479 2.01 -22.61 -25.43
C LEU B 479 0.95 -21.53 -25.59
N PRO B 480 1.38 -20.27 -25.58
CA PRO B 480 0.44 -19.16 -25.78
C PRO B 480 -0.14 -19.12 -27.18
N PHE B 481 -1.15 -18.26 -27.35
CA PHE B 481 -1.81 -18.08 -28.63
C PHE B 481 -1.09 -16.99 -29.42
N GLU B 482 -0.14 -16.34 -28.76
CA GLU B 482 0.57 -15.20 -29.35
C GLU B 482 1.84 -15.60 -30.11
N PRO B 483 2.30 -14.75 -31.04
CA PRO B 483 1.57 -13.63 -31.64
C PRO B 483 1.18 -13.90 -33.09
N ASP B 484 1.96 -14.74 -33.76
CA ASP B 484 1.71 -15.07 -35.16
C ASP B 484 2.20 -16.49 -35.46
N ASN B 485 1.72 -17.05 -36.57
CA ASN B 485 1.97 -18.45 -36.92
C ASN B 485 3.45 -18.76 -37.02
N ASP B 486 4.26 -17.78 -37.42
CA ASP B 486 5.62 -18.06 -37.82
C ASP B 486 6.49 -18.56 -36.66
N LYS B 487 6.43 -17.89 -35.52
CA LYS B 487 7.35 -18.19 -34.42
C LYS B 487 6.85 -19.26 -33.46
N ARG B 488 5.54 -19.33 -33.23
CA ARG B 488 4.97 -20.27 -32.25
C ARG B 488 5.63 -21.63 -32.27
N VAL B 489 5.79 -22.19 -33.48
CA VAL B 489 6.34 -23.52 -33.61
C VAL B 489 7.77 -23.55 -33.10
N HIS B 490 8.56 -22.56 -33.50
CA HIS B 490 9.97 -22.50 -33.11
C HIS B 490 10.15 -22.76 -31.60
N ARG B 491 9.30 -22.14 -30.78
CA ARG B 491 9.39 -22.33 -29.33
C ARG B 491 8.63 -23.57 -28.87
N LEU B 492 7.51 -23.87 -29.54
CA LEU B 492 6.73 -25.06 -29.28
C LEU B 492 7.70 -26.25 -29.27
N LEU B 493 8.57 -26.29 -30.27
CA LEU B 493 9.61 -27.32 -30.34
C LEU B 493 10.52 -27.25 -29.12
N THR B 494 10.84 -26.03 -28.68
CA THR B 494 11.74 -25.85 -27.55
C THR B 494 11.12 -26.34 -26.24
N VAL B 495 9.81 -26.20 -26.10
CA VAL B 495 9.15 -26.77 -24.92
C VAL B 495 9.10 -28.29 -25.10
N LEU B 496 8.78 -28.74 -26.31
CA LEU B 496 8.78 -30.18 -26.58
C LEU B 496 10.20 -30.75 -26.63
N SER B 497 11.19 -29.87 -26.72
CA SER B 497 12.58 -30.27 -26.82
C SER B 497 12.97 -31.31 -25.77
N HIS B 498 12.62 -31.05 -24.52
CA HIS B 498 13.00 -31.93 -23.42
C HIS B 498 11.82 -32.70 -22.85
N PHE B 499 11.43 -33.77 -23.53
CA PHE B 499 10.36 -34.66 -23.08
C PHE B 499 10.85 -36.07 -22.85
N ASP B 500 10.26 -36.77 -21.87
CA ASP B 500 10.42 -38.20 -21.74
C ASP B 500 9.26 -38.85 -22.49
N LYS B 501 9.29 -40.18 -22.64
CA LYS B 501 8.30 -40.86 -23.45
C LYS B 501 6.88 -40.60 -22.93
N LYS B 502 6.72 -40.63 -21.61
CA LYS B 502 5.43 -40.35 -21.00
C LYS B 502 4.86 -39.02 -21.47
N ALA B 503 5.69 -37.98 -21.40
CA ALA B 503 5.28 -36.65 -21.80
C ALA B 503 4.76 -36.65 -23.24
N PHE B 504 5.42 -37.42 -24.10
CA PHE B 504 5.01 -37.55 -25.49
C PHE B 504 3.68 -38.28 -25.59
N THR B 505 3.60 -39.45 -24.94
CA THR B 505 2.37 -40.24 -24.96
C THR B 505 1.17 -39.41 -24.50
N SER B 506 1.37 -38.64 -23.44
CA SER B 506 0.31 -37.79 -22.92
C SER B 506 0.04 -36.63 -23.87
N PHE B 507 1.11 -36.04 -24.38
CA PHE B 507 1.01 -34.95 -25.35
C PHE B 507 0.17 -35.37 -26.55
N PHE B 508 0.39 -36.60 -27.03
CA PHE B 508 -0.33 -37.12 -28.18
C PHE B 508 -1.75 -37.51 -27.80
N ALA B 509 -1.89 -38.18 -26.65
CA ALA B 509 -3.20 -38.56 -26.15
C ALA B 509 -4.11 -37.34 -26.07
N PHE B 510 -3.57 -36.25 -25.52
CA PHE B 510 -4.31 -35.00 -25.38
C PHE B 510 -4.90 -34.56 -26.72
N ASN B 511 -4.19 -34.86 -27.81
CA ASN B 511 -4.67 -34.50 -29.15
C ASN B 511 -5.55 -35.57 -29.78
N ALA B 512 -5.32 -36.83 -29.43
CA ALA B 512 -6.19 -37.89 -29.88
C ALA B 512 -7.58 -37.64 -29.30
N ARG B 513 -7.57 -37.13 -28.07
CA ARG B 513 -8.78 -36.74 -27.37
C ARG B 513 -9.42 -35.49 -27.99
N GLN B 514 -8.58 -34.56 -28.44
CA GLN B 514 -9.05 -33.27 -28.97
C GLN B 514 -10.07 -33.48 -30.06
N ILE B 515 -9.79 -34.42 -30.96
CA ILE B 515 -10.66 -34.63 -32.11
C ILE B 515 -11.98 -35.25 -31.66
N LYS B 516 -11.92 -36.12 -30.66
CA LYS B 516 -13.13 -36.75 -30.15
C LYS B 516 -13.99 -35.75 -29.37
N ILE B 517 -13.34 -34.81 -28.69
CA ILE B 517 -14.07 -33.76 -27.99
C ILE B 517 -14.72 -32.84 -29.01
N SER B 518 -13.93 -32.41 -30.00
CA SER B 518 -14.46 -31.61 -31.10
C SER B 518 -15.63 -32.35 -31.74
N PHE B 519 -15.44 -33.64 -31.96
CA PHE B 519 -16.43 -34.52 -32.55
C PHE B 519 -17.73 -34.55 -31.73
N ALA B 520 -17.65 -34.07 -30.49
CA ALA B 520 -18.82 -34.03 -29.61
C ALA B 520 -19.43 -32.62 -29.52
N ILE B 521 -18.59 -31.62 -29.27
CA ILE B 521 -19.08 -30.25 -29.12
C ILE B 521 -19.65 -29.79 -30.46
N SER B 522 -19.02 -30.21 -31.55
CA SER B 522 -19.55 -29.93 -32.87
C SER B 522 -20.95 -30.53 -32.96
N LYS B 523 -21.07 -31.76 -32.47
CA LYS B 523 -22.33 -32.49 -32.47
C LYS B 523 -23.34 -31.90 -31.49
N TYR B 524 -22.85 -31.24 -30.44
CA TYR B 524 -23.70 -30.67 -29.40
C TYR B 524 -24.76 -29.70 -29.94
N ILE B 525 -24.34 -28.66 -30.66
CA ILE B 525 -25.31 -27.75 -31.27
C ILE B 525 -26.06 -28.49 -32.36
N ASP B 526 -25.32 -29.32 -33.11
CA ASP B 526 -25.91 -30.13 -34.17
C ASP B 526 -26.99 -31.02 -33.59
N PHE B 527 -26.89 -31.31 -32.30
CA PHE B 527 -27.91 -32.10 -31.59
C PHE B 527 -28.93 -31.16 -30.95
N SER B 528 -28.49 -29.96 -30.61
CA SER B 528 -29.37 -28.95 -30.00
C SER B 528 -30.32 -28.34 -31.03
N LYS B 529 -29.97 -28.43 -32.30
CA LYS B 529 -30.77 -27.82 -33.35
C LYS B 529 -32.19 -28.34 -33.39
N PHE B 530 -32.42 -29.50 -32.79
CA PHE B 530 -33.74 -30.11 -32.84
C PHE B 530 -34.79 -29.12 -32.33
N ILE B 544 -34.70 -39.74 -31.65
CA ILE B 544 -33.86 -40.91 -31.43
C ILE B 544 -32.49 -40.48 -30.91
N VAL B 545 -32.00 -39.36 -31.42
CA VAL B 545 -30.69 -38.83 -31.03
C VAL B 545 -30.86 -37.97 -29.78
N MET B 546 -32.09 -37.56 -29.50
CA MET B 546 -32.39 -36.69 -28.37
C MET B 546 -31.87 -37.27 -27.06
N ASN B 547 -31.99 -38.59 -26.89
CA ASN B 547 -31.47 -39.23 -25.69
C ASN B 547 -30.00 -39.62 -25.85
N LYS B 548 -29.38 -39.13 -26.93
CA LYS B 548 -27.94 -39.20 -27.11
C LYS B 548 -27.34 -37.84 -26.76
N TYR B 549 -28.08 -36.79 -27.09
CA TYR B 549 -27.71 -35.43 -26.72
C TYR B 549 -27.46 -35.35 -25.21
N ASN B 550 -28.38 -35.93 -24.44
CA ASN B 550 -28.24 -35.97 -22.99
C ASN B 550 -26.95 -36.67 -22.56
N GLN B 551 -26.59 -37.74 -23.27
CA GLN B 551 -25.44 -38.56 -22.89
C GLN B 551 -24.13 -37.92 -23.33
N THR B 552 -24.15 -37.25 -24.47
CA THR B 552 -22.95 -36.55 -24.93
C THR B 552 -22.77 -35.31 -24.08
N LEU B 553 -23.88 -34.63 -23.78
CA LEU B 553 -23.82 -33.40 -23.00
C LEU B 553 -23.42 -33.71 -21.57
N GLN B 554 -23.82 -34.86 -21.03
CA GLN B 554 -23.31 -35.24 -19.72
C GLN B 554 -21.87 -35.72 -19.87
N TRP B 555 -21.58 -36.38 -20.98
CA TRP B 555 -20.24 -36.89 -21.25
C TRP B 555 -19.20 -35.77 -21.33
N LEU B 556 -19.55 -34.65 -21.95
CA LEU B 556 -18.58 -33.57 -22.17
C LEU B 556 -18.17 -32.97 -20.84
N ALA B 557 -19.03 -33.08 -19.83
CA ALA B 557 -18.76 -32.48 -18.53
C ALA B 557 -18.07 -33.48 -17.60
N SER B 558 -17.77 -34.65 -18.13
CA SER B 558 -17.16 -35.72 -17.33
C SER B 558 -15.67 -35.47 -17.11
N GLY B 559 -15.09 -34.58 -17.92
CA GLY B 559 -13.68 -34.27 -17.82
C GLY B 559 -13.43 -33.13 -16.86
N LEU B 560 -14.51 -32.53 -16.38
CA LEU B 560 -14.39 -31.35 -15.54
C LEU B 560 -14.57 -31.66 -14.06
N SER B 561 -13.85 -30.91 -13.23
CA SER B 561 -13.93 -31.05 -11.78
C SER B 561 -15.37 -30.83 -11.32
N ASP B 562 -16.01 -29.81 -11.89
CA ASP B 562 -17.38 -29.49 -11.54
C ASP B 562 -18.31 -29.63 -12.74
N SER B 563 -18.69 -30.87 -13.06
CA SER B 563 -19.60 -31.14 -14.16
C SER B 563 -20.95 -30.45 -13.95
N THR B 564 -21.38 -30.40 -12.70
CA THR B 564 -22.66 -29.83 -12.32
C THR B 564 -22.74 -28.34 -12.61
N LYS B 565 -21.59 -27.75 -12.92
CA LYS B 565 -21.51 -26.34 -13.30
C LYS B 565 -21.48 -26.23 -14.83
N ALA B 566 -21.10 -27.33 -15.51
CA ALA B 566 -21.02 -27.37 -16.96
C ALA B 566 -22.41 -27.63 -17.53
N ILE B 567 -23.05 -28.67 -17.01
CA ILE B 567 -24.37 -29.05 -17.49
C ILE B 567 -25.35 -27.88 -17.36
N ASP B 568 -25.16 -27.04 -16.34
CA ASP B 568 -25.96 -25.83 -16.19
C ASP B 568 -25.52 -24.76 -17.20
N ALA B 569 -24.21 -24.70 -17.41
CA ALA B 569 -23.62 -23.68 -18.26
C ALA B 569 -24.15 -23.82 -19.68
N LEU B 570 -24.10 -25.03 -20.20
CA LEU B 570 -24.46 -25.24 -21.59
C LEU B 570 -25.96 -25.05 -21.79
N GLU B 571 -26.74 -25.31 -20.75
CA GLU B 571 -28.16 -25.00 -20.80
C GLU B 571 -28.36 -23.49 -20.81
N THR B 572 -27.55 -22.79 -20.02
CA THR B 572 -27.62 -21.33 -20.02
C THR B 572 -27.21 -20.71 -21.36
N ILE B 573 -26.23 -21.31 -22.06
CA ILE B 573 -25.92 -20.81 -23.40
C ILE B 573 -26.98 -21.25 -24.43
N LYS B 574 -27.47 -22.48 -24.29
CA LYS B 574 -28.52 -23.01 -25.17
C LYS B 574 -29.86 -22.33 -24.92
N GLN B 575 -30.04 -21.77 -23.74
CA GLN B 575 -31.28 -21.06 -23.42
C GLN B 575 -31.65 -20.09 -24.54
N PHE B 576 -30.66 -19.41 -25.10
CA PHE B 576 -30.90 -18.54 -26.24
C PHE B 576 -31.44 -19.32 -27.44
N ASN B 577 -30.64 -20.29 -27.89
CA ASN B 577 -31.01 -21.14 -29.02
C ASN B 577 -31.30 -20.30 -30.26
N ARG B 580 -24.81 -15.53 -32.77
CA ARG B 580 -23.41 -15.28 -33.10
C ARG B 580 -22.51 -16.30 -32.41
N ILE B 581 -22.65 -16.42 -31.10
CA ILE B 581 -21.80 -17.29 -30.27
C ILE B 581 -21.75 -18.71 -30.83
N PHE B 582 -22.88 -19.20 -31.32
CA PHE B 582 -22.96 -20.56 -31.84
C PHE B 582 -21.94 -20.73 -32.98
N TYR B 583 -21.87 -19.72 -33.84
CA TYR B 583 -20.94 -19.72 -34.96
C TYR B 583 -19.51 -19.68 -34.45
N LEU B 584 -19.27 -18.91 -33.40
CA LEU B 584 -17.93 -18.82 -32.80
C LEU B 584 -17.52 -20.20 -32.30
N LEU B 585 -18.41 -20.86 -31.55
CA LEU B 585 -18.12 -22.20 -31.06
C LEU B 585 -17.78 -23.12 -32.23
N ASN B 586 -18.71 -23.23 -33.19
CA ASN B 586 -18.48 -24.10 -34.34
C ASN B 586 -17.13 -23.75 -34.95
N ALA B 587 -16.85 -22.46 -35.08
CA ALA B 587 -15.59 -22.01 -35.66
C ALA B 587 -14.41 -22.51 -34.83
N CYS B 588 -14.56 -22.44 -33.51
CA CYS B 588 -13.50 -22.87 -32.60
C CYS B 588 -13.33 -24.38 -32.62
N VAL B 589 -14.40 -25.12 -32.90
CA VAL B 589 -14.38 -26.56 -32.73
C VAL B 589 -14.31 -27.35 -34.05
N THR B 590 -14.62 -26.71 -35.18
CA THR B 590 -14.74 -27.44 -36.45
C THR B 590 -13.43 -28.11 -36.90
N ASN B 591 -12.32 -27.79 -36.26
CA ASN B 591 -11.00 -28.23 -36.72
C ASN B 591 -10.67 -27.60 -38.07
N ASP B 592 -9.38 -27.62 -38.45
CA ASP B 592 -8.95 -27.00 -39.69
C ASP B 592 -9.47 -25.57 -39.79
N ILE B 593 -8.92 -24.70 -38.95
CA ILE B 593 -9.32 -23.30 -38.91
C ILE B 593 -8.06 -22.44 -39.00
N PRO B 594 -8.09 -21.37 -39.81
CA PRO B 594 -6.93 -20.48 -39.76
C PRO B 594 -6.71 -19.98 -38.34
N PHE B 595 -5.57 -20.33 -37.74
CA PHE B 595 -5.32 -20.08 -36.33
C PHE B 595 -5.54 -18.60 -35.98
N LEU B 596 -5.44 -17.73 -36.98
CA LEU B 596 -5.59 -16.30 -36.75
C LEU B 596 -7.00 -15.98 -36.27
N THR B 597 -8.00 -16.48 -36.99
CA THR B 597 -9.38 -16.16 -36.68
C THR B 597 -9.78 -16.81 -35.36
N PHE B 598 -9.21 -17.98 -35.09
CA PHE B 598 -9.47 -18.70 -33.84
C PHE B 598 -9.33 -17.76 -32.65
N LYS B 599 -8.22 -17.06 -32.59
CA LYS B 599 -7.97 -16.07 -31.54
C LYS B 599 -9.08 -15.03 -31.48
N ASN B 600 -9.45 -14.49 -32.64
CA ASN B 600 -10.41 -13.41 -32.72
C ASN B 600 -11.82 -13.82 -32.26
N CYS B 601 -12.28 -14.98 -32.72
CA CYS B 601 -13.58 -15.48 -32.27
C CYS B 601 -13.49 -15.92 -30.82
N TYR B 602 -12.37 -16.50 -30.44
CA TYR B 602 -12.18 -17.00 -29.08
C TYR B 602 -12.24 -15.88 -28.04
N ASN B 603 -11.49 -14.80 -28.28
CA ASN B 603 -11.37 -13.71 -27.31
C ASN B 603 -12.70 -12.99 -27.08
N GLU B 604 -13.39 -12.66 -28.17
CA GLU B 604 -14.67 -11.95 -28.08
C GLU B 604 -15.69 -12.78 -27.31
N LEU B 605 -15.72 -14.07 -27.58
CA LEU B 605 -16.64 -14.98 -26.91
C LEU B 605 -16.50 -14.88 -25.41
N VAL B 606 -15.28 -15.04 -24.91
CA VAL B 606 -15.04 -15.02 -23.47
C VAL B 606 -15.28 -13.61 -22.93
N SER B 607 -14.80 -12.59 -23.64
CA SER B 607 -14.96 -11.22 -23.17
C SER B 607 -16.42 -10.86 -22.96
N LYS B 608 -17.28 -11.21 -23.92
CA LYS B 608 -18.70 -10.94 -23.76
C LYS B 608 -19.34 -11.90 -22.76
N LEU B 609 -18.91 -13.15 -22.80
CA LEU B 609 -19.51 -14.19 -21.96
C LEU B 609 -19.15 -14.00 -20.48
N GLN B 610 -18.05 -13.28 -20.22
CA GLN B 610 -17.64 -13.03 -18.84
C GLN B 610 -18.61 -12.09 -18.13
N THR B 611 -18.70 -10.85 -18.61
CA THR B 611 -19.61 -9.87 -18.03
C THR B 611 -20.39 -9.14 -19.13
N ASP B 630 -19.16 -15.57 -14.88
CA ASP B 630 -19.21 -16.85 -14.19
C ASP B 630 -18.94 -18.00 -15.16
N ILE B 631 -19.84 -18.15 -16.13
CA ILE B 631 -19.79 -19.23 -17.10
C ILE B 631 -18.49 -19.23 -17.89
N ALA B 632 -17.89 -18.05 -18.03
CA ALA B 632 -16.67 -17.90 -18.82
C ALA B 632 -15.59 -18.90 -18.39
N LYS B 633 -15.39 -19.04 -17.09
CA LYS B 633 -14.35 -19.93 -16.58
C LYS B 633 -14.63 -21.40 -16.96
N VAL B 634 -15.85 -21.68 -17.39
CA VAL B 634 -16.25 -23.05 -17.71
C VAL B 634 -15.91 -23.43 -19.16
N ILE B 635 -16.32 -22.62 -20.12
CA ILE B 635 -16.17 -22.98 -21.53
C ILE B 635 -14.71 -22.94 -21.99
N GLN B 636 -13.91 -22.11 -21.36
CA GLN B 636 -12.50 -21.94 -21.74
C GLN B 636 -11.72 -23.24 -21.59
N ILE B 637 -11.79 -23.81 -20.40
CA ILE B 637 -11.10 -25.06 -20.12
C ILE B 637 -11.53 -26.13 -21.12
N LEU B 638 -12.82 -26.14 -21.46
CA LEU B 638 -13.35 -27.11 -22.42
C LEU B 638 -12.73 -26.82 -23.78
N LEU B 639 -12.61 -25.54 -24.11
CA LEU B 639 -12.04 -25.14 -25.39
C LEU B 639 -10.57 -25.53 -25.48
N PHE B 640 -9.84 -25.34 -24.38
CA PHE B 640 -8.43 -25.71 -24.32
C PHE B 640 -8.24 -27.19 -24.67
N ARG B 641 -9.20 -28.02 -24.30
CA ARG B 641 -9.14 -29.44 -24.63
C ARG B 641 -9.86 -29.74 -25.94
N ALA B 642 -10.83 -28.90 -26.30
CA ALA B 642 -11.70 -29.17 -27.43
C ALA B 642 -11.15 -28.63 -28.75
N SER B 643 -10.71 -27.37 -28.74
CA SER B 643 -10.31 -26.70 -29.97
C SER B 643 -8.88 -27.05 -30.39
N PRO B 644 -8.55 -26.83 -31.67
CA PRO B 644 -7.20 -27.10 -32.20
C PRO B 644 -6.26 -25.90 -32.08
N ILE B 645 -5.17 -26.05 -31.35
CA ILE B 645 -4.22 -24.95 -31.16
C ILE B 645 -2.86 -25.35 -31.70
N ILE B 646 -2.35 -26.52 -31.30
CA ILE B 646 -1.01 -26.93 -31.67
C ILE B 646 -1.04 -27.67 -33.00
N TYR B 647 -2.07 -28.50 -33.19
CA TYR B 647 -2.30 -29.13 -34.48
C TYR B 647 -3.27 -28.28 -35.28
N ASN B 648 -2.73 -27.43 -36.15
CA ASN B 648 -3.53 -26.46 -36.87
C ASN B 648 -2.78 -26.02 -38.13
N VAL B 649 -2.98 -24.76 -38.53
CA VAL B 649 -2.26 -24.20 -39.66
C VAL B 649 -0.77 -24.12 -39.39
N SER B 650 -0.36 -24.42 -38.16
CA SER B 650 1.06 -24.58 -37.87
C SER B 650 1.70 -25.61 -38.79
N ASN B 651 0.98 -26.68 -39.07
CA ASN B 651 1.47 -27.78 -39.90
C ASN B 651 2.17 -27.34 -41.19
N ILE B 652 1.55 -26.45 -41.94
CA ILE B 652 2.17 -25.97 -43.18
C ILE B 652 3.49 -25.28 -42.86
N SER B 653 3.57 -24.71 -41.67
CA SER B 653 4.78 -24.04 -41.21
C SER B 653 5.77 -25.04 -40.64
N VAL B 654 5.27 -26.12 -40.04
CA VAL B 654 6.13 -27.17 -39.51
C VAL B 654 6.75 -27.95 -40.66
N LEU B 655 6.02 -28.03 -41.77
CA LEU B 655 6.54 -28.73 -42.94
C LEU B 655 7.72 -27.99 -43.55
N LEU B 656 7.55 -26.69 -43.78
CA LEU B 656 8.62 -25.84 -44.29
C LEU B 656 9.80 -25.73 -43.33
N ASN B 657 10.97 -26.19 -43.76
CA ASN B 657 12.20 -26.07 -42.97
C ASN B 657 13.31 -25.45 -43.80
N LEU B 658 14.50 -25.37 -43.21
CA LEU B 658 15.67 -24.87 -43.92
C LEU B 658 16.64 -26.01 -44.23
N SER B 659 16.38 -27.18 -43.64
CA SER B 659 17.09 -28.41 -43.98
C SER B 659 16.49 -29.58 -43.22
N SER B 662 16.33 -26.41 -40.08
CA SER B 662 17.59 -27.03 -40.43
C SER B 662 18.27 -27.65 -39.22
N ASP B 663 18.00 -27.10 -38.04
CA ASP B 663 18.58 -27.60 -36.80
C ASP B 663 18.31 -29.10 -36.67
N ALA B 664 19.38 -29.87 -36.45
CA ALA B 664 19.25 -31.31 -36.26
C ALA B 664 18.38 -31.61 -35.04
N LYS B 665 18.43 -30.73 -34.06
CA LYS B 665 17.69 -30.91 -32.82
C LYS B 665 16.20 -30.65 -33.02
N GLN B 666 15.83 -30.07 -34.17
CA GLN B 666 14.43 -29.77 -34.46
C GLN B 666 13.82 -30.74 -35.47
N LEU B 667 14.59 -31.12 -36.48
CA LEU B 667 14.05 -31.91 -37.59
C LEU B 667 13.65 -33.31 -37.13
N ASP B 668 14.41 -33.89 -36.20
CA ASP B 668 14.08 -35.21 -35.67
C ASP B 668 12.80 -35.18 -34.83
N LEU B 669 12.52 -34.03 -34.23
CA LEU B 669 11.29 -33.84 -33.46
C LEU B 669 10.10 -33.58 -34.38
N LYS B 670 10.34 -32.83 -35.45
CA LYS B 670 9.26 -32.48 -36.37
C LYS B 670 8.63 -33.78 -36.87
N ARG B 671 9.46 -34.76 -37.18
CA ARG B 671 8.91 -36.06 -37.56
C ARG B 671 8.08 -36.61 -36.42
N ARG B 672 8.69 -36.74 -35.24
CA ARG B 672 7.97 -37.20 -34.04
C ARG B 672 6.57 -36.59 -33.95
N ILE B 673 6.45 -35.31 -34.28
CA ILE B 673 5.16 -34.62 -34.23
C ILE B 673 4.29 -35.02 -35.42
N LEU B 674 4.75 -34.75 -36.64
CA LEU B 674 3.95 -35.01 -37.83
C LEU B 674 3.49 -36.46 -37.87
N ASP B 675 4.43 -37.37 -37.62
CA ASP B 675 4.14 -38.81 -37.50
C ASP B 675 2.84 -39.04 -36.74
N ASP B 676 2.65 -38.31 -35.64
CA ASP B 676 1.44 -38.45 -34.84
C ASP B 676 0.29 -37.70 -35.49
N ILE B 677 0.59 -36.50 -36.00
CA ILE B 677 -0.44 -35.70 -36.67
C ILE B 677 -1.07 -36.51 -37.80
N SER B 678 -0.29 -37.40 -38.41
CA SER B 678 -0.79 -38.26 -39.47
C SER B 678 -1.71 -39.34 -38.90
N LYS B 679 -1.55 -39.65 -37.62
CA LYS B 679 -2.31 -40.72 -36.98
C LYS B 679 -3.62 -40.15 -36.42
N VAL B 680 -3.55 -38.94 -35.87
CA VAL B 680 -4.74 -38.27 -35.35
C VAL B 680 -5.65 -37.95 -36.52
N ASN B 681 -5.04 -37.67 -37.67
CA ASN B 681 -5.77 -37.36 -38.89
C ASN B 681 -5.04 -37.91 -40.12
N PRO B 682 -5.53 -39.02 -40.68
CA PRO B 682 -4.89 -39.57 -41.87
C PRO B 682 -5.48 -38.99 -43.15
N THR B 683 -6.37 -38.02 -42.99
CA THR B 683 -7.01 -37.33 -44.11
C THR B 683 -5.97 -36.62 -44.97
N LEU B 684 -4.80 -36.35 -44.39
CA LEU B 684 -3.79 -35.53 -45.06
C LEU B 684 -2.78 -36.37 -45.83
N PHE B 685 -1.82 -36.97 -45.11
CA PHE B 685 -0.65 -37.56 -45.76
C PHE B 685 -0.93 -38.96 -46.33
N LYS B 686 -2.18 -39.25 -46.66
CA LYS B 686 -2.53 -40.59 -47.13
C LYS B 686 -2.10 -40.81 -48.57
N ASP B 687 -1.88 -39.71 -49.31
CA ASP B 687 -1.61 -39.82 -50.73
C ASP B 687 -0.15 -40.11 -51.02
N GLN B 688 0.74 -39.37 -50.36
CA GLN B 688 2.17 -39.50 -50.60
C GLN B 688 2.74 -40.82 -50.08
N ILE B 689 2.40 -41.16 -48.84
CA ILE B 689 2.95 -42.33 -48.18
C ILE B 689 2.56 -43.61 -48.91
N ARG B 690 1.36 -43.63 -49.49
CA ARG B 690 0.93 -44.79 -50.25
C ARG B 690 1.78 -44.96 -51.52
N THR B 691 1.99 -43.88 -52.25
CA THR B 691 2.88 -43.92 -53.41
C THR B 691 4.28 -44.33 -52.95
N LEU B 692 4.67 -43.84 -51.79
CA LEU B 692 5.96 -44.23 -51.21
C LEU B 692 5.93 -45.73 -50.89
N LYS B 693 4.76 -46.22 -50.46
CA LYS B 693 4.59 -47.64 -50.18
C LYS B 693 4.77 -48.43 -51.47
N THR B 694 4.15 -47.97 -52.55
CA THR B 694 4.30 -48.63 -53.84
C THR B 694 5.76 -48.67 -54.27
N ILE B 695 6.44 -47.52 -54.28
CA ILE B 695 7.84 -47.50 -54.69
C ILE B 695 8.70 -48.32 -53.72
N ILE B 696 8.29 -48.42 -52.46
CA ILE B 696 8.96 -49.32 -51.53
C ILE B 696 8.74 -50.76 -51.98
N LYS B 697 7.53 -51.08 -52.42
CA LYS B 697 7.21 -52.43 -52.86
C LYS B 697 8.00 -52.80 -54.12
N ASP B 698 7.85 -51.99 -55.17
CA ASP B 698 8.53 -52.25 -56.44
C ASP B 698 10.02 -52.52 -56.24
N LEU B 699 10.60 -51.93 -55.20
CA LEU B 699 12.00 -52.13 -54.88
C LEU B 699 12.29 -53.61 -54.66
N LEU C 11 -5.08 30.40 17.19
CA LEU C 11 -4.97 31.78 16.73
C LEU C 11 -4.91 31.85 15.21
N MET C 12 -5.01 33.06 14.68
CA MET C 12 -4.93 33.29 13.25
C MET C 12 -4.00 34.45 12.93
N LEU C 13 -3.24 34.32 11.87
CA LEU C 13 -2.31 35.37 11.53
C LEU C 13 -3.09 36.63 11.22
N GLU C 14 -2.40 37.76 11.24
CA GLU C 14 -3.04 39.04 10.97
C GLU C 14 -2.23 39.84 9.98
N ASP C 15 -2.90 40.40 8.99
CA ASP C 15 -2.24 41.17 7.95
C ASP C 15 -1.50 42.35 8.56
N ALA C 16 -0.20 42.41 8.29
CA ALA C 16 0.68 43.38 8.91
C ALA C 16 1.38 44.39 8.03
N VAL C 17 0.78 44.75 6.91
CA VAL C 17 1.31 45.80 6.04
C VAL C 17 0.16 46.60 5.47
N THR C 18 0.44 47.82 5.05
CA THR C 18 -0.60 48.68 4.48
C THR C 18 -0.76 48.40 2.99
N GLU C 19 -1.81 48.96 2.40
CA GLU C 19 -2.04 48.80 0.97
C GLU C 19 -0.98 49.55 0.18
N ARG C 20 -0.41 50.58 0.80
CA ARG C 20 0.62 51.39 0.19
C ARG C 20 1.90 50.58 0.02
N GLU C 21 2.45 50.16 1.16
CA GLU C 21 3.68 49.38 1.18
C GLU C 21 3.38 47.88 1.26
N VAL C 22 3.38 47.22 0.12
CA VAL C 22 3.16 45.78 0.05
C VAL C 22 4.07 45.24 -1.05
N LEU C 23 4.94 44.30 -0.68
CA LEU C 23 5.97 43.80 -1.60
C LEU C 23 6.94 44.94 -1.98
N VAL C 24 7.12 45.88 -1.06
CA VAL C 24 8.03 47.00 -1.30
C VAL C 24 9.48 46.55 -1.11
N THR C 25 10.41 47.29 -1.71
CA THR C 25 11.82 46.96 -1.61
C THR C 25 12.67 48.23 -1.65
N PRO C 26 13.48 48.48 -0.61
CA PRO C 26 14.25 49.72 -0.62
C PRO C 26 15.48 49.66 -1.52
N GLY C 27 15.93 50.83 -1.99
CA GLY C 27 17.10 50.90 -2.84
C GLY C 27 16.78 50.69 -4.31
N LEU D 11 4.19 -36.57 3.31
CA LEU D 11 4.08 -37.51 2.19
C LEU D 11 4.10 -36.77 0.86
N MET D 12 4.20 -37.52 -0.23
CA MET D 12 4.20 -36.95 -1.58
C MET D 12 3.23 -37.71 -2.48
N LEU D 13 2.55 -36.99 -3.37
CA LEU D 13 1.59 -37.61 -4.27
C LEU D 13 2.31 -38.54 -5.24
N GLU D 14 1.65 -39.65 -5.60
CA GLU D 14 2.28 -40.67 -6.43
C GLU D 14 1.61 -40.81 -7.80
N ASP D 15 2.43 -40.92 -8.85
CA ASP D 15 1.93 -41.15 -10.19
C ASP D 15 1.33 -42.55 -10.24
N ALA D 16 0.07 -42.66 -10.68
CA ALA D 16 -0.67 -43.91 -10.53
C ALA D 16 -1.43 -44.39 -11.78
N VAL D 17 -0.90 -44.13 -12.98
CA VAL D 17 -1.52 -44.68 -14.19
C VAL D 17 -0.49 -45.05 -15.25
N THR D 18 -0.87 -45.92 -16.18
CA THR D 18 0.01 -46.37 -17.26
C THR D 18 -0.04 -45.41 -18.45
N GLU D 19 0.85 -45.62 -19.41
CA GLU D 19 0.93 -44.78 -20.60
C GLU D 19 -0.27 -44.94 -21.53
N ARG D 20 -0.94 -46.09 -21.49
CA ARG D 20 -2.07 -46.34 -22.38
C ARG D 20 -3.27 -45.44 -22.08
N GLU D 21 -3.78 -45.50 -20.86
CA GLU D 21 -4.96 -44.72 -20.50
C GLU D 21 -4.57 -43.38 -19.89
N VAL D 22 -4.55 -42.34 -20.71
CA VAL D 22 -4.27 -40.99 -20.25
C VAL D 22 -5.12 -40.01 -21.05
N LEU D 23 -6.00 -39.30 -20.35
CA LEU D 23 -6.97 -38.42 -20.98
C LEU D 23 -7.88 -39.19 -21.93
N VAL D 24 -8.08 -40.47 -21.65
CA VAL D 24 -8.90 -41.34 -22.50
C VAL D 24 -10.38 -41.17 -22.21
N THR D 25 -11.21 -41.52 -23.19
CA THR D 25 -12.66 -41.46 -23.06
C THR D 25 -13.30 -42.55 -23.94
N PRO D 26 -14.06 -43.48 -23.34
CA PRO D 26 -14.60 -44.56 -24.18
C PRO D 26 -15.80 -44.12 -25.01
N GLY D 27 -16.04 -44.81 -26.13
CA GLY D 27 -17.16 -44.50 -27.00
C GLY D 27 -16.86 -43.41 -28.01
#